data_3HMH
# 
_entry.id   3HMH 
# 
_audit_conform.dict_name       mmcif_pdbx.dic 
_audit_conform.dict_version    5.380 
_audit_conform.dict_location   http://mmcif.pdb.org/dictionaries/ascii/mmcif_pdbx.dic 
# 
loop_
_database_2.database_id 
_database_2.database_code 
_database_2.pdbx_database_accession 
_database_2.pdbx_DOI 
PDB   3HMH         pdb_00003hmh 10.2210/pdb3hmh/pdb 
RCSB  RCSB053314   ?            ?                   
WWPDB D_1000053314 ?            ?                   
# 
loop_
_pdbx_database_related.db_name 
_pdbx_database_related.db_id 
_pdbx_database_related.details 
_pdbx_database_related.content_type 
PDB 3HME . unspecified 
PDB 3HMF . unspecified 
# 
_pdbx_database_status.entry_id                        3HMH 
_pdbx_database_status.deposit_site                    RCSB 
_pdbx_database_status.process_site                    PDBJ 
_pdbx_database_status.recvd_initial_deposition_date   2009-05-29 
_pdbx_database_status.status_code                     REL 
_pdbx_database_status.status_code_sf                  REL 
_pdbx_database_status.status_code_mr                  ? 
_pdbx_database_status.SG_entry                        Y 
_pdbx_database_status.status_code_cs                  ? 
_pdbx_database_status.pdb_format_compatible           Y 
_pdbx_database_status.status_code_nmr_data            ? 
_pdbx_database_status.methods_development_category    ? 
# 
loop_
_audit_author.name 
_audit_author.pdbx_ordinal 
'Filippakopoulos, P.'                  1  
'Picaud, S.'                           2  
'Keates, T.'                           3  
'Zhang, Y.'                            4  
'Pike, A.C.W.'                         5  
'von Delft, F.'                        6  
'Arrowsmith, C.H.'                     7  
'Edwards, A.'                          8  
'Weigelt, J.'                          9  
'Bountra, C.'                          10 
'Knapp, S.'                            11 
'Structural Genomics Consortium (SGC)' 12 
# 
_citation.id                        primary 
_citation.title                     'Histone recognition and large-scale structural analysis of the human bromodomain family.' 
_citation.journal_abbrev            'Cell(Cambridge,Mass.)' 
_citation.journal_volume            149 
_citation.page_first                214 
_citation.page_last                 231 
_citation.year                      2012 
_citation.journal_id_ASTM           CELLB5 
_citation.country                   US 
_citation.journal_id_ISSN           0092-8674 
_citation.journal_id_CSD            0998 
_citation.book_publisher            ? 
_citation.pdbx_database_id_PubMed   22464331 
_citation.pdbx_database_id_DOI      10.1016/j.cell.2012.02.013 
# 
loop_
_citation_author.citation_id 
_citation_author.name 
_citation_author.ordinal 
_citation_author.identifier_ORCID 
primary 'Filippakopoulos, P.' 1  ? 
primary 'Picaud, S.'          2  ? 
primary 'Mangos, M.'          3  ? 
primary 'Keates, T.'          4  ? 
primary 'Lambert, J.P.'       5  ? 
primary 'Barsyte-Lovejoy, D.' 6  ? 
primary 'Felletar, I.'        7  ? 
primary 'Volkmer, R.'         8  ? 
primary 'Muller, S.'          9  ? 
primary 'Pawson, T.'          10 ? 
primary 'Gingras, A.C.'       11 ? 
primary 'Arrowsmith, C.H.'    12 ? 
primary 'Knapp, S.'           13 ? 
# 
_cell.length_a           55.139 
_cell.length_b           55.139 
_cell.length_c           84.441 
_cell.angle_alpha        90.000 
_cell.angle_beta         90.000 
_cell.angle_gamma        120.000 
_cell.entry_id           3HMH 
_cell.pdbx_unique_axis   ? 
_cell.Z_PDB              6 
_cell.length_a_esd       ? 
_cell.length_b_esd       ? 
_cell.length_c_esd       ? 
_cell.angle_alpha_esd    ? 
_cell.angle_beta_esd     ? 
_cell.angle_gamma_esd    ? 
# 
_symmetry.space_group_name_H-M             'P 32 2 1' 
_symmetry.entry_id                         3HMH 
_symmetry.Int_Tables_number                154 
_symmetry.pdbx_full_space_group_name_H-M   ? 
_symmetry.cell_setting                     ? 
_symmetry.space_group_name_Hall            ? 
# 
loop_
_entity.id 
_entity.type 
_entity.src_method 
_entity.pdbx_description 
_entity.formula_weight 
_entity.pdbx_number_of_molecules 
_entity.pdbx_ec 
_entity.pdbx_mutation 
_entity.pdbx_fragment 
_entity.details 
1 polymer man 'Transcription initiation factor TFIID 210 kDa subunit' 18023.252 1  ? ? 'Bromodomain, UNP residues 1523-1651' ? 
2 water   nat water                                                   18.015    68 ? ? ?                                     ? 
# 
_entity_name_com.entity_id   1 
_entity_name_com.name        'TAF1L, TBP-associated factor 210 kDa, TAF(II)210, TBP-associated factor 1-like' 
# 
_entity_poly.entity_id                      1 
_entity_poly.type                           'polypeptide(L)' 
_entity_poly.nstd_linkage                   no 
_entity_poly.nstd_monomer                   no 
_entity_poly.pdbx_seq_one_letter_code       
;MHHHHHHSSGVDLGTENLYFQSMQVAFSFILDNIVTQKMMAVPDSWPFHHPVNKKFVPDYYKMIVNPVDLETIRKNISKH
KYQSRESFLDDVNLILANSVKYNGPESQYTKTAQEIVNICYQTITEYDEHLTQLEKDICTAKEAALEEAELESLD
;
_entity_poly.pdbx_seq_one_letter_code_can   
;MHHHHHHSSGVDLGTENLYFQSMQVAFSFILDNIVTQKMMAVPDSWPFHHPVNKKFVPDYYKMIVNPVDLETIRKNISKH
KYQSRESFLDDVNLILANSVKYNGPESQYTKTAQEIVNICYQTITEYDEHLTQLEKDICTAKEAALEEAELESLD
;
_entity_poly.pdbx_strand_id                 A 
_entity_poly.pdbx_target_identifier         ? 
# 
loop_
_entity_poly_seq.entity_id 
_entity_poly_seq.num 
_entity_poly_seq.mon_id 
_entity_poly_seq.hetero 
1 1   MET n 
1 2   HIS n 
1 3   HIS n 
1 4   HIS n 
1 5   HIS n 
1 6   HIS n 
1 7   HIS n 
1 8   SER n 
1 9   SER n 
1 10  GLY n 
1 11  VAL n 
1 12  ASP n 
1 13  LEU n 
1 14  GLY n 
1 15  THR n 
1 16  GLU n 
1 17  ASN n 
1 18  LEU n 
1 19  TYR n 
1 20  PHE n 
1 21  GLN n 
1 22  SER n 
1 23  MET n 
1 24  GLN n 
1 25  VAL n 
1 26  ALA n 
1 27  PHE n 
1 28  SER n 
1 29  PHE n 
1 30  ILE n 
1 31  LEU n 
1 32  ASP n 
1 33  ASN n 
1 34  ILE n 
1 35  VAL n 
1 36  THR n 
1 37  GLN n 
1 38  LYS n 
1 39  MET n 
1 40  MET n 
1 41  ALA n 
1 42  VAL n 
1 43  PRO n 
1 44  ASP n 
1 45  SER n 
1 46  TRP n 
1 47  PRO n 
1 48  PHE n 
1 49  HIS n 
1 50  HIS n 
1 51  PRO n 
1 52  VAL n 
1 53  ASN n 
1 54  LYS n 
1 55  LYS n 
1 56  PHE n 
1 57  VAL n 
1 58  PRO n 
1 59  ASP n 
1 60  TYR n 
1 61  TYR n 
1 62  LYS n 
1 63  MET n 
1 64  ILE n 
1 65  VAL n 
1 66  ASN n 
1 67  PRO n 
1 68  VAL n 
1 69  ASP n 
1 70  LEU n 
1 71  GLU n 
1 72  THR n 
1 73  ILE n 
1 74  ARG n 
1 75  LYS n 
1 76  ASN n 
1 77  ILE n 
1 78  SER n 
1 79  LYS n 
1 80  HIS n 
1 81  LYS n 
1 82  TYR n 
1 83  GLN n 
1 84  SER n 
1 85  ARG n 
1 86  GLU n 
1 87  SER n 
1 88  PHE n 
1 89  LEU n 
1 90  ASP n 
1 91  ASP n 
1 92  VAL n 
1 93  ASN n 
1 94  LEU n 
1 95  ILE n 
1 96  LEU n 
1 97  ALA n 
1 98  ASN n 
1 99  SER n 
1 100 VAL n 
1 101 LYS n 
1 102 TYR n 
1 103 ASN n 
1 104 GLY n 
1 105 PRO n 
1 106 GLU n 
1 107 SER n 
1 108 GLN n 
1 109 TYR n 
1 110 THR n 
1 111 LYS n 
1 112 THR n 
1 113 ALA n 
1 114 GLN n 
1 115 GLU n 
1 116 ILE n 
1 117 VAL n 
1 118 ASN n 
1 119 ILE n 
1 120 CYS n 
1 121 TYR n 
1 122 GLN n 
1 123 THR n 
1 124 ILE n 
1 125 THR n 
1 126 GLU n 
1 127 TYR n 
1 128 ASP n 
1 129 GLU n 
1 130 HIS n 
1 131 LEU n 
1 132 THR n 
1 133 GLN n 
1 134 LEU n 
1 135 GLU n 
1 136 LYS n 
1 137 ASP n 
1 138 ILE n 
1 139 CYS n 
1 140 THR n 
1 141 ALA n 
1 142 LYS n 
1 143 GLU n 
1 144 ALA n 
1 145 ALA n 
1 146 LEU n 
1 147 GLU n 
1 148 GLU n 
1 149 ALA n 
1 150 GLU n 
1 151 LEU n 
1 152 GLU n 
1 153 SER n 
1 154 LEU n 
1 155 ASP n 
# 
_entity_src_gen.entity_id                          1 
_entity_src_gen.pdbx_src_id                        1 
_entity_src_gen.pdbx_alt_source_flag               sample 
_entity_src_gen.pdbx_seq_type                      ? 
_entity_src_gen.pdbx_beg_seq_num                   ? 
_entity_src_gen.pdbx_end_seq_num                   ? 
_entity_src_gen.gene_src_common_name               human 
_entity_src_gen.gene_src_genus                     ? 
_entity_src_gen.pdbx_gene_src_gene                 TAF1L 
_entity_src_gen.gene_src_species                   ? 
_entity_src_gen.gene_src_strain                    ? 
_entity_src_gen.gene_src_tissue                    ? 
_entity_src_gen.gene_src_tissue_fraction           ? 
_entity_src_gen.gene_src_details                   ? 
_entity_src_gen.pdbx_gene_src_fragment             ? 
_entity_src_gen.pdbx_gene_src_scientific_name      'Homo sapiens' 
_entity_src_gen.pdbx_gene_src_ncbi_taxonomy_id     9606 
_entity_src_gen.pdbx_gene_src_variant              ? 
_entity_src_gen.pdbx_gene_src_cell_line            ? 
_entity_src_gen.pdbx_gene_src_atcc                 ? 
_entity_src_gen.pdbx_gene_src_organ                ? 
_entity_src_gen.pdbx_gene_src_organelle            ? 
_entity_src_gen.pdbx_gene_src_cell                 ? 
_entity_src_gen.pdbx_gene_src_cellular_location    ? 
_entity_src_gen.host_org_common_name               ? 
_entity_src_gen.pdbx_host_org_scientific_name      'Escherichia coli' 
_entity_src_gen.pdbx_host_org_ncbi_taxonomy_id     562 
_entity_src_gen.host_org_genus                     ? 
_entity_src_gen.pdbx_host_org_gene                 ? 
_entity_src_gen.pdbx_host_org_organ                ? 
_entity_src_gen.host_org_species                   ? 
_entity_src_gen.pdbx_host_org_tissue               ? 
_entity_src_gen.pdbx_host_org_tissue_fraction      ? 
_entity_src_gen.pdbx_host_org_strain               'BL21(DE3)-R3' 
_entity_src_gen.pdbx_host_org_variant              ? 
_entity_src_gen.pdbx_host_org_cell_line            ? 
_entity_src_gen.pdbx_host_org_atcc                 ? 
_entity_src_gen.pdbx_host_org_culture_collection   ? 
_entity_src_gen.pdbx_host_org_cell                 ? 
_entity_src_gen.pdbx_host_org_organelle            ? 
_entity_src_gen.pdbx_host_org_cellular_location    ? 
_entity_src_gen.pdbx_host_org_vector_type          Plasmid 
_entity_src_gen.pdbx_host_org_vector               ? 
_entity_src_gen.host_org_details                   ? 
_entity_src_gen.expression_system_id               ? 
_entity_src_gen.plasmid_name                       pNIC28-Bsa4 
_entity_src_gen.plasmid_details                    ? 
_entity_src_gen.pdbx_description                   ? 
# 
_struct_ref.id                         1 
_struct_ref.db_name                    UNP 
_struct_ref.db_code                    TAF1L_HUMAN 
_struct_ref.pdbx_db_accession          Q8IZX4 
_struct_ref.entity_id                  1 
_struct_ref.pdbx_seq_one_letter_code   
;QVAFSFILDNIVTQKMMAVPDSWPFHHPVNKKFVPDYYKMIVNPVDLETIRKNISKHKYQSRESFLDDVNLILANSVKYN
GPESQYTKTAQEIVNICYQTITEYDEHLTQLEKDICTAKEAALEEAELESLD
;
_struct_ref.pdbx_align_begin           1523 
_struct_ref.pdbx_db_isoform            ? 
# 
_struct_ref_seq.align_id                      1 
_struct_ref_seq.ref_id                        1 
_struct_ref_seq.pdbx_PDB_id_code              3HMH 
_struct_ref_seq.pdbx_strand_id                A 
_struct_ref_seq.seq_align_beg                 24 
_struct_ref_seq.pdbx_seq_align_beg_ins_code   ? 
_struct_ref_seq.seq_align_end                 155 
_struct_ref_seq.pdbx_seq_align_end_ins_code   ? 
_struct_ref_seq.pdbx_db_accession             Q8IZX4 
_struct_ref_seq.db_align_beg                  1523 
_struct_ref_seq.pdbx_db_align_beg_ins_code    ? 
_struct_ref_seq.db_align_end                  1654 
_struct_ref_seq.pdbx_db_align_end_ins_code    ? 
_struct_ref_seq.pdbx_auth_seq_align_beg       1523 
_struct_ref_seq.pdbx_auth_seq_align_end       1654 
# 
loop_
_struct_ref_seq_dif.align_id 
_struct_ref_seq_dif.pdbx_pdb_id_code 
_struct_ref_seq_dif.mon_id 
_struct_ref_seq_dif.pdbx_pdb_strand_id 
_struct_ref_seq_dif.seq_num 
_struct_ref_seq_dif.pdbx_pdb_ins_code 
_struct_ref_seq_dif.pdbx_seq_db_name 
_struct_ref_seq_dif.pdbx_seq_db_accession_code 
_struct_ref_seq_dif.db_mon_id 
_struct_ref_seq_dif.pdbx_seq_db_seq_num 
_struct_ref_seq_dif.details 
_struct_ref_seq_dif.pdbx_auth_seq_num 
_struct_ref_seq_dif.pdbx_ordinal 
1 3HMH MET A 1  ? UNP Q8IZX4 ? ? 'expression tag' 1500 1  
1 3HMH HIS A 2  ? UNP Q8IZX4 ? ? 'expression tag' 1501 2  
1 3HMH HIS A 3  ? UNP Q8IZX4 ? ? 'expression tag' 1502 3  
1 3HMH HIS A 4  ? UNP Q8IZX4 ? ? 'expression tag' 1503 4  
1 3HMH HIS A 5  ? UNP Q8IZX4 ? ? 'expression tag' 1504 5  
1 3HMH HIS A 6  ? UNP Q8IZX4 ? ? 'expression tag' 1505 6  
1 3HMH HIS A 7  ? UNP Q8IZX4 ? ? 'expression tag' 1506 7  
1 3HMH SER A 8  ? UNP Q8IZX4 ? ? 'expression tag' 1507 8  
1 3HMH SER A 9  ? UNP Q8IZX4 ? ? 'expression tag' 1508 9  
1 3HMH GLY A 10 ? UNP Q8IZX4 ? ? 'expression tag' 1509 10 
1 3HMH VAL A 11 ? UNP Q8IZX4 ? ? 'expression tag' 1510 11 
1 3HMH ASP A 12 ? UNP Q8IZX4 ? ? 'expression tag' 1511 12 
1 3HMH LEU A 13 ? UNP Q8IZX4 ? ? 'expression tag' 1512 13 
1 3HMH GLY A 14 ? UNP Q8IZX4 ? ? 'expression tag' 1513 14 
1 3HMH THR A 15 ? UNP Q8IZX4 ? ? 'expression tag' 1514 15 
1 3HMH GLU A 16 ? UNP Q8IZX4 ? ? 'expression tag' 1515 16 
1 3HMH ASN A 17 ? UNP Q8IZX4 ? ? 'expression tag' 1516 17 
1 3HMH LEU A 18 ? UNP Q8IZX4 ? ? 'expression tag' 1517 18 
1 3HMH TYR A 19 ? UNP Q8IZX4 ? ? 'expression tag' 1518 19 
1 3HMH PHE A 20 ? UNP Q8IZX4 ? ? 'expression tag' 1519 20 
1 3HMH GLN A 21 ? UNP Q8IZX4 ? ? 'expression tag' 1520 21 
1 3HMH SER A 22 ? UNP Q8IZX4 ? ? 'expression tag' 1521 22 
1 3HMH MET A 23 ? UNP Q8IZX4 ? ? 'expression tag' 1522 23 
# 
loop_
_chem_comp.id 
_chem_comp.type 
_chem_comp.mon_nstd_flag 
_chem_comp.name 
_chem_comp.pdbx_synonyms 
_chem_comp.formula 
_chem_comp.formula_weight 
ALA 'L-peptide linking' y ALANINE         ? 'C3 H7 N O2'     89.093  
ARG 'L-peptide linking' y ARGININE        ? 'C6 H15 N4 O2 1' 175.209 
ASN 'L-peptide linking' y ASPARAGINE      ? 'C4 H8 N2 O3'    132.118 
ASP 'L-peptide linking' y 'ASPARTIC ACID' ? 'C4 H7 N O4'     133.103 
CYS 'L-peptide linking' y CYSTEINE        ? 'C3 H7 N O2 S'   121.158 
GLN 'L-peptide linking' y GLUTAMINE       ? 'C5 H10 N2 O3'   146.144 
GLU 'L-peptide linking' y 'GLUTAMIC ACID' ? 'C5 H9 N O4'     147.129 
GLY 'peptide linking'   y GLYCINE         ? 'C2 H5 N O2'     75.067  
HIS 'L-peptide linking' y HISTIDINE       ? 'C6 H10 N3 O2 1' 156.162 
HOH non-polymer         . WATER           ? 'H2 O'           18.015  
ILE 'L-peptide linking' y ISOLEUCINE      ? 'C6 H13 N O2'    131.173 
LEU 'L-peptide linking' y LEUCINE         ? 'C6 H13 N O2'    131.173 
LYS 'L-peptide linking' y LYSINE          ? 'C6 H15 N2 O2 1' 147.195 
MET 'L-peptide linking' y METHIONINE      ? 'C5 H11 N O2 S'  149.211 
PHE 'L-peptide linking' y PHENYLALANINE   ? 'C9 H11 N O2'    165.189 
PRO 'L-peptide linking' y PROLINE         ? 'C5 H9 N O2'     115.130 
SER 'L-peptide linking' y SERINE          ? 'C3 H7 N O3'     105.093 
THR 'L-peptide linking' y THREONINE       ? 'C4 H9 N O3'     119.119 
TRP 'L-peptide linking' y TRYPTOPHAN      ? 'C11 H12 N2 O2'  204.225 
TYR 'L-peptide linking' y TYROSINE        ? 'C9 H11 N O3'    181.189 
VAL 'L-peptide linking' y VALINE          ? 'C5 H11 N O2'    117.146 
# 
_exptl.crystals_number   1 
_exptl.entry_id          3HMH 
_exptl.method            'X-RAY DIFFRACTION' 
# 
_exptl_crystal.id                    1 
_exptl_crystal.pdbx_mosaicity        0.780 
_exptl_crystal.pdbx_mosaicity_esd    ? 
_exptl_crystal.density_Matthews      2.06 
_exptl_crystal.density_diffrn        ? 
_exptl_crystal.density_meas          ? 
_exptl_crystal.density_meas_temp     ? 
_exptl_crystal.density_percent_sol   40.17 
_exptl_crystal.size_max              ? 
_exptl_crystal.size_mid              ? 
_exptl_crystal.size_min              ? 
_exptl_crystal.size_rad              ? 
_exptl_crystal.description           ? 
_exptl_crystal.F_000                 ? 
_exptl_crystal.preparation           ? 
# 
_exptl_crystal_grow.crystal_id      1 
_exptl_crystal_grow.method          'VAPOR DIFFUSION, SITTING DROP' 
_exptl_crystal_grow.pH              7.5 
_exptl_crystal_grow.temp            277 
_exptl_crystal_grow.temp_details    ? 
_exptl_crystal_grow.pdbx_details    
'15w/v PEG_3350, 0.17M ammonium_sulfate, 15w/v glycerol, pH 7.5, VAPOR DIFFUSION, SITTING DROP, temperature 277K' 
_exptl_crystal_grow.pdbx_pH_range   . 
# 
_diffrn.id                     1 
_diffrn.ambient_temp           100 
_diffrn.ambient_temp_details   ? 
_diffrn.crystal_id             1 
# 
_diffrn_detector.diffrn_id              1 
_diffrn_detector.detector               'IMAGE PLATE' 
_diffrn_detector.type                   'RIGAKU RAXIS IV' 
_diffrn_detector.pdbx_collection_date   2009-03-21 
_diffrn_detector.details                ? 
# 
_diffrn_radiation.diffrn_id                        1 
_diffrn_radiation.wavelength_id                    1 
_diffrn_radiation.pdbx_diffrn_protocol             'SINGLE WAVELENGTH' 
_diffrn_radiation.monochromator                    ? 
_diffrn_radiation.pdbx_monochromatic_or_laue_m_l   M 
_diffrn_radiation.pdbx_scattering_type             x-ray 
# 
_diffrn_radiation_wavelength.id           1 
_diffrn_radiation_wavelength.wavelength   1.5 
_diffrn_radiation_wavelength.wt           1.0 
# 
_diffrn_source.diffrn_id                   1 
_diffrn_source.source                      'ROTATING ANODE' 
_diffrn_source.type                        'RIGAKU FR-E SUPERBRIGHT' 
_diffrn_source.pdbx_wavelength             ? 
_diffrn_source.pdbx_wavelength_list        1.5 
_diffrn_source.pdbx_synchrotron_site       ? 
_diffrn_source.pdbx_synchrotron_beamline   ? 
# 
_reflns.entry_id                     3HMH 
_reflns.d_resolution_high            2.050 
_reflns.d_resolution_low             28.150 
_reflns.number_all                   9764 
_reflns.number_obs                   9764 
_reflns.pdbx_Rsym_value              0.075 
_reflns.pdbx_redundancy              6.800 
_reflns.percent_possible_obs         100.000 
_reflns.observed_criterion_sigma_F   ? 
_reflns.observed_criterion_sigma_I   ? 
_reflns.pdbx_Rmerge_I_obs            0.075 
_reflns.pdbx_netI_over_sigmaI        15.6 
_reflns.B_iso_Wilson_estimate        33.0 
_reflns.R_free_details               ? 
_reflns.limit_h_max                  ? 
_reflns.limit_h_min                  ? 
_reflns.limit_k_max                  ? 
_reflns.limit_k_min                  ? 
_reflns.limit_l_max                  ? 
_reflns.limit_l_min                  ? 
_reflns.observed_criterion_F_max     ? 
_reflns.observed_criterion_F_min     ? 
_reflns.pdbx_chi_squared             ? 
_reflns.pdbx_scaling_rejects         ? 
_reflns.pdbx_ordinal                 1 
_reflns.pdbx_diffrn_id               1 
# 
_reflns_shell.d_res_high             2.05 
_reflns_shell.d_res_low              2.16 
_reflns_shell.percent_possible_obs   ? 
_reflns_shell.percent_possible_all   100 
_reflns_shell.Rmerge_I_obs           0.687 
_reflns_shell.meanI_over_sigI_obs    2.7 
_reflns_shell.pdbx_Rsym_value        0.687 
_reflns_shell.pdbx_redundancy        6.8 
_reflns_shell.number_unique_all      1392 
_reflns_shell.number_measured_all    ? 
_reflns_shell.number_measured_obs    ? 
_reflns_shell.number_unique_obs      ? 
_reflns_shell.pdbx_chi_squared       ? 
_reflns_shell.pdbx_ordinal           1 
_reflns_shell.pdbx_diffrn_id         1 
# 
_refine.entry_id                                 3HMH 
_refine.ls_d_res_high                            2.050 
_refine.ls_d_res_low                             28.150 
_refine.pdbx_ls_sigma_F                          0.00 
_refine.pdbx_data_cutoff_high_absF               ? 
_refine.pdbx_data_cutoff_low_absF                ? 
_refine.ls_percent_reflns_obs                    99.970 
_refine.ls_number_reflns_obs                     9738 
_refine.ls_number_reflns_all                     9741 
_refine.pdbx_ls_cross_valid_method               THROUGHOUT 
_refine.pdbx_R_Free_selection_details            RANDOM 
_refine.details                                  'HYDROGENS HAVE BEEN ADDED IN THE RIDING POSITIONS U VALUES: RESIDUAL ONLY' 
_refine.ls_R_factor_all                          0.185 
_refine.ls_R_factor_obs                          0.185 
_refine.ls_R_factor_R_work                       0.181 
_refine.ls_wR_factor_R_work                      0.169 
_refine.ls_R_factor_R_free                       0.252 
_refine.ls_wR_factor_R_free                      0.236 
_refine.ls_percent_reflns_R_free                 5.100 
_refine.ls_number_reflns_R_free                  496 
_refine.ls_R_factor_R_free_error                 ? 
_refine.B_iso_mean                               18.147 
_refine.solvent_model_param_bsol                 ? 
_refine.solvent_model_param_ksol                 ? 
_refine.pdbx_isotropic_thermal_model             ? 
_refine.aniso_B[1][1]                            0.800 
_refine.aniso_B[2][2]                            0.800 
_refine.aniso_B[3][3]                            -1.190 
_refine.aniso_B[1][2]                            0.400 
_refine.aniso_B[1][3]                            0.000 
_refine.aniso_B[2][3]                            0.000 
_refine.correlation_coeff_Fo_to_Fc               0.961 
_refine.correlation_coeff_Fo_to_Fc_free          0.926 
_refine.overall_SU_R_Cruickshank_DPI             0.199 
_refine.overall_SU_R_free                        0.191 
_refine.pdbx_overall_ESU_R                       0.199 
_refine.pdbx_overall_ESU_R_Free                  0.191 
_refine.overall_SU_ML                            0.135 
_refine.overall_SU_B                             11.214 
_refine.solvent_model_details                    MASK 
_refine.pdbx_solvent_vdw_probe_radii             1.400 
_refine.pdbx_solvent_ion_probe_radii             0.800 
_refine.pdbx_solvent_shrinkage_radii             0.800 
_refine.ls_number_parameters                     ? 
_refine.ls_number_restraints                     ? 
_refine.pdbx_starting_model                      '2NXB, 2OO1, 2OSS, 2OUO, 2RFJ, 3DAI, 3D7C, 3DWY' 
_refine.pdbx_method_to_determine_struct          'MOLECULAR REPLACEMENT' 
_refine.pdbx_stereochemistry_target_values       'MAXIMUM LIKELIHOOD' 
_refine.pdbx_stereochem_target_val_spec_case     ? 
_refine.overall_FOM_work_R_set                   0.838 
_refine.B_iso_max                                61.38 
_refine.B_iso_min                                2.00 
_refine.occupancy_max                            1.00 
_refine.occupancy_min                            0.20 
_refine.pdbx_ls_sigma_I                          ? 
_refine.ls_redundancy_reflns_obs                 ? 
_refine.ls_R_factor_R_free_error_details         ? 
_refine.pdbx_data_cutoff_high_rms_absF           ? 
_refine.overall_FOM_free_R_set                   ? 
_refine.pdbx_refine_id                           'X-RAY DIFFRACTION' 
_refine.pdbx_overall_phase_error                 ? 
_refine.pdbx_TLS_residual_ADP_flag               'LIKELY RESIDUAL' 
_refine.pdbx_diffrn_id                           1 
_refine.pdbx_overall_SU_R_free_Cruickshank_DPI   ? 
_refine.pdbx_overall_SU_R_Blow_DPI               ? 
_refine.pdbx_overall_SU_R_free_Blow_DPI          ? 
# 
_refine_hist.pdbx_refine_id                   'X-RAY DIFFRACTION' 
_refine_hist.cycle_id                         LAST 
_refine_hist.pdbx_number_atoms_protein        1132 
_refine_hist.pdbx_number_atoms_nucleic_acid   0 
_refine_hist.pdbx_number_atoms_ligand         0 
_refine_hist.number_atoms_solvent             68 
_refine_hist.number_atoms_total               1200 
_refine_hist.d_res_high                       2.050 
_refine_hist.d_res_low                        28.150 
# 
loop_
_refine_ls_restr.type 
_refine_ls_restr.number 
_refine_ls_restr.dev_ideal 
_refine_ls_restr.dev_ideal_target 
_refine_ls_restr.weight 
_refine_ls_restr.pdbx_refine_id 
_refine_ls_restr.pdbx_restraint_function 
r_bond_refined_d       1167 0.016  0.022  ? 'X-RAY DIFFRACTION' ? 
r_bond_other_d         764  0.001  0.020  ? 'X-RAY DIFFRACTION' ? 
r_angle_refined_deg    1585 1.385  1.949  ? 'X-RAY DIFFRACTION' ? 
r_angle_other_deg      1888 0.948  3.000  ? 'X-RAY DIFFRACTION' ? 
r_dihedral_angle_1_deg 138  4.832  5.000  ? 'X-RAY DIFFRACTION' ? 
r_dihedral_angle_2_deg 60   43.201 26.167 ? 'X-RAY DIFFRACTION' ? 
r_dihedral_angle_3_deg 209  14.478 15.000 ? 'X-RAY DIFFRACTION' ? 
r_dihedral_angle_4_deg 2    17.848 15.000 ? 'X-RAY DIFFRACTION' ? 
r_chiral_restr         179  0.091  0.200  ? 'X-RAY DIFFRACTION' ? 
r_gen_planes_refined   1278 0.006  0.021  ? 'X-RAY DIFFRACTION' ? 
r_gen_planes_other     215  0.001  0.020  ? 'X-RAY DIFFRACTION' ? 
r_mcbond_it            701  3.766  3.000  ? 'X-RAY DIFFRACTION' ? 
r_mcbond_other         273  1.267  3.000  ? 'X-RAY DIFFRACTION' ? 
r_mcangle_it           1151 5.225  5.000  ? 'X-RAY DIFFRACTION' ? 
r_scbond_it            466  9.136  8.000  ? 'X-RAY DIFFRACTION' ? 
r_scangle_it           434  11.335 11.000 ? 'X-RAY DIFFRACTION' ? 
# 
_refine_ls_shell.d_res_high                       2.050 
_refine_ls_shell.d_res_low                        2.103 
_refine_ls_shell.pdbx_total_number_of_bins_used   20 
_refine_ls_shell.percent_reflns_obs               100.000 
_refine_ls_shell.number_reflns_R_work             661 
_refine_ls_shell.R_factor_all                     ? 
_refine_ls_shell.R_factor_R_work                  0.281 
_refine_ls_shell.R_factor_R_free                  0.371 
_refine_ls_shell.percent_reflns_R_free            ? 
_refine_ls_shell.number_reflns_R_free             42 
_refine_ls_shell.R_factor_R_free_error            ? 
_refine_ls_shell.number_reflns_all                703 
_refine_ls_shell.number_reflns_obs                ? 
_refine_ls_shell.redundancy_reflns_obs            ? 
_refine_ls_shell.pdbx_refine_id                   'X-RAY DIFFRACTION' 
# 
_struct.entry_id                  3HMH 
_struct.title                     
'Crystal structure of the second bromodomain of human TBP-associated factor RNA polymerase 1-like (TAF1L)' 
_struct.pdbx_model_details        ? 
_struct.pdbx_CASP_flag            ? 
_struct.pdbx_model_type_details   ? 
# 
_struct_keywords.entry_id        3HMH 
_struct_keywords.pdbx_keywords   TRANSCRIPTION 
_struct_keywords.text            
;MGC134910, TAF2A2, Structural Genomics Consortium, SGC, Bromodomain, Cell cycle, Disulfide bond, DNA-binding, Nucleus, Transcription, Transcription regulation
;
# 
loop_
_struct_asym.id 
_struct_asym.pdbx_blank_PDB_chainid_flag 
_struct_asym.pdbx_modified 
_struct_asym.entity_id 
_struct_asym.details 
A N N 1 ? 
B N N 2 ? 
# 
_struct_biol.id        1 
_struct_biol.details   ? 
# 
loop_
_struct_conf.conf_type_id 
_struct_conf.id 
_struct_conf.pdbx_PDB_helix_id 
_struct_conf.beg_label_comp_id 
_struct_conf.beg_label_asym_id 
_struct_conf.beg_label_seq_id 
_struct_conf.pdbx_beg_PDB_ins_code 
_struct_conf.end_label_comp_id 
_struct_conf.end_label_asym_id 
_struct_conf.end_label_seq_id 
_struct_conf.pdbx_end_PDB_ins_code 
_struct_conf.beg_auth_comp_id 
_struct_conf.beg_auth_asym_id 
_struct_conf.beg_auth_seq_id 
_struct_conf.end_auth_comp_id 
_struct_conf.end_auth_asym_id 
_struct_conf.end_auth_seq_id 
_struct_conf.pdbx_PDB_helix_class 
_struct_conf.details 
_struct_conf.pdbx_PDB_helix_length 
HELX_P HELX_P1 1 GLY A 14  ? LYS A 38  ? GLY A 1513 LYS A 1537 1 ? 25 
HELX_P HELX_P2 2 SER A 45  ? HIS A 49  ? SER A 1544 HIS A 1548 5 ? 5  
HELX_P HELX_P3 3 VAL A 57  ? ILE A 64  ? VAL A 1556 ILE A 1563 1 ? 8  
HELX_P HELX_P4 4 ASP A 69  ? LYS A 79  ? ASP A 1568 LYS A 1578 1 ? 11 
HELX_P HELX_P5 5 SER A 84  ? GLY A 104 ? SER A 1583 GLY A 1603 1 ? 21 
HELX_P HELX_P6 6 SER A 107 ? TYR A 127 ? SER A 1606 TYR A 1626 1 ? 21 
HELX_P HELX_P7 7 TYR A 127 ? LEU A 151 ? TYR A 1626 LEU A 1650 1 ? 25 
# 
_struct_conf_type.id          HELX_P 
_struct_conf_type.criteria    ? 
_struct_conf_type.reference   ? 
# 
_atom_sites.entry_id                    3HMH 
_atom_sites.fract_transf_matrix[1][1]   0.01642566 
_atom_sites.fract_transf_matrix[1][2]   0.01182366 
_atom_sites.fract_transf_matrix[1][3]   0.00538101 
_atom_sites.fract_transf_matrix[2][1]   0.00798821 
_atom_sites.fract_transf_matrix[2][2]   0.01368061 
_atom_sites.fract_transf_matrix[2][3]   -0.01369506 
_atom_sites.fract_transf_matrix[3][1]   -0.00734497 
_atom_sites.fract_transf_matrix[3][2]   0.00835511 
_atom_sites.fract_transf_matrix[3][3]   0.00406204 
_atom_sites.fract_transf_vector[1]      0.876141 
_atom_sites.fract_transf_vector[2]      0.244591 
_atom_sites.fract_transf_vector[3]      0.151214 
# 
loop_
_atom_type.symbol 
C 
N 
O 
S 
# 
loop_
_atom_site.group_PDB 
_atom_site.id 
_atom_site.type_symbol 
_atom_site.label_atom_id 
_atom_site.label_alt_id 
_atom_site.label_comp_id 
_atom_site.label_asym_id 
_atom_site.label_entity_id 
_atom_site.label_seq_id 
_atom_site.pdbx_PDB_ins_code 
_atom_site.Cartn_x 
_atom_site.Cartn_y 
_atom_site.Cartn_z 
_atom_site.occupancy 
_atom_site.B_iso_or_equiv 
_atom_site.pdbx_formal_charge 
_atom_site.auth_seq_id 
_atom_site.auth_comp_id 
_atom_site.auth_asym_id 
_atom_site.auth_atom_id 
_atom_site.pdbx_PDB_model_num 
ATOM   1    N N   . GLY A 1 14  ? -21.712 11.876  12.192  1.00 15.83 ? 1513 GLY A N   1 
ATOM   2    C CA  . GLY A 1 14  ? -21.753 12.215  13.645  1.00 19.60 ? 1513 GLY A CA  1 
ATOM   3    C C   . GLY A 1 14  ? -20.338 12.213  14.177  1.00 10.37 ? 1513 GLY A C   1 
ATOM   4    O O   . GLY A 1 14  ? -19.377 12.014  13.424  1.00 25.28 ? 1513 GLY A O   1 
ATOM   5    N N   . THR A 1 15  ? -20.187 12.433  15.476  1.00 15.42 ? 1514 THR A N   1 
ATOM   6    C CA  . THR A 1 15  ? -18.859 12.514  16.078  1.00 19.03 ? 1514 THR A CA  1 
ATOM   7    C C   . THR A 1 15  ? -17.938 11.296  15.833  1.00 19.30 ? 1514 THR A C   1 
ATOM   8    O O   . THR A 1 15  ? -16.763 11.466  15.499  1.00 15.02 ? 1514 THR A O   1 
ATOM   9    C CB  . THR A 1 15  ? -18.903 12.830  17.597  1.00 24.17 ? 1514 THR A CB  1 
ATOM   10   O OG1 . THR A 1 15  ? -17.550 12.977  18.078  1.00 23.81 ? 1514 THR A OG1 1 
ATOM   11   C CG2 . THR A 1 15  ? -19.663 11.744  18.405  1.00 30.69 ? 1514 THR A CG2 1 
ATOM   12   N N   . GLU A 1 16  ? -18.478 10.083  15.982  1.00 10.84 ? 1515 GLU A N   1 
ATOM   13   C CA  . GLU A 1 16  ? -17.671 8.871   15.969  1.00 13.47 ? 1515 GLU A CA  1 
ATOM   14   C C   . GLU A 1 16  ? -17.143 8.567   14.579  1.00 11.81 ? 1515 GLU A C   1 
ATOM   15   O O   . GLU A 1 16  ? -15.999 8.146   14.439  1.00 10.96 ? 1515 GLU A O   1 
ATOM   16   C CB  . GLU A 1 16  ? -18.456 7.677   16.541  1.00 13.56 ? 1515 GLU A CB  1 
ATOM   17   C CG  . GLU A 1 16  ? -18.912 7.891   17.980  1.00 13.16 ? 1515 GLU A CG  1 
ATOM   18   C CD  . GLU A 1 16  ? -17.764 8.246   18.931  1.00 23.17 ? 1515 GLU A CD  1 
ATOM   19   O OE1 . GLU A 1 16  ? -16.590 7.903   18.656  1.00 25.14 ? 1515 GLU A OE1 1 
ATOM   20   O OE2 . GLU A 1 16  ? -18.035 8.867   19.971  1.00 32.20 ? 1515 GLU A OE2 1 
ATOM   21   N N   . ASN A 1 17  ? -17.958 8.843   13.574  1.00 11.23 ? 1516 ASN A N   1 
ATOM   22   C CA  . ASN A 1 17  ? -17.567 8.660   12.201  1.00 11.72 ? 1516 ASN A CA  1 
ATOM   23   C C   . ASN A 1 17  ? -16.475 9.624   11.757  1.00 12.35 ? 1516 ASN A C   1 
ATOM   24   O O   . ASN A 1 17  ? -15.560 9.244   11.116  1.00 13.27 ? 1516 ASN A O   1 
ATOM   25   C CB  . ASN A 1 17  ? -18.758 8.715   11.253  1.00 8.06  ? 1516 ASN A CB  1 
ATOM   26   C CG  . ASN A 1 17  ? -18.432 8.181   9.843   1.00 30.68 ? 1516 ASN A CG  1 
ATOM   27   O OD1 . ASN A 1 17  ? -18.962 8.648   8.867   1.00 26.28 ? 1516 ASN A OD1 1 
ATOM   28   N ND2 . ASN A 1 17  ? -17.585 7.186   9.762   1.00 28.53 ? 1516 ASN A ND2 1 
ATOM   29   N N   . LEU A 1 18  ? -16.608 10.877  12.110  1.00 17.62 ? 1517 LEU A N   1 
ATOM   30   C CA  . LEU A 1 18  ? -15.628 11.883  11.702  1.00 16.26 ? 1517 LEU A CA  1 
ATOM   31   C C   . LEU A 1 18  ? -14.304 11.558  12.343  1.00 13.33 ? 1517 LEU A C   1 
ATOM   32   O O   . LEU A 1 18  ? -13.255 11.656  11.717  1.00 14.76 ? 1517 LEU A O   1 
ATOM   33   C CB  . LEU A 1 18  ? -16.065 13.313  12.079  1.00 13.55 ? 1517 LEU A CB  1 
ATOM   34   C CG  . LEU A 1 18  ? -15.171 14.457  11.549  1.00 18.59 ? 1517 LEU A CG  1 
ATOM   35   C CD1 . LEU A 1 18  ? -15.083 14.473  10.023  1.00 24.74 ? 1517 LEU A CD1 1 
ATOM   36   C CD2 . LEU A 1 18  ? -15.706 15.803  12.058  1.00 17.58 ? 1517 LEU A CD2 1 
ATOM   37   N N   . TYR A 1 19  ? -14.343 11.239  13.625  1.00 10.63 ? 1518 TYR A N   1 
ATOM   38   C CA  . TYR A 1 19  ? -13.128 10.867  14.322  1.00 14.32 ? 1518 TYR A CA  1 
ATOM   39   C C   . TYR A 1 19  ? -12.501 9.616   13.690  1.00 13.28 ? 1518 TYR A C   1 
ATOM   40   O O   . TYR A 1 19  ? -11.290 9.537   13.512  1.00 16.28 ? 1518 TYR A O   1 
ATOM   41   C CB  . TYR A 1 19  ? -13.408 10.650  15.810  1.00 11.53 ? 1518 TYR A CB  1 
ATOM   42   C CG  . TYR A 1 19  ? -12.185 10.273  16.542  1.00 17.89 ? 1518 TYR A CG  1 
ATOM   43   C CD1 . TYR A 1 19  ? -11.142 11.198  16.697  1.00 10.49 ? 1518 TYR A CD1 1 
ATOM   44   C CD2 . TYR A 1 19  ? -12.026 8.987   17.063  1.00 20.86 ? 1518 TYR A CD2 1 
ATOM   45   C CE1 . TYR A 1 19  ? -9.974  10.866  17.372  1.00 21.99 ? 1518 TYR A CE1 1 
ATOM   46   C CE2 . TYR A 1 19  ? -10.854 8.632   17.736  1.00 11.48 ? 1518 TYR A CE2 1 
ATOM   47   C CZ  . TYR A 1 19  ? -9.828  9.576   17.876  1.00 24.77 ? 1518 TYR A CZ  1 
ATOM   48   O OH  . TYR A 1 19  ? -8.679  9.250   18.548  1.00 30.55 ? 1518 TYR A OH  1 
ATOM   49   N N   . PHE A 1 20  ? -13.331 8.644   13.337  1.00 10.22 ? 1519 PHE A N   1 
ATOM   50   C CA  . PHE A 1 20  ? -12.862 7.456   12.616  1.00 10.60 ? 1519 PHE A CA  1 
ATOM   51   C C   . PHE A 1 20  ? -12.133 7.884   11.354  1.00 10.58 ? 1519 PHE A C   1 
ATOM   52   O O   . PHE A 1 20  ? -11.067 7.364   11.035  1.00 8.17  ? 1519 PHE A O   1 
ATOM   53   C CB  . PHE A 1 20  ? -14.086 6.578   12.301  1.00 11.17 ? 1519 PHE A CB  1 
ATOM   54   C CG  . PHE A 1 20  ? -13.819 5.340   11.482  1.00 8.74  ? 1519 PHE A CG  1 
ATOM   55   C CD1 . PHE A 1 20  ? -12.636 4.594   11.606  1.00 16.30 ? 1519 PHE A CD1 1 
ATOM   56   C CD2 . PHE A 1 20  ? -14.836 4.848   10.661  1.00 4.64  ? 1519 PHE A CD2 1 
ATOM   57   C CE1 . PHE A 1 20  ? -12.469 3.406   10.873  1.00 13.14 ? 1519 PHE A CE1 1 
ATOM   58   C CE2 . PHE A 1 20  ? -14.676 3.663   9.902   1.00 16.73 ? 1519 PHE A CE2 1 
ATOM   59   C CZ  . PHE A 1 20  ? -13.485 2.945   10.008  1.00 22.30 ? 1519 PHE A CZ  1 
ATOM   60   N N   . GLN A 1 21  ? -12.736 8.813   10.618  1.00 8.87  ? 1520 GLN A N   1 
ATOM   61   C CA  . GLN A 1 21  ? -12.140 9.294   9.369   1.00 13.43 ? 1520 GLN A CA  1 
ATOM   62   C C   . GLN A 1 21  ? -10.814 9.995   9.587   1.00 10.38 ? 1520 GLN A C   1 
ATOM   63   O O   . GLN A 1 21  ? -9.843  9.729   8.877   1.00 8.61  ? 1520 GLN A O   1 
ATOM   64   C CB  . GLN A 1 21  ? -13.117 10.198  8.651   1.00 10.33 ? 1520 GLN A CB  1 
ATOM   65   C CG  . GLN A 1 21  ? -14.257 9.447   8.011   1.00 15.26 ? 1520 GLN A CG  1 
ATOM   66   C CD  . GLN A 1 21  ? -15.312 10.385  7.478   1.00 20.98 ? 1520 GLN A CD  1 
ATOM   67   O OE1 . GLN A 1 21  ? -15.099 11.603  7.370   1.00 15.94 ? 1520 GLN A OE1 1 
ATOM   68   N NE2 . GLN A 1 21  ? -16.450 9.832   7.129   1.00 28.33 ? 1520 GLN A NE2 1 
ATOM   69   N N   . SER A 1 22  ? -10.752 10.814  10.632  1.00 10.11 ? 1521 SER A N   1 
ATOM   70   C CA  . SER A 1 22  ? -9.563  11.552  10.946  1.00 9.59  ? 1521 SER A CA  1 
ATOM   71   C C   . SER A 1 22  ? -8.399  10.607  11.228  1.00 13.31 ? 1521 SER A C   1 
ATOM   72   O O   . SER A 1 22  ? -7.275  10.926  10.868  1.00 12.85 ? 1521 SER A O   1 
ATOM   73   C CB  . SER A 1 22  ? -9.804  12.549  12.118  1.00 9.24  ? 1521 SER A CB  1 
ATOM   74   O OG  . SER A 1 22  ? -9.714  11.924  13.383  1.00 13.75 ? 1521 SER A OG  1 
ATOM   75   N N   . MET A 1 23  ? -8.661  9.476   11.896  1.00 15.12 ? 1522 MET A N   1 
ATOM   76   C CA  . MET A 1 23  ? -7.624  8.482   12.185  1.00 13.33 ? 1522 MET A CA  1 
ATOM   77   C C   . MET A 1 23  ? -7.176  7.781   10.921  1.00 11.64 ? 1522 MET A C   1 
ATOM   78   O O   . MET A 1 23  ? -6.008  7.486   10.800  1.00 14.00 ? 1522 MET A O   1 
ATOM   79   C CB  . MET A 1 23  ? -8.063  7.421   13.218  1.00 16.20 ? 1522 MET A CB  1 
ATOM   80   C CG  . MET A 1 23  ? -8.409  7.942   14.605  1.00 27.33 ? 1522 MET A CG  1 
ATOM   81   S SD  . MET A 1 23  ? -6.987  8.629   15.490  1.00 29.43 ? 1522 MET A SD  1 
ATOM   82   C CE  . MET A 1 23  ? -7.002  10.318  14.997  1.00 16.61 ? 1522 MET A CE  1 
ATOM   83   N N   . GLN A 1 24  ? -8.111  7.510   10.007  1.00 10.90 ? 1523 GLN A N   1 
ATOM   84   C CA  . GLN A 1 24  ? -7.778  6.958   8.700   1.00 15.14 ? 1523 GLN A CA  1 
ATOM   85   C C   . GLN A 1 24  ? -6.969  7.952   7.928   1.00 12.36 ? 1523 GLN A C   1 
ATOM   86   O O   . GLN A 1 24  ? -6.022  7.565   7.289   1.00 11.68 ? 1523 GLN A O   1 
ATOM   87   C CB  . GLN A 1 24  ? -9.018  6.568   7.878   1.00 6.46  ? 1523 GLN A CB  1 
ATOM   88   C CG  . GLN A 1 24  ? -9.794  5.417   8.511   1.00 16.00 ? 1523 GLN A CG  1 
ATOM   89   C CD  . GLN A 1 24  ? -10.939 4.968   7.613   1.00 24.88 ? 1523 GLN A CD  1 
ATOM   90   O OE1 . GLN A 1 24  ? -10.710 4.283   6.637   1.00 28.64 ? 1523 GLN A OE1 1 
ATOM   91   N NE2 . GLN A 1 24  ? -12.155 5.388   7.922   1.00 15.06 ? 1523 GLN A NE2 1 
ATOM   92   N N   . VAL A 1 25  ? -7.289  9.245   8.043   1.00 12.06 ? 1524 VAL A N   1 
ATOM   93   C CA  . VAL A 1 25  ? -6.468  10.278  7.398   1.00 8.13  ? 1524 VAL A CA  1 
ATOM   94   C C   . VAL A 1 25  ? -5.060  10.299  7.909   1.00 15.32 ? 1524 VAL A C   1 
ATOM   95   O O   . VAL A 1 25  ? -4.151  10.429  7.117   1.00 14.10 ? 1524 VAL A O   1 
ATOM   96   C CB  . VAL A 1 25  ? -7.097  11.675  7.495   1.00 5.97  ? 1524 VAL A CB  1 
ATOM   97   C CG1 . VAL A 1 25  ? -6.146  12.785  6.946   1.00 8.60  ? 1524 VAL A CG1 1 
ATOM   98   C CG2 . VAL A 1 25  ? -8.378  11.663  6.695   1.00 4.58  ? 1524 VAL A CG2 1 
ATOM   99   N N   . ALA A 1 26  ? -4.874  10.171  9.214   1.00 11.46 ? 1525 ALA A N   1 
ATOM   100  C CA  . ALA A 1 26  ? -3.523  10.135  9.793   1.00 14.77 ? 1525 ALA A CA  1 
ATOM   101  C C   . ALA A 1 26  ? -2.741  8.889   9.305   1.00 12.47 ? 1525 ALA A C   1 
ATOM   102  O O   . ALA A 1 26  ? -1.558  8.969   9.018   1.00 10.00 ? 1525 ALA A O   1 
ATOM   103  C CB  . ALA A 1 26  ? -3.609  10.112  11.374  1.00 6.47  ? 1525 ALA A CB  1 
ATOM   104  N N   . PHE A 1 27  ? -3.411  7.746   9.226   1.00 11.96 ? 1526 PHE A N   1 
ATOM   105  C CA  . PHE A 1 27  ? -2.769  6.484   8.831   1.00 9.23  ? 1526 PHE A CA  1 
ATOM   106  C C   . PHE A 1 27  ? -2.370  6.607   7.374   1.00 8.43  ? 1526 PHE A C   1 
ATOM   107  O O   . PHE A 1 27  ? -1.260  6.278   6.975   1.00 13.90 ? 1526 PHE A O   1 
ATOM   108  C CB  . PHE A 1 27  ? -3.748  5.322   9.069   1.00 11.95 ? 1526 PHE A CB  1 
ATOM   109  C CG  . PHE A 1 27  ? -3.131  3.932   8.968   1.00 10.88 ? 1526 PHE A CG  1 
ATOM   110  C CD1 . PHE A 1 27  ? -2.223  3.489   9.911   1.00 21.44 ? 1526 PHE A CD1 1 
ATOM   111  C CD2 . PHE A 1 27  ? -3.477  3.069   7.940   1.00 15.97 ? 1526 PHE A CD2 1 
ATOM   112  C CE1 . PHE A 1 27  ? -1.660  2.262   9.802   1.00 17.01 ? 1526 PHE A CE1 1 
ATOM   113  C CE2 . PHE A 1 27  ? -2.911  1.813   7.840   1.00 14.69 ? 1526 PHE A CE2 1 
ATOM   114  C CZ  . PHE A 1 27  ? -2.017  1.412   8.780   1.00 20.12 ? 1526 PHE A CZ  1 
ATOM   115  N N   . SER A 1 28  ? -3.272  7.121   6.575   1.00 13.95 ? 1527 SER A N   1 
ATOM   116  C CA  . SER A 1 28  ? -2.969  7.357   5.195   1.00 13.18 ? 1527 SER A CA  1 
ATOM   117  C C   . SER A 1 28  ? -1.816  8.284   4.972   1.00 18.64 ? 1527 SER A C   1 
ATOM   118  O O   . SER A 1 28  ? -1.010  8.048   4.082   1.00 12.29 ? 1527 SER A O   1 
ATOM   119  C CB  . SER A 1 28  ? -4.187  7.882   4.465   1.00 15.90 ? 1527 SER A CB  1 
ATOM   120  O OG  . SER A 1 28  ? -5.036  6.813   4.184   1.00 18.43 ? 1527 SER A OG  1 
ATOM   121  N N   . PHE A 1 29  ? -1.736  9.339   5.772   1.00 16.70 ? 1528 PHE A N   1 
ATOM   122  C CA  . PHE A 1 29  ? -0.632  10.268  5.690   1.00 12.94 ? 1528 PHE A CA  1 
ATOM   123  C C   . PHE A 1 29  ? 0.743   9.556   5.894   1.00 12.18 ? 1528 PHE A C   1 
ATOM   124  O O   . PHE A 1 29  ? 1.728   9.875   5.227   1.00 10.55 ? 1528 PHE A O   1 
ATOM   125  C CB  . PHE A 1 29  ? -0.862  11.395  6.733   1.00 11.30 ? 1528 PHE A CB  1 
ATOM   126  C CG  . PHE A 1 29  ? 0.252   12.382  6.827   1.00 8.08  ? 1528 PHE A CG  1 
ATOM   127  C CD1 . PHE A 1 29  ? 0.326   13.448  5.936   1.00 15.53 ? 1528 PHE A CD1 1 
ATOM   128  C CD2 . PHE A 1 29  ? 1.220   12.251  7.795   1.00 9.49  ? 1528 PHE A CD2 1 
ATOM   129  C CE1 . PHE A 1 29  ? 1.351   14.336  6.011   1.00 19.30 ? 1528 PHE A CE1 1 
ATOM   130  C CE2 . PHE A 1 29  ? 2.257   13.141  7.871   1.00 15.68 ? 1528 PHE A CE2 1 
ATOM   131  C CZ  . PHE A 1 29  ? 2.323   14.182  6.996   1.00 12.93 ? 1528 PHE A CZ  1 
ATOM   132  N N   . ILE A 1 30  ? 0.807   8.633   6.842   1.00 8.73  ? 1529 ILE A N   1 
ATOM   133  C CA  . ILE A 1 30  ? 2.017   7.927   7.144   1.00 12.90 ? 1529 ILE A CA  1 
ATOM   134  C C   . ILE A 1 30  ? 2.379   6.957   6.007   1.00 12.05 ? 1529 ILE A C   1 
ATOM   135  O O   . ILE A 1 30  ? 3.503   6.956   5.509   1.00 11.71 ? 1529 ILE A O   1 
ATOM   136  C CB  . ILE A 1 30  ? 1.884   7.186   8.470   1.00 17.04 ? 1529 ILE A CB  1 
ATOM   137  C CG1 . ILE A 1 30  ? 1.762   8.227   9.598   1.00 11.01 ? 1529 ILE A CG1 1 
ATOM   138  C CG2 . ILE A 1 30  ? 3.091   6.198   8.689   1.00 8.86  ? 1529 ILE A CG2 1 
ATOM   139  C CD1 . ILE A 1 30  ? 1.852   7.672   11.012  1.00 17.43 ? 1529 ILE A CD1 1 
ATOM   140  N N   . LEU A 1 31  ? 1.398   6.188   5.554   1.00 15.00 ? 1530 LEU A N   1 
ATOM   141  C CA  . LEU A 1 31  ? 1.618   5.243   4.473   1.00 12.50 ? 1530 LEU A CA  1 
ATOM   142  C C   . LEU A 1 31  ? 2.053   5.959   3.196   1.00 11.87 ? 1530 LEU A C   1 
ATOM   143  O O   . LEU A 1 31  ? 2.964   5.509   2.516   1.00 10.47 ? 1530 LEU A O   1 
ATOM   144  C CB  . LEU A 1 31  ? 0.367   4.410   4.216   1.00 9.97  ? 1530 LEU A CB  1 
ATOM   145  C CG  . LEU A 1 31  ? -0.054  3.334   5.222   1.00 15.37 ? 1530 LEU A CG  1 
ATOM   146  C CD1 . LEU A 1 31  ? -1.204  2.544   4.601   1.00 11.54 ? 1530 LEU A CD1 1 
ATOM   147  C CD2 . LEU A 1 31  ? 1.103   2.385   5.669   1.00 12.00 ? 1530 LEU A CD2 1 
ATOM   148  N N   . ASP A 1 32  ? 1.425   7.080   2.893   1.00 9.59  ? 1531 ASP A N   1 
ATOM   149  C CA  . ASP A 1 32  ? 1.811   7.835   1.718   1.00 13.13 ? 1531 ASP A CA  1 
ATOM   150  C C   . ASP A 1 32  ? 3.242   8.376   1.812   1.00 16.26 ? 1531 ASP A C   1 
ATOM   151  O O   . ASP A 1 32  ? 3.922   8.430   0.813   1.00 12.92 ? 1531 ASP A O   1 
ATOM   152  C CB  . ASP A 1 32  ? 0.851   8.976   1.435   1.00 11.73 ? 1531 ASP A CB  1 
ATOM   153  C CG  . ASP A 1 32  ? 0.940   9.449   -0.010  1.00 16.26 ? 1531 ASP A CG  1 
ATOM   154  O OD1 . ASP A 1 32  ? 0.590   8.678   -0.928  1.00 18.80 ? 1531 ASP A OD1 1 
ATOM   155  O OD2 . ASP A 1 32  ? 1.350   10.595  -0.229  1.00 21.11 ? 1531 ASP A OD2 1 
ATOM   156  N N   . ASN A 1 33  ? 3.679   8.775   3.006   1.00 17.02 ? 1532 ASN A N   1 
ATOM   157  C CA  . ASN A 1 33  ? 5.041   9.197   3.207   1.00 13.50 ? 1532 ASN A CA  1 
ATOM   158  C C   . ASN A 1 33  ? 6.053   8.088   2.853   1.00 12.12 ? 1532 ASN A C   1 
ATOM   159  O O   . ASN A 1 33  ? 7.046   8.319   2.187   1.00 14.53 ? 1532 ASN A O   1 
ATOM   160  C CB  . ASN A 1 33  ? 5.250   9.685   4.637   1.00 13.90 ? 1532 ASN A CB  1 
ATOM   161  C CG  . ASN A 1 33  ? 6.609   10.338  4.832   1.00 37.81 ? 1532 ASN A CG  1 
ATOM   162  O OD1 . ASN A 1 33  ? 6.793   11.525  4.527   1.00 30.79 ? 1532 ASN A OD1 1 
ATOM   163  N ND2 . ASN A 1 33  ? 7.571   9.566   5.337   1.00 19.73 ? 1532 ASN A ND2 1 
ATOM   164  N N   . ILE A 1 34  ? 5.786   6.888   3.306   1.00 12.23 ? 1533 ILE A N   1 
ATOM   165  C CA  . ILE A 1 34  ? 6.619   5.743   3.007   1.00 11.14 ? 1533 ILE A CA  1 
ATOM   166  C C   . ILE A 1 34  ? 6.668   5.438   1.494   1.00 10.46 ? 1533 ILE A C   1 
ATOM   167  O O   . ILE A 1 34  ? 7.731   5.163   0.925   1.00 10.36 ? 1533 ILE A O   1 
ATOM   168  C CB  . ILE A 1 34  ? 6.100   4.480   3.733   1.00 11.72 ? 1533 ILE A CB  1 
ATOM   169  C CG1 . ILE A 1 34  ? 6.111   4.644   5.270   1.00 16.08 ? 1533 ILE A CG1 1 
ATOM   170  C CG2 . ILE A 1 34  ? 7.007   3.292   3.369   1.00 8.39  ? 1533 ILE A CG2 1 
ATOM   171  C CD1 . ILE A 1 34  ? 5.272   3.591   6.001   1.00 15.86 ? 1533 ILE A CD1 1 
ATOM   172  N N   . VAL A 1 35  ? 5.530   5.531   0.823   1.00 12.00 ? 1534 VAL A N   1 
ATOM   173  C CA  . VAL A 1 35  ? 5.522   5.349   -0.632  1.00 12.32 ? 1534 VAL A CA  1 
ATOM   174  C C   . VAL A 1 35  ? 6.332   6.438   -1.353  1.00 12.48 ? 1534 VAL A C   1 
ATOM   175  O O   . VAL A 1 35  ? 7.203   6.130   -2.169  1.00 14.56 ? 1534 VAL A O   1 
ATOM   176  C CB  . VAL A 1 35  ? 4.108   5.291   -1.201  1.00 18.22 ? 1534 VAL A CB  1 
ATOM   177  C CG1 . VAL A 1 35  ? 4.184   5.106   -2.707  1.00 17.34 ? 1534 VAL A CG1 1 
ATOM   178  C CG2 . VAL A 1 35  ? 3.302   4.133   -0.532  1.00 11.56 ? 1534 VAL A CG2 1 
ATOM   179  N N   . THR A 1 36  ? 6.108   7.712   -1.023  1.00 13.36 ? 1535 THR A N   1 
ATOM   180  C CA  . THR A 1 36  ? 6.734   8.805   -1.780  1.00 12.77 ? 1535 THR A CA  1 
ATOM   181  C C   . THR A 1 36  ? 8.189   9.004   -1.407  1.00 17.10 ? 1535 THR A C   1 
ATOM   182  O O   . THR A 1 36  ? 8.998   9.298   -2.263  1.00 11.92 ? 1535 THR A O   1 
ATOM   183  C CB  . THR A 1 36  ? 5.981   10.157  -1.630  1.00 12.84 ? 1535 THR A CB  1 
ATOM   184  O OG1 . THR A 1 36  ? 5.961   10.549  -0.251  1.00 18.88 ? 1535 THR A OG1 1 
ATOM   185  C CG2 . THR A 1 36  ? 4.598   10.034  -2.111  1.00 9.36  ? 1535 THR A CG2 1 
ATOM   186  N N   . GLN A 1 37  ? 8.517   8.862   -0.132  1.00 15.55 ? 1536 GLN A N   1 
ATOM   187  C CA  . GLN A 1 37  ? 9.841   9.240   0.350   1.00 18.64 ? 1536 GLN A CA  1 
ATOM   188  C C   . GLN A 1 37  ? 10.848  8.095   0.283   1.00 17.50 ? 1536 GLN A C   1 
ATOM   189  O O   . GLN A 1 37  ? 12.027  8.333   0.136   1.00 12.73 ? 1536 GLN A O   1 
ATOM   190  C CB  . GLN A 1 37  ? 9.756   9.790   1.775   1.00 18.25 ? 1536 GLN A CB  1 
ATOM   191  C CG  . GLN A 1 37  ? 8.766   10.947  1.916   1.00 25.50 ? 1536 GLN A CG  1 
ATOM   192  C CD  . GLN A 1 37  ? 9.098   12.115  1.003   1.00 24.98 ? 1536 GLN A CD  1 
ATOM   193  O OE1 . GLN A 1 37  ? 10.192  12.660  1.071   1.00 21.61 ? 1536 GLN A OE1 1 
ATOM   194  N NE2 . GLN A 1 37  ? 8.156   12.495  0.147   1.00 22.46 ? 1536 GLN A NE2 1 
ATOM   195  N N   . LYS A 1 38  ? 10.360  6.861   0.352   1.00 19.85 ? 1537 LYS A N   1 
ATOM   196  C CA  . LYS A 1 38  ? 11.200  5.676   0.379   1.00 13.07 ? 1537 LYS A CA  1 
ATOM   197  C C   . LYS A 1 38  ? 11.102  4.866   -0.900  1.00 12.01 ? 1537 LYS A C   1 
ATOM   198  O O   . LYS A 1 38  ? 12.096  4.656   -1.581  1.00 16.50 ? 1537 LYS A O   1 
ATOM   199  C CB  . LYS A 1 38  ? 10.799  4.787   1.566   1.00 17.47 ? 1537 LYS A CB  1 
ATOM   200  C CG  . LYS A 1 38  ? 10.768  5.504   2.942   1.00 27.64 ? 1537 LYS A CG  1 
ATOM   201  C CD  . LYS A 1 38  ? 12.069  6.279   3.245   1.00 35.72 ? 1537 LYS A CD  1 
ATOM   202  C CE  . LYS A 1 38  ? 13.282  5.371   3.415   1.00 40.89 ? 1537 LYS A CE  1 
ATOM   203  N NZ  . LYS A 1 38  ? 14.579  6.120   3.294   1.00 40.55 ? 1537 LYS A NZ  1 
ATOM   204  N N   . MET A 1 39  ? 9.915   4.358   -1.185  1.00 9.67  ? 1538 MET A N   1 
ATOM   205  C CA  . MET A 1 39  ? 9.748   3.407   -2.272  1.00 12.03 ? 1538 MET A CA  1 
ATOM   206  C C   . MET A 1 39  ? 9.969   4.023   -3.628  1.00 13.78 ? 1538 MET A C   1 
ATOM   207  O O   . MET A 1 39  ? 10.710  3.456   -4.450  1.00 12.34 ? 1538 MET A O   1 
ATOM   208  C CB  . MET A 1 39  ? 8.358   2.749   -2.210  1.00 7.59  ? 1538 MET A CB  1 
ATOM   209  C CG  . MET A 1 39  ? 8.230   1.896   -0.935  1.00 13.50 ? 1538 MET A CG  1 
ATOM   210  S SD  . MET A 1 39  ? 6.549   1.473   -0.460  1.00 21.64 ? 1538 MET A SD  1 
ATOM   211  C CE  . MET A 1 39  ? 6.168   0.288   -1.728  1.00 19.71 ? 1538 MET A CE  1 
ATOM   212  N N   . MET A 1 40  ? 9.323   5.162   -3.871  1.00 7.30  ? 1539 MET A N   1 
ATOM   213  C CA  . MET A 1 40  ? 9.499   5.880   -5.156  1.00 15.58 ? 1539 MET A CA  1 
ATOM   214  C C   . MET A 1 40  ? 10.885  6.412   -5.342  1.00 15.77 ? 1539 MET A C   1 
ATOM   215  O O   . MET A 1 40  ? 11.300  6.621   -6.480  1.00 13.22 ? 1539 MET A O   1 
ATOM   216  C CB  . MET A 1 40  ? 8.502   7.030   -5.330  1.00 13.47 ? 1539 MET A CB  1 
ATOM   217  C CG  . MET A 1 40  ? 7.113   6.569   -5.678  1.00 21.93 ? 1539 MET A CG  1 
ATOM   218  S SD  . MET A 1 40  ? 5.894   7.886   -5.524  1.00 29.78 ? 1539 MET A SD  1 
ATOM   219  C CE  . MET A 1 40  ? 6.767   9.235   -6.335  1.00 40.78 ? 1539 MET A CE  1 
ATOM   220  N N   . ALA A 1 41  ? 11.596  6.644   -4.242  1.00 14.53 ? 1540 ALA A N   1 
ATOM   221  C CA  . ALA A 1 41  ? 12.946  7.129   -4.314  1.00 12.79 ? 1540 ALA A CA  1 
ATOM   222  C C   . ALA A 1 41  ? 13.993  6.035   -4.623  1.00 19.04 ? 1540 ALA A C   1 
ATOM   223  O O   . ALA A 1 41  ? 15.178  6.347   -4.763  1.00 15.77 ? 1540 ALA A O   1 
ATOM   224  C CB  . ALA A 1 41  ? 13.317  7.835   -3.016  1.00 16.31 ? 1540 ALA A CB  1 
ATOM   225  N N   . VAL A 1 42  ? 13.585  4.771   -4.700  1.00 15.30 ? 1541 VAL A N   1 
ATOM   226  C CA  . VAL A 1 42  ? 14.510  3.702   -5.071  1.00 11.40 ? 1541 VAL A CA  1 
ATOM   227  C C   . VAL A 1 42  ? 15.022  3.940   -6.508  1.00 14.21 ? 1541 VAL A C   1 
ATOM   228  O O   . VAL A 1 42  ? 14.217  4.110   -7.432  1.00 10.21 ? 1541 VAL A O   1 
ATOM   229  C CB  . VAL A 1 42  ? 13.847  2.278   -4.945  1.00 10.78 ? 1541 VAL A CB  1 
ATOM   230  C CG1 . VAL A 1 42  ? 14.734  1.200   -5.587  1.00 9.21  ? 1541 VAL A CG1 1 
ATOM   231  C CG2 . VAL A 1 42  ? 13.549  1.976   -3.460  1.00 8.87  ? 1541 VAL A CG2 1 
ATOM   232  N N   . PRO A 1 43  ? 16.358  3.945   -6.698  1.00 11.56 ? 1542 PRO A N   1 
ATOM   233  C CA  . PRO A 1 43  ? 16.933  4.137   -8.019  1.00 13.80 ? 1542 PRO A CA  1 
ATOM   234  C C   . PRO A 1 43  ? 16.418  3.115   -9.023  1.00 13.69 ? 1542 PRO A C   1 
ATOM   235  O O   . PRO A 1 43  ? 16.252  1.933   -8.695  1.00 11.75 ? 1542 PRO A O   1 
ATOM   236  C CB  . PRO A 1 43  ? 18.440  3.953   -7.781  1.00 18.57 ? 1542 PRO A CB  1 
ATOM   237  C CG  . PRO A 1 43  ? 18.645  4.249   -6.363  1.00 21.57 ? 1542 PRO A CG  1 
ATOM   238  C CD  . PRO A 1 43  ? 17.393  3.862   -5.652  1.00 14.52 ? 1542 PRO A CD  1 
ATOM   239  N N   . ASP A 1 44  ? 16.154  3.584   -10.235 1.00 11.69 ? 1543 ASP A N   1 
ATOM   240  C CA  . ASP A 1 44  ? 15.588  2.752   -11.298 1.00 13.97 ? 1543 ASP A CA  1 
ATOM   241  C C   . ASP A 1 44  ? 14.258  2.079   -10.938 1.00 9.45  ? 1543 ASP A C   1 
ATOM   242  O O   . ASP A 1 44  ? 13.914  1.055   -11.471 1.00 11.02 ? 1543 ASP A O   1 
ATOM   243  C CB  . ASP A 1 44  ? 16.609  1.718   -11.786 1.00 22.95 ? 1543 ASP A CB  1 
ATOM   244  C CG  . ASP A 1 44  ? 17.669  2.317   -12.680 1.00 21.85 ? 1543 ASP A CG  1 
ATOM   245  O OD1 . ASP A 1 44  ? 17.665  3.552   -12.936 1.00 20.98 ? 1543 ASP A OD1 1 
ATOM   246  O OD2 . ASP A 1 44  ? 18.514  1.530   -13.152 1.00 17.97 ? 1543 ASP A OD2 1 
ATOM   247  N N   . SER A 1 45  ? 13.482  2.706   -10.068 1.00 12.80 ? 1544 SER A N   1 
ATOM   248  C CA  . SER A 1 45  ? 12.177  2.173   -9.704  1.00 15.85 ? 1544 SER A CA  1 
ATOM   249  C C   . SER A 1 45  ? 11.080  2.536   -10.705 1.00 18.03 ? 1544 SER A C   1 
ATOM   250  O O   . SER A 1 45  ? 9.985   2.010   -10.610 1.00 18.69 ? 1544 SER A O   1 
ATOM   251  C CB  . SER A 1 45  ? 11.770  2.673   -8.324  1.00 14.27 ? 1544 SER A CB  1 
ATOM   252  O OG  . SER A 1 45  ? 11.622  4.082   -8.301  1.00 10.33 ? 1544 SER A OG  1 
ATOM   253  N N   . TRP A 1 46  ? 11.388  3.370   -11.698 1.00 16.51 ? 1545 TRP A N   1 
ATOM   254  C CA  . TRP A 1 46  ? 10.360  3.913   -12.590 1.00 16.94 ? 1545 TRP A CA  1 
ATOM   255  C C   . TRP A 1 46  ? 9.439   2.915   -13.320 1.00 17.26 ? 1545 TRP A C   1 
ATOM   256  O O   . TRP A 1 46  ? 8.286   3.258   -13.596 1.00 19.31 ? 1545 TRP A O   1 
ATOM   257  C CB  . TRP A 1 46  ? 10.991  4.899   -13.593 1.00 27.60 ? 1545 TRP A CB  1 
ATOM   258  C CG  . TRP A 1 46  ? 11.967  4.223   -14.499 1.00 22.54 ? 1545 TRP A CG  1 
ATOM   259  C CD1 . TRP A 1 46  ? 13.324  4.145   -14.335 1.00 34.01 ? 1545 TRP A CD1 1 
ATOM   260  C CD2 . TRP A 1 46  ? 11.654  3.466   -15.678 1.00 25.18 ? 1545 TRP A CD2 1 
ATOM   261  N NE1 . TRP A 1 46  ? 13.868  3.381   -15.340 1.00 24.13 ? 1545 TRP A NE1 1 
ATOM   262  C CE2 . TRP A 1 46  ? 12.869  2.964   -16.185 1.00 36.59 ? 1545 TRP A CE2 1 
ATOM   263  C CE3 . TRP A 1 46  ? 10.464  3.174   -16.361 1.00 37.35 ? 1545 TRP A CE3 1 
ATOM   264  C CZ2 . TRP A 1 46  ? 12.930  2.189   -17.358 1.00 37.39 ? 1545 TRP A CZ2 1 
ATOM   265  C CZ3 . TRP A 1 46  ? 10.526  2.389   -17.517 1.00 37.55 ? 1545 TRP A CZ3 1 
ATOM   266  C CH2 . TRP A 1 46  ? 11.753  1.915   -18.007 1.00 42.37 ? 1545 TRP A CH2 1 
ATOM   267  N N   . PRO A 1 47  ? 9.915   1.691   -13.651 1.00 16.87 ? 1546 PRO A N   1 
ATOM   268  C CA  . PRO A 1 47  ? 8.954   0.717   -14.198 1.00 17.16 ? 1546 PRO A CA  1 
ATOM   269  C C   . PRO A 1 47  ? 7.832   0.343   -13.238 1.00 20.16 ? 1546 PRO A C   1 
ATOM   270  O O   . PRO A 1 47  ? 6.799   -0.176  -13.666 1.00 21.02 ? 1546 PRO A O   1 
ATOM   271  C CB  . PRO A 1 47  ? 9.808   -0.544  -14.453 1.00 21.06 ? 1546 PRO A CB  1 
ATOM   272  C CG  . PRO A 1 47  ? 11.231  -0.115  -14.293 1.00 16.14 ? 1546 PRO A CG  1 
ATOM   273  C CD  . PRO A 1 47  ? 11.231  1.070   -13.408 1.00 25.15 ? 1546 PRO A CD  1 
ATOM   274  N N   . PHE A 1 48  ? 8.032   0.572   -11.937 1.00 14.44 ? 1547 PHE A N   1 
ATOM   275  C CA  . PHE A 1 48  ? 7.010   0.212   -10.978 1.00 12.80 ? 1547 PHE A CA  1 
ATOM   276  C C   . PHE A 1 48  ? 6.136   1.397   -10.536 1.00 17.22 ? 1547 PHE A C   1 
ATOM   277  O O   . PHE A 1 48  ? 5.297   1.237   -9.661  1.00 16.54 ? 1547 PHE A O   1 
ATOM   278  C CB  . PHE A 1 48  ? 7.680   -0.502  -9.800  1.00 20.74 ? 1547 PHE A CB  1 
ATOM   279  C CG  . PHE A 1 48  ? 8.438   -1.740  -10.211 1.00 13.59 ? 1547 PHE A CG  1 
ATOM   280  C CD1 . PHE A 1 48  ? 7.770   -2.895  -10.539 1.00 14.88 ? 1547 PHE A CD1 1 
ATOM   281  C CD2 . PHE A 1 48  ? 9.832   -1.747  -10.284 1.00 11.97 ? 1547 PHE A CD2 1 
ATOM   282  C CE1 . PHE A 1 48  ? 8.472   -4.039  -10.946 1.00 23.01 ? 1547 PHE A CE1 1 
ATOM   283  C CE2 . PHE A 1 48  ? 10.527  -2.894  -10.667 1.00 15.26 ? 1547 PHE A CE2 1 
ATOM   284  C CZ  . PHE A 1 48  ? 9.850   -4.031  -11.003 1.00 18.09 ? 1547 PHE A CZ  1 
ATOM   285  N N   . HIS A 1 49  ? 6.320   2.572   -11.149 1.00 15.62 ? 1548 HIS A N   1 
ATOM   286  C CA  . HIS A 1 49  ? 5.639   3.781   -10.708 1.00 13.78 ? 1548 HIS A CA  1 
ATOM   287  C C   . HIS A 1 49  ? 4.216   3.838   -11.235 1.00 13.85 ? 1548 HIS A C   1 
ATOM   288  O O   . HIS A 1 49  ? 3.340   4.394   -10.599 1.00 16.94 ? 1548 HIS A O   1 
ATOM   289  C CB  . HIS A 1 49  ? 6.402   5.065   -11.127 1.00 19.20 ? 1548 HIS A CB  1 
ATOM   290  C CG  . HIS A 1 49  ? 7.648   5.335   -10.328 1.00 32.43 ? 1548 HIS A CG  1 
ATOM   291  N ND1 . HIS A 1 49  ? 8.250   6.575   -10.286 1.00 28.58 ? 1548 HIS A ND1 1 
ATOM   292  C CD2 . HIS A 1 49  ? 8.403   4.526   -9.542  1.00 23.24 ? 1548 HIS A CD2 1 
ATOM   293  C CE1 . HIS A 1 49  ? 9.319   6.520   -9.511  1.00 27.65 ? 1548 HIS A CE1 1 
ATOM   294  N NE2 . HIS A 1 49  ? 9.439   5.287   -9.053  1.00 22.59 ? 1548 HIS A NE2 1 
ATOM   295  N N   . HIS A 1 50  ? 3.979   3.292   -12.411 1.00 16.48 ? 1549 HIS A N   1 
ATOM   296  C CA  . HIS A 1 50  ? 2.678   3.382   -13.037 1.00 14.05 ? 1549 HIS A CA  1 
ATOM   297  C C   . HIS A 1 50  ? 2.181   2.022   -13.486 1.00 13.40 ? 1549 HIS A C   1 
ATOM   298  O O   . HIS A 1 50  ? 2.972   1.131   -13.672 1.00 19.12 ? 1549 HIS A O   1 
ATOM   299  C CB  . HIS A 1 50  ? 2.771   4.347   -14.216 1.00 16.02 ? 1549 HIS A CB  1 
ATOM   300  C CG  . HIS A 1 50  ? 3.146   5.732   -13.796 1.00 18.27 ? 1549 HIS A CG  1 
ATOM   301  N ND1 . HIS A 1 50  ? 2.289   6.540   -13.085 1.00 21.34 ? 1549 HIS A ND1 1 
ATOM   302  C CD2 . HIS A 1 50  ? 4.304   6.429   -13.921 1.00 25.89 ? 1549 HIS A CD2 1 
ATOM   303  C CE1 . HIS A 1 50  ? 2.889   7.688   -12.811 1.00 33.84 ? 1549 HIS A CE1 1 
ATOM   304  N NE2 . HIS A 1 50  ? 4.112   7.647   -13.309 1.00 29.94 ? 1549 HIS A NE2 1 
ATOM   305  N N   . PRO A 1 51  ? 0.861   1.864   -13.637 1.00 11.74 ? 1550 PRO A N   1 
ATOM   306  C CA  . PRO A 1 51  ? 0.327   0.606   -14.147 1.00 13.41 ? 1550 PRO A CA  1 
ATOM   307  C C   . PRO A 1 51  ? 0.779   0.287   -15.579 1.00 14.47 ? 1550 PRO A C   1 
ATOM   308  O O   . PRO A 1 51  ? 1.021   1.188   -16.380 1.00 16.16 ? 1550 PRO A O   1 
ATOM   309  C CB  . PRO A 1 51  ? -1.189  0.780   -14.048 1.00 10.01 ? 1550 PRO A CB  1 
ATOM   310  C CG  . PRO A 1 51  ? -1.432  2.279   -13.932 1.00 21.09 ? 1550 PRO A CG  1 
ATOM   311  C CD  . PRO A 1 51  ? -0.189  2.867   -13.343 1.00 18.37 ? 1550 PRO A CD  1 
ATOM   312  N N   . VAL A 1 52  ? 0.952   -1.006  -15.851 1.00 21.03 ? 1551 VAL A N   1 
ATOM   313  C CA  . VAL A 1 52  ? 1.319   -1.494  -17.172 1.00 17.10 ? 1551 VAL A CA  1 
ATOM   314  C C   . VAL A 1 52  ? 0.195   -1.138  -18.139 1.00 18.62 ? 1551 VAL A C   1 
ATOM   315  O O   . VAL A 1 52  ? -0.956  -1.327  -17.825 1.00 13.78 ? 1551 VAL A O   1 
ATOM   316  C CB  . VAL A 1 52  ? 1.624   -3.029  -17.128 1.00 21.91 ? 1551 VAL A CB  1 
ATOM   317  C CG1 . VAL A 1 52  ? 1.654   -3.675  -18.557 1.00 16.39 ? 1551 VAL A CG1 1 
ATOM   318  C CG2 . VAL A 1 52  ? 2.949   -3.237  -16.404 1.00 18.58 ? 1551 VAL A CG2 1 
ATOM   319  N N   . ASN A 1 53  ? 0.550   -0.568  -19.293 1.00 13.94 ? 1552 ASN A N   1 
ATOM   320  C CA  . ASN A 1 53  ? -0.403  -0.270  -20.321 1.00 11.95 ? 1552 ASN A CA  1 
ATOM   321  C C   . ASN A 1 53  ? -0.872  -1.569  -20.962 1.00 13.86 ? 1552 ASN A C   1 
ATOM   322  O O   . ASN A 1 53  ? -0.106  -2.261  -21.634 1.00 10.39 ? 1552 ASN A O   1 
ATOM   323  C CB  . ASN A 1 53  ? 0.224   0.666   -21.354 1.00 10.40 ? 1552 ASN A CB  1 
ATOM   324  C CG  . ASN A 1 53  ? -0.764  1.136   -22.390 1.00 16.70 ? 1552 ASN A CG  1 
ATOM   325  O OD1 . ASN A 1 53  ? -1.919  0.746   -22.378 1.00 20.56 ? 1552 ASN A OD1 1 
ATOM   326  N ND2 . ASN A 1 53  ? -0.312  1.993   -23.285 1.00 13.32 ? 1552 ASN A ND2 1 
ATOM   327  N N   . LYS A 1 54  ? -2.144  -1.888  -20.767 1.00 10.37 ? 1553 LYS A N   1 
ATOM   328  C CA  . LYS A 1 54  ? -2.726  -3.153  -21.239 1.00 11.26 ? 1553 LYS A CA  1 
ATOM   329  C C   . LYS A 1 54  ? -2.726  -3.280  -22.750 1.00 10.43 ? 1553 LYS A C   1 
ATOM   330  O O   . LYS A 1 54  ? -2.567  -4.377  -23.319 1.00 7.50  ? 1553 LYS A O   1 
ATOM   331  C CB  . LYS A 1 54  ? -4.154  -3.200  -20.712 1.00 14.22 ? 1553 LYS A CB  1 
ATOM   332  C CG  . LYS A 1 54  ? -4.889  -4.513  -20.902 1.00 28.88 ? 1553 LYS A CG  1 
ATOM   333  C CD  . LYS A 1 54  ? -6.175  -4.458  -20.054 1.00 28.87 ? 1553 LYS A CD  1 
ATOM   334  C CE  . LYS A 1 54  ? -7.228  -5.476  -20.469 1.00 32.64 ? 1553 LYS A CE  1 
ATOM   335  N NZ  . LYS A 1 54  ? -8.381  -5.443  -19.509 1.00 15.91 ? 1553 LYS A NZ  1 
ATOM   336  N N   . LYS A 1 55  ? -2.923  -2.163  -23.448 1.00 9.36  ? 1554 LYS A N   1 
ATOM   337  C CA  . LYS A 1 55  ? -2.902  -2.223  -24.920 1.00 8.85  ? 1554 LYS A CA  1 
ATOM   338  C C   . LYS A 1 55  ? -1.482  -2.396  -25.477 1.00 5.67  ? 1554 LYS A C   1 
ATOM   339  O O   . LYS A 1 55  ? -1.312  -2.970  -26.531 1.00 4.33  ? 1554 LYS A O   1 
ATOM   340  C CB  . LYS A 1 55  ? -3.661  -1.055  -25.573 1.00 20.10 ? 1554 LYS A CB  1 
ATOM   341  C CG  . LYS A 1 55  ? -5.196  -1.332  -25.774 1.00 25.70 ? 1554 LYS A CG  1 
ATOM   342  C CD  . LYS A 1 55  ? -5.499  -2.575  -26.646 1.00 32.46 ? 1554 LYS A CD  1 
ATOM   343  N N   . PHE A 1 56  ? -0.479  -1.986  -24.709 1.00 2.08  ? 1555 PHE A N   1 
ATOM   344  C CA  . PHE A 1 56  ? 0.915   -2.192  -25.068 1.00 10.18 ? 1555 PHE A CA  1 
ATOM   345  C C   . PHE A 1 56  ? 1.344   -3.645  -24.802 1.00 8.83  ? 1555 PHE A C   1 
ATOM   346  O O   . PHE A 1 56  ? 2.019   -4.246  -25.629 1.00 13.22 ? 1555 PHE A O   1 
ATOM   347  C CB  . PHE A 1 56  ? 1.811   -1.181  -24.294 1.00 2.00  ? 1555 PHE A CB  1 
ATOM   348  C CG  . PHE A 1 56  ? 3.243   -1.236  -24.682 1.00 7.53  ? 1555 PHE A CG  1 
ATOM   349  C CD1 . PHE A 1 56  ? 3.620   -1.001  -26.009 1.00 2.11  ? 1555 PHE A CD1 1 
ATOM   350  C CD2 . PHE A 1 56  ? 4.225   -1.502  -23.726 1.00 8.22  ? 1555 PHE A CD2 1 
ATOM   351  C CE1 . PHE A 1 56  ? 4.947   -1.086  -26.382 1.00 6.84  ? 1555 PHE A CE1 1 
ATOM   352  C CE2 . PHE A 1 56  ? 5.581   -1.569  -24.090 1.00 13.09 ? 1555 PHE A CE2 1 
ATOM   353  C CZ  . PHE A 1 56  ? 5.938   -1.387  -25.417 1.00 10.46 ? 1555 PHE A CZ  1 
ATOM   354  N N   . VAL A 1 57  ? 0.955   -4.210  -23.666 1.00 12.73 ? 1556 VAL A N   1 
ATOM   355  C CA  . VAL A 1 57  ? 1.376   -5.581  -23.252 1.00 15.52 ? 1556 VAL A CA  1 
ATOM   356  C C   . VAL A 1 57  ? 0.145   -6.385  -22.769 1.00 16.48 ? 1556 VAL A C   1 
ATOM   357  O O   . VAL A 1 57  ? -0.033  -6.651  -21.561 1.00 9.43  ? 1556 VAL A O   1 
ATOM   358  C CB  . VAL A 1 57  ? 2.458   -5.564  -22.116 1.00 17.30 ? 1556 VAL A CB  1 
ATOM   359  C CG1 . VAL A 1 57  ? 3.034   -6.959  -21.938 1.00 35.38 ? 1556 VAL A CG1 1 
ATOM   360  C CG2 . VAL A 1 57  ? 3.633   -4.589  -22.415 1.00 25.39 ? 1556 VAL A CG2 1 
ATOM   361  N N   . PRO A 1 58  ? -0.736  -6.735  -23.705 1.00 13.17 ? 1557 PRO A N   1 
ATOM   362  C CA  . PRO A 1 58  ? -1.911  -7.520  -23.325 1.00 21.06 ? 1557 PRO A CA  1 
ATOM   363  C C   . PRO A 1 58  ? -1.558  -8.820  -22.575 1.00 14.55 ? 1557 PRO A C   1 
ATOM   364  O O   . PRO A 1 58  ? -2.237  -9.158  -21.601 1.00 16.72 ? 1557 PRO A O   1 
ATOM   365  C CB  . PRO A 1 58  ? -2.592  -7.802  -24.667 1.00 24.46 ? 1557 PRO A CB  1 
ATOM   366  C CG  . PRO A 1 58  ? -1.494  -7.621  -25.696 1.00 19.97 ? 1557 PRO A CG  1 
ATOM   367  C CD  . PRO A 1 58  ? -0.682  -6.506  -25.156 1.00 16.45 ? 1557 PRO A CD  1 
ATOM   368  N N   . ASP A 1 59  ? -0.477  -9.493  -22.982 1.00 15.26 ? 1558 ASP A N   1 
ATOM   369  C CA  . ASP A 1 59  ? 0.017   -10.690 -22.267 1.00 20.18 ? 1558 ASP A CA  1 
ATOM   370  C C   . ASP A 1 59  ? 0.218   -10.449 -20.754 1.00 13.60 ? 1558 ASP A C   1 
ATOM   371  O O   . ASP A 1 59  ? 0.056   -11.377 -19.967 1.00 16.39 ? 1558 ASP A O   1 
ATOM   372  C CB  . ASP A 1 59  ? 1.325   -11.241 -22.889 1.00 19.67 ? 1558 ASP A CB  1 
ATOM   373  C CG  . ASP A 1 59  ? 1.791   -12.563 -22.236 1.00 49.09 ? 1558 ASP A CG  1 
ATOM   374  O OD1 . ASP A 1 59  ? 0.982   -13.544 -22.208 1.00 39.33 ? 1558 ASP A OD1 1 
ATOM   375  O OD2 . ASP A 1 59  ? 2.961   -12.599 -21.740 1.00 37.53 ? 1558 ASP A OD2 1 
ATOM   376  N N   . TYR A 1 60  ? 0.546   -9.231  -20.349 1.00 12.47 ? 1559 TYR A N   1 
ATOM   377  C CA  . TYR A 1 60  ? 0.758   -8.934  -18.932 1.00 15.69 ? 1559 TYR A CA  1 
ATOM   378  C C   . TYR A 1 60  ? -0.488  -9.204  -18.116 1.00 15.05 ? 1559 TYR A C   1 
ATOM   379  O O   . TYR A 1 60  ? -0.432  -9.850  -17.062 1.00 17.54 ? 1559 TYR A O   1 
ATOM   380  C CB  . TYR A 1 60  ? 1.180   -7.483  -18.706 1.00 15.99 ? 1559 TYR A CB  1 
ATOM   381  C CG  . TYR A 1 60  ? 1.613   -7.238  -17.285 1.00 5.64  ? 1559 TYR A CG  1 
ATOM   382  C CD1 . TYR A 1 60  ? 2.888   -7.601  -16.857 1.00 20.50 ? 1559 TYR A CD1 1 
ATOM   383  C CD2 . TYR A 1 60  ? 0.737   -6.673  -16.359 1.00 11.48 ? 1559 TYR A CD2 1 
ATOM   384  C CE1 . TYR A 1 60  ? 3.294   -7.384  -15.557 1.00 15.94 ? 1559 TYR A CE1 1 
ATOM   385  C CE2 . TYR A 1 60  ? 1.124   -6.456  -15.058 1.00 14.51 ? 1559 TYR A CE2 1 
ATOM   386  C CZ  . TYR A 1 60  ? 2.406   -6.812  -14.663 1.00 16.99 ? 1559 TYR A CZ  1 
ATOM   387  O OH  . TYR A 1 60  ? 2.794   -6.616  -13.364 1.00 27.45 ? 1559 TYR A OH  1 
ATOM   388  N N   . TYR A 1 61  ? -1.608  -8.719  -18.622 1.00 13.10 ? 1560 TYR A N   1 
ATOM   389  C CA  . TYR A 1 61  ? -2.848  -8.768  -17.910 1.00 10.79 ? 1560 TYR A CA  1 
ATOM   390  C C   . TYR A 1 61  ? -3.501  -10.137 -17.988 1.00 10.60 ? 1560 TYR A C   1 
ATOM   391  O O   . TYR A 1 61  ? -4.366  -10.437 -17.170 1.00 12.88 ? 1560 TYR A O   1 
ATOM   392  C CB  . TYR A 1 61  ? -3.788  -7.655  -18.404 1.00 11.18 ? 1560 TYR A CB  1 
ATOM   393  C CG  . TYR A 1 61  ? -3.417  -6.314  -17.831 1.00 18.32 ? 1560 TYR A CG  1 
ATOM   394  C CD1 . TYR A 1 61  ? -2.359  -5.588  -18.358 1.00 12.73 ? 1560 TYR A CD1 1 
ATOM   395  C CD2 . TYR A 1 61  ? -4.109  -5.777  -16.723 1.00 16.64 ? 1560 TYR A CD2 1 
ATOM   396  C CE1 . TYR A 1 61  ? -2.009  -4.338  -17.819 1.00 14.37 ? 1560 TYR A CE1 1 
ATOM   397  C CE2 . TYR A 1 61  ? -3.752  -4.539  -16.175 1.00 23.99 ? 1560 TYR A CE2 1 
ATOM   398  C CZ  . TYR A 1 61  ? -2.705  -3.822  -16.739 1.00 11.29 ? 1560 TYR A CZ  1 
ATOM   399  O OH  . TYR A 1 61  ? -2.317  -2.612  -16.201 1.00 15.42 ? 1560 TYR A OH  1 
ATOM   400  N N   . LYS A 1 62  ? -3.110  -10.972 -18.952 1.00 18.90 ? 1561 LYS A N   1 
ATOM   401  C CA  . LYS A 1 62  ? -3.538  -12.382 -18.927 1.00 18.69 ? 1561 LYS A CA  1 
ATOM   402  C C   . LYS A 1 62  ? -2.731  -13.204 -17.904 1.00 16.86 ? 1561 LYS A C   1 
ATOM   403  O O   . LYS A 1 62  ? -3.247  -14.165 -17.359 1.00 19.52 ? 1561 LYS A O   1 
ATOM   404  C CB  . LYS A 1 62  ? -3.424  -13.022 -20.318 1.00 15.40 ? 1561 LYS A CB  1 
ATOM   405  C CG  . LYS A 1 62  ? -4.453  -12.491 -21.327 1.00 22.34 ? 1561 LYS A CG  1 
ATOM   406  C CD  . LYS A 1 62  ? -4.014  -12.770 -22.760 1.00 42.57 ? 1561 LYS A CD  1 
ATOM   407  C CE  . LYS A 1 62  ? -4.875  -12.018 -23.785 1.00 54.58 ? 1561 LYS A CE  1 
ATOM   408  N NZ  . LYS A 1 62  ? -6.338  -12.300 -23.625 1.00 54.57 ? 1561 LYS A NZ  1 
ATOM   409  N N   . MET A 1 63  ? -1.458  -12.844 -17.697 1.00 15.35 ? 1562 MET A N   1 
ATOM   410  C CA  . MET A 1 63  ? -0.546  -13.600 -16.815 1.00 14.12 ? 1562 MET A CA  1 
ATOM   411  C C   . MET A 1 63  ? -0.736  -13.167 -15.362 1.00 17.22 ? 1562 MET A C   1 
ATOM   412  O O   . MET A 1 63  ? -0.747  -14.005 -14.450 1.00 14.90 ? 1562 MET A O   1 
ATOM   413  C CB  A MET A 1 63  ? 0.924   -13.359 -17.213 0.50 15.35 ? 1562 MET A CB  1 
ATOM   414  C CB  B MET A 1 63  ? 0.921   -13.475 -17.261 0.50 14.19 ? 1562 MET A CB  1 
ATOM   415  C CG  A MET A 1 63  ? 1.842   -14.597 -17.167 0.50 28.58 ? 1562 MET A CG  1 
ATOM   416  C CG  B MET A 1 63  ? 1.326   -14.278 -18.555 0.50 9.87  ? 1562 MET A CG  1 
ATOM   417  S SD  A MET A 1 63  ? 3.560   -14.246 -16.697 0.50 28.51 ? 1562 MET A SD  1 
ATOM   418  S SD  B MET A 1 63  ? 0.790   -16.013 -18.692 0.50 33.51 ? 1562 MET A SD  1 
ATOM   419  C CE  A MET A 1 63  ? 4.466   -14.970 -18.062 0.50 20.07 ? 1562 MET A CE  1 
ATOM   420  C CE  B MET A 1 63  ? -0.765  -15.867 -19.582 0.50 40.67 ? 1562 MET A CE  1 
ATOM   421  N N   . ILE A 1 64  ? -0.907  -11.860 -15.158 1.00 12.65 ? 1563 ILE A N   1 
ATOM   422  C CA  . ILE A 1 64  ? -0.944  -11.260 -13.835 1.00 11.07 ? 1563 ILE A CA  1 
ATOM   423  C C   . ILE A 1 64  ? -2.373  -10.853 -13.431 1.00 15.35 ? 1563 ILE A C   1 
ATOM   424  O O   . ILE A 1 64  ? -2.904  -9.842  -13.880 1.00 19.18 ? 1563 ILE A O   1 
ATOM   425  C CB  . ILE A 1 64  ? 0.008   -10.071 -13.766 1.00 11.19 ? 1563 ILE A CB  1 
ATOM   426  C CG1 . ILE A 1 64  ? 1.440   -10.497 -14.143 1.00 21.49 ? 1563 ILE A CG1 1 
ATOM   427  C CG2 . ILE A 1 64  ? -0.027  -9.404  -12.380 1.00 11.03 ? 1563 ILE A CG2 1 
ATOM   428  C CD1 . ILE A 1 64  ? 2.022   -11.622 -13.263 1.00 13.66 ? 1563 ILE A CD1 1 
ATOM   429  N N   . VAL A 1 65  ? -2.967  -11.639 -12.536 1.00 16.99 ? 1564 VAL A N   1 
ATOM   430  C CA  . VAL A 1 65  ? -4.354  -11.445 -12.092 1.00 17.35 ? 1564 VAL A CA  1 
ATOM   431  C C   . VAL A 1 65  ? -4.541  -10.195 -11.245 1.00 17.59 ? 1564 VAL A C   1 
ATOM   432  O O   . VAL A 1 65  ? -5.584  -9.558  -11.351 1.00 20.35 ? 1564 VAL A O   1 
ATOM   433  C CB  . VAL A 1 65  ? -4.883  -12.671 -11.311 1.00 13.19 ? 1564 VAL A CB  1 
ATOM   434  C CG1 . VAL A 1 65  ? -6.193  -12.337 -10.579 1.00 26.58 ? 1564 VAL A CG1 1 
ATOM   435  C CG2 . VAL A 1 65  ? -5.102  -13.813 -12.246 1.00 12.52 ? 1564 VAL A CG2 1 
ATOM   436  N N   . ASN A 1 66  ? -3.544  -9.834  -10.427 1.00 17.05 ? 1565 ASN A N   1 
ATOM   437  C CA  . ASN A 1 66  ? -3.645  -8.662  -9.523  1.00 14.17 ? 1565 ASN A CA  1 
ATOM   438  C C   . ASN A 1 66  ? -2.493  -7.668  -9.693  1.00 14.10 ? 1565 ASN A C   1 
ATOM   439  O O   . ASN A 1 66  ? -1.549  -7.621  -8.878  1.00 13.33 ? 1565 ASN A O   1 
ATOM   440  C CB  . ASN A 1 66  ? -3.746  -9.116  -8.047  1.00 16.54 ? 1565 ASN A CB  1 
ATOM   441  C CG  . ASN A 1 66  ? -5.070  -9.807  -7.726  1.00 22.32 ? 1565 ASN A CG  1 
ATOM   442  O OD1 . ASN A 1 66  ? -5.095  -10.993 -7.402  1.00 18.79 ? 1565 ASN A OD1 1 
ATOM   443  N ND2 . ASN A 1 66  ? -6.178  -9.065  -7.817  1.00 18.38 ? 1565 ASN A ND2 1 
ATOM   444  N N   . PRO A 1 67  ? -2.522  -6.895  -10.791 1.00 15.30 ? 1566 PRO A N   1 
ATOM   445  C CA  . PRO A 1 67  ? -1.448  -5.932  -11.009 1.00 16.79 ? 1566 PRO A CA  1 
ATOM   446  C C   . PRO A 1 67  ? -1.483  -4.839  -9.956  1.00 15.73 ? 1566 PRO A C   1 
ATOM   447  O O   . PRO A 1 67  ? -2.552  -4.458  -9.481  1.00 15.33 ? 1566 PRO A O   1 
ATOM   448  C CB  . PRO A 1 67  ? -1.748  -5.357  -12.415 1.00 19.21 ? 1566 PRO A CB  1 
ATOM   449  C CG  . PRO A 1 67  ? -2.638  -6.389  -13.047 1.00 10.97 ? 1566 PRO A CG  1 
ATOM   450  C CD  . PRO A 1 67  ? -3.432  -6.974  -11.950 1.00 11.22 ? 1566 PRO A CD  1 
ATOM   451  N N   . VAL A 1 68  ? -0.299  -4.396  -9.573  1.00 15.80 ? 1567 VAL A N   1 
ATOM   452  C CA  . VAL A 1 68  ? -0.124  -3.365  -8.572  1.00 15.12 ? 1567 VAL A CA  1 
ATOM   453  C C   . VAL A 1 68  ? 1.092   -2.549  -9.018  1.00 16.80 ? 1567 VAL A C   1 
ATOM   454  O O   . VAL A 1 68  ? 2.001   -3.079  -9.647  1.00 19.93 ? 1567 VAL A O   1 
ATOM   455  C CB  . VAL A 1 68  ? 0.139   -3.971  -7.203  1.00 21.25 ? 1567 VAL A CB  1 
ATOM   456  C CG1 . VAL A 1 68  ? 0.555   -2.890  -6.236  1.00 31.31 ? 1567 VAL A CG1 1 
ATOM   457  C CG2 . VAL A 1 68  ? -1.068  -4.691  -6.714  1.00 17.30 ? 1567 VAL A CG2 1 
ATOM   458  N N   . ASP A 1 69  ? 1.071   -1.254  -8.751  1.00 13.20 ? 1568 ASP A N   1 
ATOM   459  C CA  . ASP A 1 69  ? 2.216   -0.371  -8.998  1.00 13.60 ? 1568 ASP A CA  1 
ATOM   460  C C   . ASP A 1 69  ? 2.131   0.730   -7.932  1.00 13.67 ? 1568 ASP A C   1 
ATOM   461  O O   . ASP A 1 69  ? 1.131   0.826   -7.227  1.00 10.14 ? 1568 ASP A O   1 
ATOM   462  C CB  . ASP A 1 69  ? 2.061   0.210   -10.408 1.00 6.75  ? 1568 ASP A CB  1 
ATOM   463  C CG  . ASP A 1 69  ? 0.779   0.974   -10.533 1.00 16.73 ? 1568 ASP A CG  1 
ATOM   464  O OD1 . ASP A 1 69  ? -0.299  0.356   -10.801 1.00 14.73 ? 1568 ASP A OD1 1 
ATOM   465  O OD2 . ASP A 1 69  ? 0.805   2.183   -10.229 1.00 16.57 ? 1568 ASP A OD2 1 
ATOM   466  N N   . LEU A 1 70  ? 3.129   1.599   -7.859  1.00 11.62 ? 1569 LEU A N   1 
ATOM   467  C CA  . LEU A 1 70  ? 3.173   2.573   -6.778  1.00 14.23 ? 1569 LEU A CA  1 
ATOM   468  C C   . LEU A 1 70  ? 2.097   3.659   -6.879  1.00 18.99 ? 1569 LEU A C   1 
ATOM   469  O O   . LEU A 1 70  ? 1.553   4.082   -5.879  1.00 14.81 ? 1569 LEU A O   1 
ATOM   470  C CB  . LEU A 1 70  ? 4.563   3.191   -6.655  1.00 15.36 ? 1569 LEU A CB  1 
ATOM   471  C CG  . LEU A 1 70  ? 5.636   2.149   -6.315  1.00 12.19 ? 1569 LEU A CG  1 
ATOM   472  C CD1 . LEU A 1 70  ? 7.026   2.724   -6.342  1.00 14.43 ? 1569 LEU A CD1 1 
ATOM   473  C CD2 . LEU A 1 70  ? 5.405   1.522   -4.955  1.00 17.69 ? 1569 LEU A CD2 1 
ATOM   474  N N   . GLU A 1 71  ? 1.745   4.064   -8.084  1.00 15.62 ? 1570 GLU A N   1 
ATOM   475  C CA  . GLU A 1 71  ? 0.681   5.021   -8.246  1.00 14.53 ? 1570 GLU A CA  1 
ATOM   476  C C   . GLU A 1 71  ? -0.616  4.446   -7.721  1.00 13.50 ? 1570 GLU A C   1 
ATOM   477  O O   . GLU A 1 71  ? -1.425  5.151   -7.074  1.00 11.33 ? 1570 GLU A O   1 
ATOM   478  C CB  . GLU A 1 71  ? 0.508   5.387   -9.736  1.00 15.94 ? 1570 GLU A CB  1 
ATOM   479  C CG  . GLU A 1 71  ? -0.526  6.489   -10.031 1.00 18.34 ? 1570 GLU A CG  1 
ATOM   480  C CD  . GLU A 1 71  ? -0.979  6.546   -11.536 1.00 31.47 ? 1570 GLU A CD  1 
ATOM   481  O OE1 . GLU A 1 71  ? -0.173  6.305   -12.478 1.00 21.37 ? 1570 GLU A OE1 1 
ATOM   482  O OE2 . GLU A 1 71  ? -2.162  6.842   -11.774 1.00 34.77 ? 1570 GLU A OE2 1 
ATOM   483  N N   . THR A 1 72  ? -0.888  3.207   -8.114  1.00 13.92 ? 1571 THR A N   1 
ATOM   484  C CA  . THR A 1 72  ? -2.112  2.544   -7.702  1.00 14.50 ? 1571 THR A CA  1 
ATOM   485  C C   . THR A 1 72  ? -2.157  2.378   -6.187  1.00 13.00 ? 1571 THR A C   1 
ATOM   486  O O   . THR A 1 72  ? -3.212  2.541   -5.587  1.00 16.47 ? 1571 THR A O   1 
ATOM   487  C CB  . THR A 1 72  ? -2.280  1.166   -8.390  1.00 18.77 ? 1571 THR A CB  1 
ATOM   488  O OG1 . THR A 1 72  ? -2.307  1.348   -9.808  1.00 9.49  ? 1571 THR A OG1 1 
ATOM   489  C CG2 . THR A 1 72  ? -3.552  0.454   -7.943  1.00 13.72 ? 1571 THR A CG2 1 
ATOM   490  N N   . ILE A 1 73  ? -1.033  2.034   -5.563  1.00 13.66 ? 1572 ILE A N   1 
ATOM   491  C CA  . ILE A 1 73  ? -1.004  1.962   -4.089  1.00 9.89  ? 1572 ILE A CA  1 
ATOM   492  C C   . ILE A 1 73  ? -1.299  3.336   -3.463  1.00 13.09 ? 1572 ILE A C   1 
ATOM   493  O O   . ILE A 1 73  ? -2.066  3.428   -2.512  1.00 11.25 ? 1572 ILE A O   1 
ATOM   494  C CB  . ILE A 1 73  ? 0.321   1.404   -3.584  1.00 14.15 ? 1572 ILE A CB  1 
ATOM   495  C CG1 . ILE A 1 73  ? 0.443   -0.073  -4.026  1.00 14.42 ? 1572 ILE A CG1 1 
ATOM   496  C CG2 . ILE A 1 73  ? 0.412   1.532   -2.044  1.00 15.49 ? 1572 ILE A CG2 1 
ATOM   497  C CD1 . ILE A 1 73  ? 1.714   -0.797  -3.612  1.00 13.87 ? 1572 ILE A CD1 1 
ATOM   498  N N   . ARG A 1 74  ? -0.738  4.422   -4.006  1.00 14.96 ? 1573 ARG A N   1 
ATOM   499  C CA  . ARG A 1 74  ? -1.092  5.774   -3.493  1.00 13.73 ? 1573 ARG A CA  1 
ATOM   500  C C   . ARG A 1 74  ? -2.574  6.152   -3.661  1.00 17.60 ? 1573 ARG A C   1 
ATOM   501  O O   . ARG A 1 74  ? -3.180  6.803   -2.773  1.00 12.90 ? 1573 ARG A O   1 
ATOM   502  C CB  . ARG A 1 74  ? -0.234  6.861   -4.122  1.00 13.52 ? 1573 ARG A CB  1 
ATOM   503  C CG  . ARG A 1 74  ? 1.229   6.755   -3.739  1.00 17.04 ? 1573 ARG A CG  1 
ATOM   504  C CD  . ARG A 1 74  ? 1.979   7.981   -4.286  1.00 19.29 ? 1573 ARG A CD  1 
ATOM   505  N NE  . ARG A 1 74  ? 1.561   9.185   -3.577  1.00 14.74 ? 1573 ARG A NE  1 
ATOM   506  C CZ  . ARG A 1 74  ? 1.649   10.419  -4.075  1.00 24.18 ? 1573 ARG A CZ  1 
ATOM   507  N NH1 . ARG A 1 74  ? 2.152   10.648  -5.297  1.00 29.39 ? 1573 ARG A NH1 1 
ATOM   508  N NH2 . ARG A 1 74  ? 1.222   11.428  -3.347  1.00 18.55 ? 1573 ARG A NH2 1 
ATOM   509  N N   . LYS A 1 75  ? -3.162  5.789   -4.800  1.00 16.01 ? 1574 LYS A N   1 
ATOM   510  C CA  . LYS A 1 75  ? -4.602  5.934   -4.983  1.00 15.80 ? 1574 LYS A CA  1 
ATOM   511  C C   . LYS A 1 75  ? -5.394  5.149   -3.941  1.00 19.24 ? 1574 LYS A C   1 
ATOM   512  O O   . LYS A 1 75  ? -6.363  5.644   -3.368  1.00 16.98 ? 1574 LYS A O   1 
ATOM   513  C CB  . LYS A 1 75  ? -5.030  5.460   -6.365  1.00 14.32 ? 1574 LYS A CB  1 
ATOM   514  C CG  . LYS A 1 75  ? -5.308  6.551   -7.356  1.00 31.07 ? 1574 LYS A CG  1 
ATOM   515  C CD  . LYS A 1 75  ? -4.079  7.433   -7.627  1.00 43.08 ? 1574 LYS A CD  1 
ATOM   516  C CE  . LYS A 1 75  ? -4.047  7.949   -9.103  1.00 46.77 ? 1574 LYS A CE  1 
ATOM   517  N NZ  . LYS A 1 75  ? -5.112  8.942   -9.415  1.00 56.57 ? 1574 LYS A NZ  1 
ATOM   518  N N   . ASN A 1 76  ? -5.003  3.903   -3.734  1.00 13.95 ? 1575 ASN A N   1 
ATOM   519  C CA  . ASN A 1 76  ? -5.617  3.080   -2.702  1.00 16.88 ? 1575 ASN A CA  1 
ATOM   520  C C   . ASN A 1 76  ? -5.482  3.699   -1.288  1.00 14.99 ? 1575 ASN A C   1 
ATOM   521  O O   . ASN A 1 76  ? -6.411  3.630   -0.480  1.00 11.53 ? 1575 ASN A O   1 
ATOM   522  C CB  . ASN A 1 76  ? -5.010  1.687   -2.704  1.00 15.52 ? 1575 ASN A CB  1 
ATOM   523  C CG  . ASN A 1 76  ? -5.414  0.857   -3.918  1.00 12.89 ? 1575 ASN A CG  1 
ATOM   524  O OD1 . ASN A 1 76  ? -6.417  1.115   -4.565  1.00 16.68 ? 1575 ASN A OD1 1 
ATOM   525  N ND2 . ASN A 1 76  ? -4.633  -0.176  -4.195  1.00 12.26 ? 1575 ASN A ND2 1 
ATOM   526  N N   . ILE A 1 77  ? -4.317  4.255   -0.994  1.00 16.43 ? 1576 ILE A N   1 
ATOM   527  C CA  . ILE A 1 77  ? -4.109  4.999   0.241   1.00 14.56 ? 1576 ILE A CA  1 
ATOM   528  C C   . ILE A 1 77  ? -5.071  6.193   0.290   1.00 18.24 ? 1576 ILE A C   1 
ATOM   529  O O   . ILE A 1 77  ? -5.740  6.388   1.298   1.00 14.42 ? 1576 ILE A O   1 
ATOM   530  C CB  . ILE A 1 77  ? -2.640  5.465   0.401   1.00 14.60 ? 1576 ILE A CB  1 
ATOM   531  C CG1 . ILE A 1 77  ? -1.737  4.263   0.687   1.00 16.83 ? 1576 ILE A CG1 1 
ATOM   532  C CG2 . ILE A 1 77  ? -2.478  6.487   1.532   1.00 11.13 ? 1576 ILE A CG2 1 
ATOM   533  C CD1 . ILE A 1 77  ? -0.200  4.580   0.427   1.00 9.74  ? 1576 ILE A CD1 1 
ATOM   534  N N   . SER A 1 78  ? -5.185  6.983   -0.782  1.00 13.00 ? 1577 SER A N   1 
ATOM   535  C CA  . SER A 1 78  ? -6.136  8.099   -0.745  1.00 14.86 ? 1577 SER A CA  1 
ATOM   536  C C   . SER A 1 78  ? -7.623  7.691   -0.687  1.00 13.99 ? 1577 SER A C   1 
ATOM   537  O O   . SER A 1 78  ? -8.446  8.510   -0.333  1.00 20.23 ? 1577 SER A O   1 
ATOM   538  C CB  . SER A 1 78  ? -5.933  9.036   -1.926  1.00 23.40 ? 1577 SER A CB  1 
ATOM   539  O OG  . SER A 1 78  ? -6.469  8.441   -3.081  1.00 29.12 ? 1577 SER A OG  1 
ATOM   540  N N   . LYS A 1 79  ? -7.956  6.449   -1.055  1.00 16.81 ? 1578 LYS A N   1 
ATOM   541  C CA  . LYS A 1 79  ? -9.320  5.885   -0.894  1.00 18.06 ? 1578 LYS A CA  1 
ATOM   542  C C   . LYS A 1 79  ? -9.501  5.132   0.422   1.00 16.66 ? 1578 LYS A C   1 
ATOM   543  O O   . LYS A 1 79  ? -10.547 4.515   0.673   1.00 16.13 ? 1578 LYS A O   1 
ATOM   544  C CB  . LYS A 1 79  ? -9.629  4.913   -2.034  1.00 14.57 ? 1578 LYS A CB  1 
ATOM   545  C CG  . LYS A 1 79  ? -9.657  5.561   -3.410  1.00 31.48 ? 1578 LYS A CG  1 
ATOM   546  C CD  . LYS A 1 79  ? -9.586  4.517   -4.541  1.00 34.94 ? 1578 LYS A CD  1 
ATOM   547  C CE  . LYS A 1 79  ? -10.840 3.652   -4.630  1.00 49.78 ? 1578 LYS A CE  1 
ATOM   548  N NZ  . LYS A 1 79  ? -11.086 3.116   -6.021  1.00 34.72 ? 1578 LYS A NZ  1 
ATOM   549  N N   . HIS A 1 80  ? -8.452  5.157   1.242   1.00 18.14 ? 1579 HIS A N   1 
ATOM   550  C CA  . HIS A 1 80  ? -8.420  4.536   2.551   1.00 19.18 ? 1579 HIS A CA  1 
ATOM   551  C C   . HIS A 1 80  ? -8.624  3.046   2.473   1.00 16.45 ? 1579 HIS A C   1 
ATOM   552  O O   . HIS A 1 80  ? -9.224  2.455   3.365   1.00 13.33 ? 1579 HIS A O   1 
ATOM   553  C CB  . HIS A 1 80  ? -9.397  5.234   3.496   1.00 16.74 ? 1579 HIS A CB  1 
ATOM   554  C CG  . HIS A 1 80  ? -9.280  6.717   3.425   1.00 13.38 ? 1579 HIS A CG  1 
ATOM   555  N ND1 . HIS A 1 80  ? -8.182  7.389   3.916   1.00 16.30 ? 1579 HIS A ND1 1 
ATOM   556  C CD2 . HIS A 1 80  ? -10.032 7.642   2.789   1.00 18.37 ? 1579 HIS A CD2 1 
ATOM   557  C CE1 . HIS A 1 80  ? -8.312  8.678   3.675   1.00 14.59 ? 1579 HIS A CE1 1 
ATOM   558  N NE2 . HIS A 1 80  ? -9.419  8.856   2.980   1.00 10.88 ? 1579 HIS A NE2 1 
ATOM   559  N N   . LYS A 1 81  ? -8.066  2.425   1.436   1.00 17.77 ? 1580 LYS A N   1 
ATOM   560  C CA  . LYS A 1 81  ? -8.143  0.961   1.314   1.00 18.57 ? 1580 LYS A CA  1 
ATOM   561  C C   . LYS A 1 81  ? -7.499  0.228   2.513   1.00 18.23 ? 1580 LYS A C   1 
ATOM   562  O O   . LYS A 1 81  ? -7.945  -0.853  2.925   1.00 16.71 ? 1580 LYS A O   1 
ATOM   563  C CB  . LYS A 1 81  ? -7.406  0.492   0.036   1.00 14.50 ? 1580 LYS A CB  1 
ATOM   564  C CG  . LYS A 1 81  ? -7.324  -1.054  -0.094  1.00 23.80 ? 1580 LYS A CG  1 
ATOM   565  C CD  . LYS A 1 81  ? -6.779  -1.544  -1.453  1.00 21.76 ? 1580 LYS A CD  1 
ATOM   566  C CE  . LYS A 1 81  ? -6.721  -3.097  -1.500  1.00 29.91 ? 1580 LYS A CE  1 
ATOM   567  N NZ  . LYS A 1 81  ? -6.110  -3.591  -2.776  1.00 16.40 ? 1580 LYS A NZ  1 
ATOM   568  N N   . TYR A 1 82  ? -6.378  0.779   2.988   1.00 14.89 ? 1581 TYR A N   1 
ATOM   569  C CA  . TYR A 1 82  ? -5.565  0.123   3.992   1.00 13.32 ? 1581 TYR A CA  1 
ATOM   570  C C   . TYR A 1 82  ? -5.841  0.653   5.393   1.00 15.35 ? 1581 TYR A C   1 
ATOM   571  O O   . TYR A 1 82  ? -5.598  1.833   5.667   1.00 14.55 ? 1581 TYR A O   1 
ATOM   572  C CB  . TYR A 1 82  ? -4.093  0.347   3.647   1.00 12.34 ? 1581 TYR A CB  1 
ATOM   573  C CG  . TYR A 1 82  ? -3.734  0.057   2.217   1.00 15.55 ? 1581 TYR A CG  1 
ATOM   574  C CD1 . TYR A 1 82  ? -3.920  -1.216  1.657   1.00 16.31 ? 1581 TYR A CD1 1 
ATOM   575  C CD2 . TYR A 1 82  ? -3.233  1.058   1.396   1.00 16.91 ? 1581 TYR A CD2 1 
ATOM   576  C CE1 . TYR A 1 82  ? -3.567  -1.464  0.318   1.00 16.23 ? 1581 TYR A CE1 1 
ATOM   577  C CE2 . TYR A 1 82  ? -2.874  0.800   0.072   1.00 14.54 ? 1581 TYR A CE2 1 
ATOM   578  C CZ  . TYR A 1 82  ? -3.024  -0.447  -0.450  1.00 13.28 ? 1581 TYR A CZ  1 
ATOM   579  O OH  . TYR A 1 82  ? -2.695  -0.640  -1.778  1.00 11.15 ? 1581 TYR A OH  1 
ATOM   580  N N   . GLN A 1 83  ? -6.343  -0.214  6.265   1.00 16.04 ? 1582 GLN A N   1 
ATOM   581  C CA  . GLN A 1 83  ? -6.583  0.130   7.671   1.00 16.81 ? 1582 GLN A CA  1 
ATOM   582  C C   . GLN A 1 83  ? -5.559  -0.524  8.597   1.00 22.28 ? 1582 GLN A C   1 
ATOM   583  O O   . GLN A 1 83  ? -5.627  -0.385  9.830   1.00 23.55 ? 1582 GLN A O   1 
ATOM   584  C CB  . GLN A 1 83  ? -7.973  -0.313  8.065   1.00 20.40 ? 1582 GLN A CB  1 
ATOM   585  C CG  . GLN A 1 83  ? -9.045  0.495   7.380   1.00 19.43 ? 1582 GLN A CG  1 
ATOM   586  C CD  . GLN A 1 83  ? -10.417 0.101   7.853   1.00 49.04 ? 1582 GLN A CD  1 
ATOM   587  O OE1 . GLN A 1 83  ? -10.600 -0.532  8.928   1.00 33.64 ? 1582 GLN A OE1 1 
ATOM   588  N NE2 . GLN A 1 83  ? -11.408 0.468   7.058   1.00 28.94 ? 1582 GLN A NE2 1 
ATOM   589  N N   . SER A 1 84  ? -4.601  -1.224  7.990   1.00 20.08 ? 1583 SER A N   1 
ATOM   590  C CA  . SER A 1 84  ? -3.568  -1.901  8.749   1.00 23.29 ? 1583 SER A CA  1 
ATOM   591  C C   . SER A 1 84  ? -2.388  -2.137  7.824   1.00 15.51 ? 1583 SER A C   1 
ATOM   592  O O   . SER A 1 84  ? -2.487  -2.036  6.605   1.00 18.15 ? 1583 SER A O   1 
ATOM   593  C CB  . SER A 1 84  ? -4.094  -3.222  9.328   1.00 25.87 ? 1583 SER A CB  1 
ATOM   594  O OG  . SER A 1 84  ? -4.100  -4.257  8.344   1.00 30.71 ? 1583 SER A OG  1 
ATOM   595  N N   . ARG A 1 85  ? -1.244  -2.381  8.427   1.00 16.36 ? 1584 ARG A N   1 
ATOM   596  C CA  . ARG A 1 85  ? -0.024  -2.553  7.661   1.00 25.10 ? 1584 ARG A CA  1 
ATOM   597  C C   . ARG A 1 85  ? -0.074  -3.825  6.849   1.00 24.81 ? 1584 ARG A C   1 
ATOM   598  O O   . ARG A 1 85  ? 0.516   -3.848  5.791   1.00 25.56 ? 1584 ARG A O   1 
ATOM   599  C CB  . ARG A 1 85  ? 1.216   -2.500  8.547   1.00 18.11 ? 1584 ARG A CB  1 
ATOM   600  C CG  . ARG A 1 85  ? 1.473   -3.724  9.316   1.00 27.38 ? 1584 ARG A CG  1 
ATOM   601  C CD  . ARG A 1 85  ? 2.516   -3.424  10.371  1.00 45.96 ? 1584 ARG A CD  1 
ATOM   602  N NE  . ARG A 1 85  ? 1.900   -2.785  11.521  1.00 38.36 ? 1584 ARG A NE  1 
ATOM   603  C CZ  . ARG A 1 85  ? 2.528   -2.543  12.663  1.00 42.69 ? 1584 ARG A CZ  1 
ATOM   604  N NH1 . ARG A 1 85  ? 1.872   -1.980  13.671  1.00 29.39 ? 1584 ARG A NH1 1 
ATOM   605  N NH2 . ARG A 1 85  ? 3.805   -2.869  12.801  1.00 50.10 ? 1584 ARG A NH2 1 
ATOM   606  N N   . GLU A 1 86  ? -0.805  -4.849  7.322   1.00 18.51 ? 1585 GLU A N   1 
ATOM   607  C CA  . GLU A 1 86  ? -0.959  -6.123  6.603   1.00 22.78 ? 1585 GLU A CA  1 
ATOM   608  C C   . GLU A 1 86  ? -1.484  -5.942  5.187   1.00 17.56 ? 1585 GLU A C   1 
ATOM   609  O O   . GLU A 1 86  ? -0.871  -6.445  4.256   1.00 15.75 ? 1585 GLU A O   1 
ATOM   610  C CB  . GLU A 1 86  ? -1.883  -7.124  7.337   1.00 26.19 ? 1585 GLU A CB  1 
ATOM   611  C CG  . GLU A 1 86  ? -2.165  -8.455  6.545   1.00 35.38 ? 1585 GLU A CG  1 
ATOM   612  C CD  . GLU A 1 86  ? -3.625  -8.951  6.635   1.00 50.86 ? 1585 GLU A CD  1 
ATOM   613  O OE1 . GLU A 1 86  ? -4.542  -8.271  6.128   1.00 57.28 ? 1585 GLU A OE1 1 
ATOM   614  O OE2 . GLU A 1 86  ? -3.861  -10.040 7.193   1.00 27.44 ? 1585 GLU A OE2 1 
ATOM   615  N N   . SER A 1 87  ? -2.635  -5.298  5.024   1.00 15.75 ? 1586 SER A N   1 
ATOM   616  C CA  . SER A 1 87  ? -3.203  -5.142  3.682   1.00 20.92 ? 1586 SER A CA  1 
ATOM   617  C C   . SER A 1 87  ? -2.285  -4.285  2.790   1.00 16.85 ? 1586 SER A C   1 
ATOM   618  O O   . SER A 1 87  ? -2.155  -4.564  1.606   1.00 22.50 ? 1586 SER A O   1 
ATOM   619  C CB  . SER A 1 87  ? -4.599  -4.540  3.725   1.00 19.51 ? 1586 SER A CB  1 
ATOM   620  O OG  . SER A 1 87  ? -4.539  -3.328  4.425   1.00 31.28 ? 1586 SER A OG  1 
ATOM   621  N N   . PHE A 1 88  ? -1.645  -3.275  3.375   1.00 16.11 ? 1587 PHE A N   1 
ATOM   622  C CA  . PHE A 1 88  ? -0.685  -2.432  2.662   1.00 22.82 ? 1587 PHE A CA  1 
ATOM   623  C C   . PHE A 1 88  ? 0.477   -3.310  2.181   1.00 14.69 ? 1587 PHE A C   1 
ATOM   624  O O   . PHE A 1 88  ? 0.779   -3.328  1.002   1.00 16.12 ? 1587 PHE A O   1 
ATOM   625  C CB  . PHE A 1 88  ? -0.177  -1.299  3.584   1.00 16.37 ? 1587 PHE A CB  1 
ATOM   626  C CG  . PHE A 1 88  ? 0.959   -0.457  3.007   1.00 6.17  ? 1587 PHE A CG  1 
ATOM   627  C CD1 . PHE A 1 88  ? 0.751   0.409   1.927   1.00 12.59 ? 1587 PHE A CD1 1 
ATOM   628  C CD2 . PHE A 1 88  ? 2.205   -0.460  3.616   1.00 13.11 ? 1587 PHE A CD2 1 
ATOM   629  C CE1 . PHE A 1 88  ? 1.784   1.207   1.447   1.00 11.48 ? 1587 PHE A CE1 1 
ATOM   630  C CE2 . PHE A 1 88  ? 3.253   0.329   3.153   1.00 11.38 ? 1587 PHE A CE2 1 
ATOM   631  C CZ  . PHE A 1 88  ? 3.047   1.190   2.076   1.00 9.82  ? 1587 PHE A CZ  1 
ATOM   632  N N   . LEU A 1 89  ? 1.092   -4.033  3.116   1.00 16.11 ? 1588 LEU A N   1 
ATOM   633  C CA  . LEU A 1 89  ? 2.274   -4.822  2.852   1.00 17.12 ? 1588 LEU A CA  1 
ATOM   634  C C   . LEU A 1 89  ? 1.967   -5.962  1.864   1.00 18.74 ? 1588 LEU A C   1 
ATOM   635  O O   . LEU A 1 89  ? 2.848   -6.372  1.105   1.00 16.59 ? 1588 LEU A O   1 
ATOM   636  C CB  . LEU A 1 89  ? 2.884   -5.350  4.138   1.00 23.48 ? 1588 LEU A CB  1 
ATOM   637  C CG  . LEU A 1 89  ? 3.683   -4.429  5.068   1.00 29.59 ? 1588 LEU A CG  1 
ATOM   638  C CD1 . LEU A 1 89  ? 4.129   -5.232  6.308   1.00 14.95 ? 1588 LEU A CD1 1 
ATOM   639  C CD2 . LEU A 1 89  ? 4.885   -3.838  4.352   1.00 26.76 ? 1588 LEU A CD2 1 
ATOM   640  N N   . ASP A 1 90  ? 0.718   -6.431  1.830   1.00 20.24 ? 1589 ASP A N   1 
ATOM   641  C CA  . ASP A 1 90  ? 0.357   -7.445  0.869   1.00 20.49 ? 1589 ASP A CA  1 
ATOM   642  C C   . ASP A 1 90  ? 0.379   -6.853  -0.537  1.00 27.11 ? 1589 ASP A C   1 
ATOM   643  O O   . ASP A 1 90  ? 0.906   -7.489  -1.437  1.00 19.09 ? 1589 ASP A O   1 
ATOM   644  C CB  . ASP A 1 90  ? -0.999  -8.050  1.188   1.00 22.36 ? 1589 ASP A CB  1 
ATOM   645  C CG  . ASP A 1 90  ? -0.938  -9.056  2.331   1.00 28.03 ? 1589 ASP A CG  1 
ATOM   646  O OD1 . ASP A 1 90  ? 0.148   -9.352  2.920   1.00 29.47 ? 1589 ASP A OD1 1 
ATOM   647  O OD2 . ASP A 1 90  ? -2.023  -9.540  2.647   1.00 34.28 ? 1589 ASP A OD2 1 
ATOM   648  N N   . ASP A 1 91  ? -0.137  -5.631  -0.726  1.00 19.62 ? 1590 ASP A N   1 
ATOM   649  C CA  . ASP A 1 91  ? -0.075  -5.011  -2.055  1.00 16.81 ? 1590 ASP A CA  1 
ATOM   650  C C   . ASP A 1 91  ? 1.373   -4.704  -2.482  1.00 19.17 ? 1590 ASP A C   1 
ATOM   651  O O   . ASP A 1 91  ? 1.734   -4.914  -3.659  1.00 14.32 ? 1590 ASP A O   1 
ATOM   652  C CB  . ASP A 1 91  ? -0.949  -3.770  -2.157  1.00 21.48 ? 1590 ASP A CB  1 
ATOM   653  C CG  . ASP A 1 91  ? -2.352  -4.092  -2.603  1.00 26.39 ? 1590 ASP A CG  1 
ATOM   654  O OD1 . ASP A 1 91  ? -2.605  -5.261  -2.939  1.00 20.98 ? 1590 ASP A OD1 1 
ATOM   655  O OD2 . ASP A 1 91  ? -3.193  -3.179  -2.619  1.00 19.10 ? 1590 ASP A OD2 1 
ATOM   656  N N   . VAL A 1 92  ? 2.196   -4.248  -1.532  1.00 11.72 ? 1591 VAL A N   1 
ATOM   657  C CA  . VAL A 1 92  ? 3.589   -3.951  -1.791  1.00 11.16 ? 1591 VAL A CA  1 
ATOM   658  C C   . VAL A 1 92  ? 4.319   -5.239  -2.243  1.00 13.89 ? 1591 VAL A C   1 
ATOM   659  O O   . VAL A 1 92  ? 5.037   -5.249  -3.261  1.00 9.51  ? 1591 VAL A O   1 
ATOM   660  C CB  . VAL A 1 92  ? 4.248   -3.298  -0.564  1.00 14.26 ? 1591 VAL A CB  1 
ATOM   661  C CG1 . VAL A 1 92  ? 5.746   -3.229  -0.724  1.00 10.98 ? 1591 VAL A CG1 1 
ATOM   662  C CG2 . VAL A 1 92  ? 3.680   -1.902  -0.341  1.00 9.81  ? 1591 VAL A CG2 1 
ATOM   663  N N   . ASN A 1 93  ? 4.082   -6.336  -1.537  1.00 15.88 ? 1592 ASN A N   1 
ATOM   664  C CA  . ASN A 1 93  ? 4.646   -7.661  -1.917  1.00 14.94 ? 1592 ASN A CA  1 
ATOM   665  C C   . ASN A 1 93  ? 4.220   -8.134  -3.308  1.00 12.85 ? 1592 ASN A C   1 
ATOM   666  O O   . ASN A 1 93  ? 5.029   -8.747  -4.032  1.00 17.62 ? 1592 ASN A O   1 
ATOM   667  C CB  . ASN A 1 93  ? 4.354   -8.759  -0.863  1.00 18.22 ? 1592 ASN A CB  1 
ATOM   668  C CG  . ASN A 1 93  ? 5.215   -8.619  0.410   1.00 23.97 ? 1592 ASN A CG  1 
ATOM   669  O OD1 . ASN A 1 93  ? 4.704   -8.717  1.514   1.00 30.86 ? 1592 ASN A OD1 1 
ATOM   670  N ND2 . ASN A 1 93  ? 6.517   -8.433  0.248   1.00 16.00 ? 1592 ASN A ND2 1 
ATOM   671  N N   . LEU A 1 94  ? 2.986   -7.864  -3.706  1.00 11.86 ? 1593 LEU A N   1 
ATOM   672  C CA  . LEU A 1 94  ? 2.565   -8.184  -5.081  1.00 12.45 ? 1593 LEU A CA  1 
ATOM   673  C C   . LEU A 1 94  ? 3.441   -7.500  -6.163  1.00 9.92  ? 1593 LEU A C   1 
ATOM   674  O O   . LEU A 1 94  ? 3.545   -7.979  -7.294  1.00 13.20 ? 1593 LEU A O   1 
ATOM   675  C CB  . LEU A 1 94  ? 1.095   -7.837  -5.315  1.00 12.70 ? 1593 LEU A CB  1 
ATOM   676  C CG  . LEU A 1 94  ? 0.041   -8.808  -4.785  1.00 19.14 ? 1593 LEU A CG  1 
ATOM   677  C CD1 . LEU A 1 94  ? -1.331  -8.158  -4.973  1.00 10.29 ? 1593 LEU A CD1 1 
ATOM   678  C CD2 . LEU A 1 94  ? 0.152   -10.190 -5.488  1.00 15.86 ? 1593 LEU A CD2 1 
ATOM   679  N N   . ILE A 1 95  ? 4.038   -6.357  -5.849  1.00 16.56 ? 1594 ILE A N   1 
ATOM   680  C CA  . ILE A 1 95  ? 4.977   -5.747  -6.800  1.00 16.02 ? 1594 ILE A CA  1 
ATOM   681  C C   . ILE A 1 95  ? 6.105   -6.743  -7.129  1.00 13.74 ? 1594 ILE A C   1 
ATOM   682  O O   . ILE A 1 95  ? 6.404   -6.977  -8.301  1.00 12.80 ? 1594 ILE A O   1 
ATOM   683  C CB  . ILE A 1 95  ? 5.564   -4.419  -6.274  1.00 17.37 ? 1594 ILE A CB  1 
ATOM   684  C CG1 . ILE A 1 95  ? 4.482   -3.338  -6.128  1.00 10.33 ? 1594 ILE A CG1 1 
ATOM   685  C CG2 . ILE A 1 95  ? 6.630   -3.896  -7.218  1.00 12.65 ? 1594 ILE A CG2 1 
ATOM   686  C CD1 . ILE A 1 95  ? 5.040   -2.023  -5.475  1.00 18.37 ? 1594 ILE A CD1 1 
ATOM   687  N N   . LEU A 1 96  ? 6.708   -7.322  -6.092  1.00 9.75  ? 1595 LEU A N   1 
ATOM   688  C CA  . LEU A 1 96  ? 7.744   -8.346  -6.214  1.00 7.29  ? 1595 LEU A CA  1 
ATOM   689  C C   . LEU A 1 96  ? 7.255   -9.616  -6.818  1.00 11.80 ? 1595 LEU A C   1 
ATOM   690  O O   . LEU A 1 96  ? 7.896   -10.142 -7.733  1.00 13.25 ? 1595 LEU A O   1 
ATOM   691  C CB  . LEU A 1 96  ? 8.349   -8.682  -4.849  1.00 15.84 ? 1595 LEU A CB  1 
ATOM   692  C CG  . LEU A 1 96  ? 9.575   -9.596  -4.768  1.00 12.03 ? 1595 LEU A CG  1 
ATOM   693  C CD1 . LEU A 1 96  ? 10.672  -9.202  -5.812  1.00 17.45 ? 1595 LEU A CD1 1 
ATOM   694  C CD2 . LEU A 1 96  ? 10.163  -9.666  -3.310  1.00 10.03 ? 1595 LEU A CD2 1 
ATOM   695  N N   . ALA A 1 97  ? 6.132   -10.134 -6.317  1.00 8.26  ? 1596 ALA A N   1 
ATOM   696  C CA  . ALA A 1 97  ? 5.617   -11.409 -6.776  1.00 11.13 ? 1596 ALA A CA  1 
ATOM   697  C C   . ALA A 1 97  ? 5.281   -11.345 -8.268  1.00 9.18  ? 1596 ALA A C   1 
ATOM   698  O O   . ALA A 1 97  ? 5.499   -12.292 -8.962  1.00 8.17  ? 1596 ALA A O   1 
ATOM   699  C CB  . ALA A 1 97  ? 4.402   -11.820 -6.001  1.00 8.74  ? 1596 ALA A CB  1 
ATOM   700  N N   . ASN A 1 98  ? 4.697   -10.246 -8.719  1.00 11.54 ? 1597 ASN A N   1 
ATOM   701  C CA  . ASN A 1 98  ? 4.247   -10.114 -10.103 1.00 14.11 ? 1597 ASN A CA  1 
ATOM   702  C C   . ASN A 1 98  ? 5.462   -10.034 -11.022 1.00 13.19 ? 1597 ASN A C   1 
ATOM   703  O O   . ASN A 1 98  ? 5.488   -10.680 -12.061 1.00 11.20 ? 1597 ASN A O   1 
ATOM   704  C CB  . ASN A 1 98  ? 3.318   -8.888  -10.262 1.00 14.35 ? 1597 ASN A CB  1 
ATOM   705  C CG  . ASN A 1 98  ? 1.923   -9.102  -9.605  1.00 14.76 ? 1597 ASN A CG  1 
ATOM   706  O OD1 . ASN A 1 98  ? 1.571   -10.213 -9.268  1.00 12.54 ? 1597 ASN A OD1 1 
ATOM   707  N ND2 . ASN A 1 98  ? 1.157   -8.024  -9.405  1.00 10.84 ? 1597 ASN A ND2 1 
ATOM   708  N N   . SER A 1 99  ? 6.479   -9.268  -10.612 1.00 12.42 ? 1598 SER A N   1 
ATOM   709  C CA  . SER A 1 99  ? 7.779   -9.212  -11.315 1.00 13.19 ? 1598 SER A CA  1 
ATOM   710  C C   . SER A 1 99  ? 8.517   -10.561 -11.385 1.00 16.60 ? 1598 SER A C   1 
ATOM   711  O O   . SER A 1 99  ? 9.082   -10.912 -12.435 1.00 10.63 ? 1598 SER A O   1 
ATOM   712  C CB  . SER A 1 99  ? 8.698   -8.171  -10.678 1.00 8.36  ? 1598 SER A CB  1 
ATOM   713  O OG  . SER A 1 99  ? 9.806   -7.822  -11.508 1.00 8.40  ? 1598 SER A OG  1 
ATOM   714  N N   . VAL A 1 100 ? 8.549   -11.306 -10.272 1.00 6.15  ? 1599 VAL A N   1 
ATOM   715  C CA  . VAL A 1 100 ? 9.216   -12.588 -10.272 1.00 7.78  ? 1599 VAL A CA  1 
ATOM   716  C C   . VAL A 1 100 ? 8.567   -13.461 -11.372 1.00 7.15  ? 1599 VAL A C   1 
ATOM   717  O O   . VAL A 1 100 ? 9.274   -14.107 -12.173 1.00 13.56 ? 1599 VAL A O   1 
ATOM   718  C CB  . VAL A 1 100 ? 9.237   -13.241 -8.865  1.00 9.50  ? 1599 VAL A CB  1 
ATOM   719  C CG1 . VAL A 1 100 ? 9.495   -14.740 -8.941  1.00 10.05 ? 1599 VAL A CG1 1 
ATOM   720  C CG2 . VAL A 1 100 ? 10.309  -12.520 -7.968  1.00 8.37  ? 1599 VAL A CG2 1 
ATOM   721  N N   . LYS A 1 101 ? 7.239   -13.415 -11.433 1.00 12.81 ? 1600 LYS A N   1 
ATOM   722  C CA  . LYS A 1 101 ? 6.457   -14.219 -12.364 1.00 12.36 ? 1600 LYS A CA  1 
ATOM   723  C C   . LYS A 1 101 ? 6.685   -13.726 -13.798 1.00 15.20 ? 1600 LYS A C   1 
ATOM   724  O O   . LYS A 1 101 ? 7.019   -14.513 -14.679 1.00 9.28  ? 1600 LYS A O   1 
ATOM   725  C CB  . LYS A 1 101 ? 4.957   -14.159 -12.011 1.00 14.34 ? 1600 LYS A CB  1 
ATOM   726  C CG  . LYS A 1 101 ? 4.019   -15.013 -12.913 1.00 16.74 ? 1600 LYS A CG  1 
ATOM   727  C CD  . LYS A 1 101 ? 4.600   -16.393 -13.179 1.00 42.45 ? 1600 LYS A CD  1 
ATOM   728  C CE  . LYS A 1 101 ? 3.587   -17.397 -13.712 1.00 33.09 ? 1600 LYS A CE  1 
ATOM   729  N NZ  . LYS A 1 101 ? 4.253   -18.723 -13.920 1.00 29.32 ? 1600 LYS A NZ  1 
ATOM   730  N N   . TYR A 1 102 ? 6.535   -12.428 -14.034 1.00 15.55 ? 1601 TYR A N   1 
ATOM   731  C CA  . TYR A 1 102 ? 6.505   -11.927 -15.420 1.00 11.88 ? 1601 TYR A CA  1 
ATOM   732  C C   . TYR A 1 102 ? 7.868   -11.727 -16.018 1.00 16.78 ? 1601 TYR A C   1 
ATOM   733  O O   . TYR A 1 102 ? 8.089   -12.041 -17.196 1.00 11.74 ? 1601 TYR A O   1 
ATOM   734  C CB  . TYR A 1 102 ? 5.751   -10.588 -15.536 1.00 13.80 ? 1601 TYR A CB  1 
ATOM   735  C CG  . TYR A 1 102 ? 5.499   -10.201 -17.003 1.00 15.95 ? 1601 TYR A CG  1 
ATOM   736  C CD1 . TYR A 1 102 ? 4.511   -10.853 -17.740 1.00 17.73 ? 1601 TYR A CD1 1 
ATOM   737  C CD2 . TYR A 1 102 ? 6.262   -9.229  -17.646 1.00 16.96 ? 1601 TYR A CD2 1 
ATOM   738  C CE1 . TYR A 1 102 ? 4.261   -10.542 -19.080 1.00 7.55  ? 1601 TYR A CE1 1 
ATOM   739  C CE2 . TYR A 1 102 ? 6.018   -8.897  -19.000 1.00 22.11 ? 1601 TYR A CE2 1 
ATOM   740  C CZ  . TYR A 1 102 ? 5.012   -9.568  -19.699 1.00 26.05 ? 1601 TYR A CZ  1 
ATOM   741  O OH  . TYR A 1 102 ? 4.727   -9.301  -21.017 1.00 24.00 ? 1601 TYR A OH  1 
ATOM   742  N N   . ASN A 1 103 ? 8.750   -11.132 -15.228 1.00 13.17 ? 1602 ASN A N   1 
ATOM   743  C CA  . ASN A 1 103 ? 10.089  -10.755 -15.678 1.00 17.47 ? 1602 ASN A CA  1 
ATOM   744  C C   . ASN A 1 103 ? 11.135  -11.817 -15.334 1.00 17.73 ? 1602 ASN A C   1 
ATOM   745  O O   . ASN A 1 103 ? 12.223  -11.777 -15.862 1.00 20.00 ? 1602 ASN A O   1 
ATOM   746  C CB  . ASN A 1 103 ? 10.547  -9.460  -14.979 1.00 9.86  ? 1602 ASN A CB  1 
ATOM   747  C CG  . ASN A 1 103 ? 9.650   -8.268  -15.252 1.00 12.20 ? 1602 ASN A CG  1 
ATOM   748  O OD1 . ASN A 1 103 ? 9.331   -7.996  -16.391 1.00 12.88 ? 1602 ASN A OD1 1 
ATOM   749  N ND2 . ASN A 1 103 ? 9.306   -7.491  -14.192 1.00 11.74 ? 1602 ASN A ND2 1 
ATOM   750  N N   . GLY A 1 104 ? 10.834  -12.704 -14.391 1.00 12.23 ? 1603 GLY A N   1 
ATOM   751  C CA  . GLY A 1 104 ? 11.810  -13.644 -13.888 1.00 13.09 ? 1603 GLY A CA  1 
ATOM   752  C C   . GLY A 1 104 ? 12.452  -13.278 -12.543 1.00 12.36 ? 1603 GLY A C   1 
ATOM   753  O O   . GLY A 1 104 ? 12.625  -12.090 -12.226 1.00 17.60 ? 1603 GLY A O   1 
ATOM   754  N N   . PRO A 1 105 ? 12.813  -14.314 -11.744 1.00 14.80 ? 1604 PRO A N   1 
ATOM   755  C CA  . PRO A 1 105 ? 13.386  -14.177 -10.402 1.00 15.80 ? 1604 PRO A CA  1 
ATOM   756  C C   . PRO A 1 105 ? 14.751  -13.502 -10.393 1.00 13.16 ? 1604 PRO A C   1 
ATOM   757  O O   . PRO A 1 105 ? 15.143  -12.933 -9.385  1.00 12.89 ? 1604 PRO A O   1 
ATOM   758  C CB  . PRO A 1 105 ? 13.513  -15.633 -9.907  1.00 18.27 ? 1604 PRO A CB  1 
ATOM   759  C CG  . PRO A 1 105 ? 13.476  -16.473 -11.127 1.00 17.62 ? 1604 PRO A CG  1 
ATOM   760  C CD  . PRO A 1 105 ? 12.635  -15.736 -12.115 1.00 14.22 ? 1604 PRO A CD  1 
ATOM   761  N N   . GLU A 1 106 ? 15.465  -13.561 -11.503 1.00 16.65 ? 1605 GLU A N   1 
ATOM   762  C CA  . GLU A 1 106 ? 16.811  -12.984 -11.573 1.00 21.80 ? 1605 GLU A CA  1 
ATOM   763  C C   . GLU A 1 106 ? 16.888  -11.719 -12.445 1.00 18.31 ? 1605 GLU A C   1 
ATOM   764  O O   . GLU A 1 106 ? 17.941  -11.130 -12.594 1.00 22.55 ? 1605 GLU A O   1 
ATOM   765  C CB  . GLU A 1 106 ? 17.830  -14.061 -12.016 1.00 27.82 ? 1605 GLU A CB  1 
ATOM   766  C CG  . GLU A 1 106 ? 18.667  -14.663 -10.856 1.00 37.99 ? 1605 GLU A CG  1 
ATOM   767  C CD  . GLU A 1 106 ? 17.958  -15.789 -10.087 1.00 57.88 ? 1605 GLU A CD  1 
ATOM   768  O OE1 . GLU A 1 106 ? 17.688  -15.611 -8.871  1.00 50.33 ? 1605 GLU A OE1 1 
ATOM   769  O OE2 . GLU A 1 106 ? 17.693  -16.861 -10.688 1.00 59.08 ? 1605 GLU A OE2 1 
ATOM   770  N N   . SER A 1 107 ? 15.758  -11.297 -12.989 1.00 13.33 ? 1606 SER A N   1 
ATOM   771  C CA  . SER A 1 107 ? 15.636  -10.016 -13.658 1.00 20.37 ? 1606 SER A CA  1 
ATOM   772  C C   . SER A 1 107 ? 16.201  -8.837  -12.858 1.00 19.49 ? 1606 SER A C   1 
ATOM   773  O O   . SER A 1 107 ? 16.017  -8.766  -11.645 1.00 11.73 ? 1606 SER A O   1 
ATOM   774  C CB  . SER A 1 107 ? 14.138  -9.730  -13.868 1.00 23.37 ? 1606 SER A CB  1 
ATOM   775  O OG  . SER A 1 107 ? 13.969  -8.570  -14.670 1.00 28.58 ? 1606 SER A OG  1 
ATOM   776  N N   . GLN A 1 108 ? 16.797  -7.858  -13.531 1.00 16.48 ? 1607 GLN A N   1 
ATOM   777  C CA  . GLN A 1 108 ? 17.146  -6.613  -12.831 1.00 15.86 ? 1607 GLN A CA  1 
ATOM   778  C C   . GLN A 1 108 ? 15.878  -5.873  -12.302 1.00 20.90 ? 1607 GLN A C   1 
ATOM   779  O O   . GLN A 1 108 ? 15.883  -5.228  -11.229 1.00 14.14 ? 1607 GLN A O   1 
ATOM   780  C CB  . GLN A 1 108 ? 17.963  -5.710  -13.733 1.00 18.54 ? 1607 GLN A CB  1 
ATOM   781  C CG  . GLN A 1 108 ? 18.717  -4.594  -12.961 1.00 34.44 ? 1607 GLN A CG  1 
ATOM   782  C CD  . GLN A 1 108 ? 19.922  -5.087  -12.141 1.00 21.94 ? 1607 GLN A CD  1 
ATOM   783  O OE1 . GLN A 1 108 ? 20.639  -6.041  -12.520 1.00 26.94 ? 1607 GLN A OE1 1 
ATOM   784  N NE2 . GLN A 1 108 ? 20.165  -4.414  -11.025 1.00 37.59 ? 1607 GLN A NE2 1 
ATOM   785  N N   . TYR A 1 109 ? 14.782  -5.998  -13.038 1.00 14.40 ? 1608 TYR A N   1 
ATOM   786  C CA  . TYR A 1 109 ? 13.509  -5.438  -12.591 1.00 19.12 ? 1608 TYR A CA  1 
ATOM   787  C C   . TYR A 1 109 ? 13.088  -6.054  -11.266 1.00 16.76 ? 1608 TYR A C   1 
ATOM   788  O O   . TYR A 1 109 ? 12.622  -5.339  -10.364 1.00 12.51 ? 1608 TYR A O   1 
ATOM   789  C CB  . TYR A 1 109 ? 12.426  -5.710  -13.609 1.00 17.83 ? 1608 TYR A CB  1 
ATOM   790  C CG  . TYR A 1 109 ? 12.407  -4.838  -14.844 1.00 23.04 ? 1608 TYR A CG  1 
ATOM   791  C CD1 . TYR A 1 109 ? 13.194  -3.691  -14.973 1.00 25.83 ? 1608 TYR A CD1 1 
ATOM   792  C CD2 . TYR A 1 109 ? 11.533  -5.154  -15.890 1.00 55.50 ? 1608 TYR A CD2 1 
ATOM   793  C CE1 . TYR A 1 109 ? 13.113  -2.893  -16.135 1.00 36.07 ? 1608 TYR A CE1 1 
ATOM   794  C CE2 . TYR A 1 109 ? 11.444  -4.371  -17.027 1.00 56.30 ? 1608 TYR A CE2 1 
ATOM   795  C CZ  . TYR A 1 109 ? 12.234  -3.252  -17.145 1.00 41.66 ? 1608 TYR A CZ  1 
ATOM   796  O OH  . TYR A 1 109 ? 12.107  -2.506  -18.279 1.00 39.88 ? 1608 TYR A OH  1 
ATOM   797  N N   . THR A 1 110 ? 13.269  -7.376  -11.156 1.00 14.18 ? 1609 THR A N   1 
ATOM   798  C CA  . THR A 1 110 ? 12.946  -8.100  -9.933  1.00 14.13 ? 1609 THR A CA  1 
ATOM   799  C C   . THR A 1 110 ? 13.877  -7.647  -8.809  1.00 17.18 ? 1609 THR A C   1 
ATOM   800  O O   . THR A 1 110 ? 13.444  -7.452  -7.680  1.00 14.52 ? 1609 THR A O   1 
ATOM   801  C CB  . THR A 1 110 ? 12.965  -9.621  -10.159 1.00 12.29 ? 1609 THR A CB  1 
ATOM   802  O OG1 . THR A 1 110 ? 11.837  -9.969  -10.962 1.00 9.61  ? 1609 THR A OG1 1 
ATOM   803  C CG2 . THR A 1 110 ? 12.905  -10.402 -8.843  1.00 4.52  ? 1609 THR A CG2 1 
ATOM   804  N N   . LYS A 1 111 ? 15.139  -7.394  -9.127  1.00 16.69 ? 1610 LYS A N   1 
ATOM   805  C CA  . LYS A 1 111 ? 16.046  -6.908  -8.101  1.00 19.49 ? 1610 LYS A CA  1 
ATOM   806  C C   . LYS A 1 111 ? 15.580  -5.533  -7.633  1.00 13.35 ? 1610 LYS A C   1 
ATOM   807  O O   . LYS A 1 111 ? 15.668  -5.247  -6.460  1.00 12.85 ? 1610 LYS A O   1 
ATOM   808  C CB  . LYS A 1 111 ? 17.503  -6.872  -8.577  1.00 20.36 ? 1610 LYS A CB  1 
ATOM   809  C CG  . LYS A 1 111 ? 18.127  -8.269  -8.869  1.00 30.91 ? 1610 LYS A CG  1 
ATOM   810  C CD  . LYS A 1 111 ? 19.595  -8.157  -9.394  1.00 32.96 ? 1610 LYS A CD  1 
ATOM   811  C CE  . LYS A 1 111 ? 20.112  -9.473  -9.999  1.00 36.22 ? 1610 LYS A CE  1 
ATOM   812  N NZ  . LYS A 1 111 ? 19.838  -10.672 -9.146  1.00 32.54 ? 1610 LYS A NZ  1 
ATOM   813  N N   . THR A 1 112 ? 15.101  -4.682  -8.534  1.00 6.06  ? 1611 THR A N   1 
ATOM   814  C CA  . THR A 1 112 ? 14.548  -3.391  -8.117  1.00 14.33 ? 1611 THR A CA  1 
ATOM   815  C C   . THR A 1 112 ? 13.320  -3.579  -7.210  1.00 17.45 ? 1611 THR A C   1 
ATOM   816  O O   . THR A 1 112 ? 13.211  -2.927  -6.163  1.00 17.63 ? 1611 THR A O   1 
ATOM   817  C CB  . THR A 1 112 ? 14.193  -2.490  -9.326  1.00 16.84 ? 1611 THR A CB  1 
ATOM   818  O OG1 . THR A 1 112 ? 15.320  -2.399  -10.216 1.00 14.23 ? 1611 THR A OG1 1 
ATOM   819  C CG2 . THR A 1 112 ? 13.840  -1.083  -8.881  1.00 14.33 ? 1611 THR A CG2 1 
ATOM   820  N N   . ALA A 1 113 ? 12.403  -4.474  -7.590  1.00 9.51  ? 1612 ALA A N   1 
ATOM   821  C CA  . ALA A 1 113 ? 11.182  -4.686  -6.809  1.00 8.27  ? 1612 ALA A CA  1 
ATOM   822  C C   . ALA A 1 113 ? 11.553  -5.188  -5.432  1.00 10.21 ? 1612 ALA A C   1 
ATOM   823  O O   . ALA A 1 113 ? 10.884  -4.894  -4.430  1.00 12.80 ? 1612 ALA A O   1 
ATOM   824  C CB  . ALA A 1 113 ? 10.249  -5.697  -7.511  1.00 4.00  ? 1612 ALA A CB  1 
ATOM   825  N N   . GLN A 1 114 ? 12.616  -5.982  -5.374  1.00 16.28 ? 1613 GLN A N   1 
ATOM   826  C CA  . GLN A 1 114 ? 13.049  -6.536  -4.110  1.00 10.91 ? 1613 GLN A CA  1 
ATOM   827  C C   . GLN A 1 114 ? 13.501  -5.375  -3.256  1.00 9.98  ? 1613 GLN A C   1 
ATOM   828  O O   . GLN A 1 114 ? 13.230  -5.346  -2.076  1.00 9.20  ? 1613 GLN A O   1 
ATOM   829  C CB  . GLN A 1 114 ? 14.166  -7.572  -4.302  1.00 12.00 ? 1613 GLN A CB  1 
ATOM   830  C CG  . GLN A 1 114 ? 14.729  -8.119  -2.972  1.00 28.03 ? 1613 GLN A CG  1 
ATOM   831  C CD  . GLN A 1 114 ? 13.762  -9.036  -2.227  1.00 25.11 ? 1613 GLN A CD  1 
ATOM   832  O OE1 . GLN A 1 114 ? 13.097  -8.635  -1.244  1.00 26.93 ? 1613 GLN A OE1 1 
ATOM   833  N NE2 . GLN A 1 114 ? 13.686  -10.280 -2.681  1.00 21.41 ? 1613 GLN A NE2 1 
ATOM   834  N N   . GLU A 1 115 ? 14.165  -4.398  -3.879  1.00 11.29 ? 1614 GLU A N   1 
ATOM   835  C CA  . GLU A 1 115 ? 14.679  -3.241  -3.160  1.00 11.83 ? 1614 GLU A CA  1 
ATOM   836  C C   . GLU A 1 115 ? 13.543  -2.398  -2.625  1.00 11.61 ? 1614 GLU A C   1 
ATOM   837  O O   . GLU A 1 115 ? 13.616  -1.883  -1.500  1.00 9.86  ? 1614 GLU A O   1 
ATOM   838  C CB  . GLU A 1 115 ? 15.550  -2.363  -4.066  1.00 16.09 ? 1614 GLU A CB  1 
ATOM   839  C CG  . GLU A 1 115 ? 16.848  -2.975  -4.553  1.00 29.37 ? 1614 GLU A CG  1 
ATOM   840  C CD  . GLU A 1 115 ? 17.717  -1.958  -5.323  1.00 52.58 ? 1614 GLU A CD  1 
ATOM   841  O OE1 . GLU A 1 115 ? 17.407  -1.629  -6.500  1.00 40.13 ? 1614 GLU A OE1 1 
ATOM   842  O OE2 . GLU A 1 115 ? 18.716  -1.483  -4.736  1.00 42.96 ? 1614 GLU A OE2 1 
ATOM   843  N N   . ILE A 1 116 ? 12.513  -2.238  -3.457  1.00 9.37  ? 1615 ILE A N   1 
ATOM   844  C CA  . ILE A 1 116 ? 11.293  -1.483  -3.109  1.00 10.77 ? 1615 ILE A CA  1 
ATOM   845  C C   . ILE A 1 116 ? 10.614  -2.133  -1.915  1.00 8.27  ? 1615 ILE A C   1 
ATOM   846  O O   . ILE A 1 116 ? 10.173  -1.445  -0.992  1.00 14.06 ? 1615 ILE A O   1 
ATOM   847  C CB  . ILE A 1 116 ? 10.287  -1.449  -4.276  1.00 6.27  ? 1615 ILE A CB  1 
ATOM   848  C CG1 . ILE A 1 116 ? 10.798  -0.554  -5.424  1.00 9.89  ? 1615 ILE A CG1 1 
ATOM   849  C CG2 . ILE A 1 116 ? 8.899   -0.944  -3.805  1.00 12.03 ? 1615 ILE A CG2 1 
ATOM   850  C CD1 . ILE A 1 116 ? 9.937   -0.666  -6.660  1.00 11.11 ? 1615 ILE A CD1 1 
ATOM   851  N N   . VAL A 1 117 ? 10.533  -3.458  -1.935  1.00 11.39 ? 1616 VAL A N   1 
ATOM   852  C CA  . VAL A 1 117 ? 9.954   -4.184  -0.802  1.00 13.07 ? 1616 VAL A CA  1 
ATOM   853  C C   . VAL A 1 117 ? 10.843  -4.023  0.437   1.00 14.61 ? 1616 VAL A C   1 
ATOM   854  O O   . VAL A 1 117 ? 10.354  -3.684  1.516   1.00 16.79 ? 1616 VAL A O   1 
ATOM   855  C CB  . VAL A 1 117 ? 9.653   -5.672  -1.116  1.00 15.04 ? 1616 VAL A CB  1 
ATOM   856  C CG1 . VAL A 1 117 ? 9.240   -6.439  0.176   1.00 7.74  ? 1616 VAL A CG1 1 
ATOM   857  C CG2 . VAL A 1 117 ? 8.555   -5.775  -2.169  1.00 11.98 ? 1616 VAL A CG2 1 
ATOM   858  N N   . ASN A 1 118 ? 12.150  -4.206  0.300   1.00 14.29 ? 1617 ASN A N   1 
ATOM   859  C CA  . ASN A 1 118 ? 13.009  -4.095  1.474   1.00 15.66 ? 1617 ASN A CA  1 
ATOM   860  C C   . ASN A 1 118 ? 12.946  -2.732  2.154   1.00 17.43 ? 1617 ASN A C   1 
ATOM   861  O O   . ASN A 1 118 ? 12.881  -2.653  3.386   1.00 10.19 ? 1617 ASN A O   1 
ATOM   862  C CB  . ASN A 1 118 ? 14.451  -4.487  1.141   1.00 19.57 ? 1617 ASN A CB  1 
ATOM   863  C CG  . ASN A 1 118 ? 14.579  -5.962  0.898   1.00 18.19 ? 1617 ASN A CG  1 
ATOM   864  O OD1 . ASN A 1 118 ? 13.695  -6.736  1.275   1.00 13.55 ? 1617 ASN A OD1 1 
ATOM   865  N ND2 . ASN A 1 118 ? 15.673  -6.369  0.278   1.00 13.80 ? 1617 ASN A ND2 1 
ATOM   866  N N   . ILE A 1 119 ? 12.928  -1.665  1.366   1.00 12.54 ? 1618 ILE A N   1 
ATOM   867  C CA  . ILE A 1 119 ? 12.901  -0.348  1.943   1.00 11.71 ? 1618 ILE A CA  1 
ATOM   868  C C   . ILE A 1 119 ? 11.524  -0.092  2.599   1.00 9.24  ? 1618 ILE A C   1 
ATOM   869  O O   . ILE A 1 119 ? 11.455  0.525   3.654   1.00 12.67 ? 1618 ILE A O   1 
ATOM   870  C CB  . ILE A 1 119 ? 13.328  0.722   0.913   1.00 19.82 ? 1618 ILE A CB  1 
ATOM   871  C CG1 . ILE A 1 119 ? 13.921  1.933   1.644   1.00 26.46 ? 1618 ILE A CG1 1 
ATOM   872  C CG2 . ILE A 1 119 ? 12.189  1.108   -0.012  1.00 15.56 ? 1618 ILE A CG2 1 
ATOM   873  C CD1 . ILE A 1 119 ? 14.390  3.048   0.723   1.00 26.64 ? 1618 ILE A CD1 1 
ATOM   874  N N   . CYS A 1 120 ? 10.452  -0.658  2.053   1.00 9.95  ? 1619 CYS A N   1 
ATOM   875  C CA  . CYS A 1 120 ? 9.150   -0.518  2.671   1.00 13.54 ? 1619 CYS A CA  1 
ATOM   876  C C   . CYS A 1 120 ? 9.194   -1.115  4.092   1.00 17.36 ? 1619 CYS A C   1 
ATOM   877  O O   . CYS A 1 120 ? 8.820   -0.461  5.054   1.00 15.19 ? 1619 CYS A O   1 
ATOM   878  C CB  . CYS A 1 120 ? 8.080   -1.200  1.840   1.00 18.42 ? 1619 CYS A CB  1 
ATOM   879  S SG  . CYS A 1 120 ? 6.402   -1.036  2.427   1.00 13.87 ? 1619 CYS A SG  1 
ATOM   880  N N   . TYR A 1 121 ? 9.663   -2.350  4.193   1.00 10.38 ? 1620 TYR A N   1 
ATOM   881  C CA  . TYR A 1 121 ? 9.752   -3.074  5.462   1.00 13.50 ? 1620 TYR A CA  1 
ATOM   882  C C   . TYR A 1 121 ? 10.625  -2.364  6.457   1.00 7.01  ? 1620 TYR A C   1 
ATOM   883  O O   . TYR A 1 121 ? 10.240  -2.236  7.591   1.00 14.12 ? 1620 TYR A O   1 
ATOM   884  C CB  . TYR A 1 121 ? 10.333  -4.475  5.249   1.00 13.23 ? 1620 TYR A CB  1 
ATOM   885  C CG  . TYR A 1 121 ? 9.288   -5.512  4.887   1.00 19.09 ? 1620 TYR A CG  1 
ATOM   886  C CD1 . TYR A 1 121 ? 8.844   -5.659  3.580   1.00 34.20 ? 1620 TYR A CD1 1 
ATOM   887  C CD2 . TYR A 1 121 ? 8.737   -6.340  5.861   1.00 25.40 ? 1620 TYR A CD2 1 
ATOM   888  C CE1 . TYR A 1 121 ? 7.885   -6.611  3.240   1.00 28.02 ? 1620 TYR A CE1 1 
ATOM   889  C CE2 . TYR A 1 121 ? 7.782   -7.292  5.529   1.00 46.96 ? 1620 TYR A CE2 1 
ATOM   890  C CZ  . TYR A 1 121 ? 7.373   -7.418  4.211   1.00 30.25 ? 1620 TYR A CZ  1 
ATOM   891  O OH  . TYR A 1 121 ? 6.459   -8.357  3.863   1.00 45.02 ? 1620 TYR A OH  1 
ATOM   892  N N   . GLN A 1 122 ? 11.809  -1.907  6.027   1.00 10.45 ? 1621 GLN A N   1 
ATOM   893  C CA  . GLN A 1 122 ? 12.702  -1.141  6.922   1.00 16.58 ? 1621 GLN A CA  1 
ATOM   894  C C   . GLN A 1 122 ? 11.989  0.069   7.472   1.00 15.18 ? 1621 GLN A C   1 
ATOM   895  O O   . GLN A 1 122 ? 12.202  0.423   8.615   1.00 12.26 ? 1621 GLN A O   1 
ATOM   896  C CB  . GLN A 1 122 ? 13.953  -0.623  6.220   1.00 21.06 ? 1621 GLN A CB  1 
ATOM   897  C CG  . GLN A 1 122 ? 14.982  -1.651  5.918   1.00 41.41 ? 1621 GLN A CG  1 
ATOM   898  C CD  . GLN A 1 122 ? 16.154  -1.026  5.196   1.00 56.51 ? 1621 GLN A CD  1 
ATOM   899  O OE1 . GLN A 1 122 ? 16.782  -0.083  5.709   1.00 39.14 ? 1621 GLN A OE1 1 
ATOM   900  N NE2 . GLN A 1 122 ? 16.444  -1.522  3.989   1.00 31.92 ? 1621 GLN A NE2 1 
ATOM   901  N N   . THR A 1 123 ? 11.150  0.708   6.650   1.00 18.33 ? 1622 THR A N   1 
ATOM   902  C CA  . THR A 1 123 ? 10.489  1.940   7.060   1.00 15.70 ? 1622 THR A CA  1 
ATOM   903  C C   . THR A 1 123 ? 9.322   1.644   7.987   1.00 14.09 ? 1622 THR A C   1 
ATOM   904  O O   . THR A 1 123 ? 9.196   2.276   9.022   1.00 18.56 ? 1622 THR A O   1 
ATOM   905  C CB  . THR A 1 123 ? 10.070  2.800   5.857   1.00 14.65 ? 1622 THR A CB  1 
ATOM   906  O OG1 . THR A 1 123 ? 11.222  3.039   5.031   1.00 13.89 ? 1622 THR A OG1 1 
ATOM   907  C CG2 . THR A 1 123 ? 9.534   4.132   6.332   1.00 13.48 ? 1622 THR A CG2 1 
ATOM   908  N N   . ILE A 1 124 ? 8.508   0.657   7.640   1.00 12.50 ? 1623 ILE A N   1 
ATOM   909  C CA  . ILE A 1 124 ? 7.436   0.222   8.508   1.00 12.37 ? 1623 ILE A CA  1 
ATOM   910  C C   . ILE A 1 124 ? 8.018   -0.126  9.847   1.00 19.42 ? 1623 ILE A C   1 
ATOM   911  O O   . ILE A 1 124 ? 7.463   0.278   10.852  1.00 20.53 ? 1623 ILE A O   1 
ATOM   912  C CB  . ILE A 1 124 ? 6.670   -0.993  7.943   1.00 11.75 ? 1623 ILE A CB  1 
ATOM   913  C CG1 . ILE A 1 124 ? 5.700   -0.571  6.826   1.00 28.10 ? 1623 ILE A CG1 1 
ATOM   914  C CG2 . ILE A 1 124 ? 5.968   -1.788  9.049   1.00 12.14 ? 1623 ILE A CG2 1 
ATOM   915  C CD1 . ILE A 1 124 ? 4.305   -0.045  7.258   1.00 26.11 ? 1623 ILE A CD1 1 
ATOM   916  N N   . THR A 1 125 ? 9.142   -0.856  9.881   1.00 16.52 ? 1624 THR A N   1 
ATOM   917  C CA  . THR A 1 125 ? 9.776   -1.202  11.169  1.00 16.32 ? 1624 THR A CA  1 
ATOM   918  C C   . THR A 1 125 ? 10.097  0.020   12.041  1.00 13.30 ? 1624 THR A C   1 
ATOM   919  O O   . THR A 1 125 ? 9.824   0.002   13.245  1.00 7.91  ? 1624 THR A O   1 
ATOM   920  C CB  . THR A 1 125 ? 11.036  -2.080  10.945  1.00 23.08 ? 1624 THR A CB  1 
ATOM   921  O OG1 . THR A 1 125 ? 10.612  -3.321  10.369  1.00 22.08 ? 1624 THR A OG1 1 
ATOM   922  C CG2 . THR A 1 125 ? 11.799  -2.347  12.231  1.00 13.23 ? 1624 THR A CG2 1 
ATOM   923  N N   . GLU A 1 126 ? 10.672  1.075   11.452  1.00 8.45  ? 1625 GLU A N   1 
ATOM   924  C CA  . GLU A 1 126 ? 10.946  2.324   12.197  1.00 13.25 ? 1625 GLU A CA  1 
ATOM   925  C C   . GLU A 1 126 ? 9.648   2.930   12.761  1.00 8.58  ? 1625 GLU A C   1 
ATOM   926  O O   . GLU A 1 126 ? 9.653   3.540   13.827  1.00 9.42  ? 1625 GLU A O   1 
ATOM   927  C CB  . GLU A 1 126 ? 11.657  3.399   11.359  1.00 15.30 ? 1625 GLU A CB  1 
ATOM   928  C CG  . GLU A 1 126 ? 12.585  2.889   10.285  1.00 20.95 ? 1625 GLU A CG  1 
ATOM   929  C CD  . GLU A 1 126 ? 13.303  3.991   9.529   1.00 39.66 ? 1625 GLU A CD  1 
ATOM   930  O OE1 . GLU A 1 126 ? 12.644  4.987   9.141   1.00 29.21 ? 1625 GLU A OE1 1 
ATOM   931  O OE2 . GLU A 1 126 ? 14.532  3.841   9.312   1.00 42.02 ? 1625 GLU A OE2 1 
ATOM   932  N N   . TYR A 1 127 ? 8.535   2.759   12.058  1.00 8.71  ? 1626 TYR A N   1 
ATOM   933  C CA  . TYR A 1 127 ? 7.271   3.362   12.522  1.00 12.91 ? 1626 TYR A CA  1 
ATOM   934  C C   . TYR A 1 127 ? 6.385   2.382   13.303  1.00 13.84 ? 1626 TYR A C   1 
ATOM   935  O O   . TYR A 1 127 ? 5.255   2.704   13.622  1.00 14.50 ? 1626 TYR A O   1 
ATOM   936  C CB  . TYR A 1 127 ? 6.492   4.009   11.349  1.00 14.15 ? 1626 TYR A CB  1 
ATOM   937  C CG  . TYR A 1 127 ? 7.310   4.993   10.504  1.00 13.63 ? 1626 TYR A CG  1 
ATOM   938  C CD1 . TYR A 1 127 ? 8.309   5.762   11.073  1.00 39.06 ? 1626 TYR A CD1 1 
ATOM   939  C CD2 . TYR A 1 127 ? 7.050   5.178   9.155   1.00 17.73 ? 1626 TYR A CD2 1 
ATOM   940  C CE1 . TYR A 1 127 ? 9.062   6.661   10.323  1.00 46.14 ? 1626 TYR A CE1 1 
ATOM   941  C CE2 . TYR A 1 127 ? 7.805   6.097   8.386   1.00 14.23 ? 1626 TYR A CE2 1 
ATOM   942  C CZ  . TYR A 1 127 ? 8.821   6.815   8.987   1.00 24.93 ? 1626 TYR A CZ  1 
ATOM   943  O OH  . TYR A 1 127 ? 9.601   7.722   8.283   1.00 26.34 ? 1626 TYR A OH  1 
ATOM   944  N N   . ASP A 1 128 ? 6.929   1.231   13.688  1.00 9.08  ? 1627 ASP A N   1 
ATOM   945  C CA  . ASP A 1 128 ? 6.099   0.127   14.216  1.00 12.66 ? 1627 ASP A CA  1 
ATOM   946  C C   . ASP A 1 128 ? 5.214   0.472   15.399  1.00 9.72  ? 1627 ASP A C   1 
ATOM   947  O O   . ASP A 1 128 ? 4.032   0.095   15.404  1.00 12.00 ? 1627 ASP A O   1 
ATOM   948  C CB  A ASP A 1 128 ? 6.978   -1.056  14.707  0.50 15.44 ? 1627 ASP A CB  1 
ATOM   949  C CB  B ASP A 1 128 ? 6.944   -1.144  14.454  0.50 14.01 ? 1627 ASP A CB  1 
ATOM   950  C CG  A ASP A 1 128 ? 6.184   -2.076  15.577  0.50 23.86 ? 1627 ASP A CG  1 
ATOM   951  C CG  B ASP A 1 128 ? 7.121   -1.996  13.173  0.50 14.91 ? 1627 ASP A CG  1 
ATOM   952  O OD1 A ASP A 1 128 ? 5.247   -2.679  15.017  0.50 23.61 ? 1627 ASP A OD1 1 
ATOM   953  O OD1 B ASP A 1 128 ? 6.357   -1.829  12.172  0.50 6.01  ? 1627 ASP A OD1 1 
ATOM   954  O OD2 A ASP A 1 128 ? 6.469   -2.271  16.800  0.50 9.77  ? 1627 ASP A OD2 1 
ATOM   955  O OD2 B ASP A 1 128 ? 8.022   -2.862  13.174  0.50 5.10  ? 1627 ASP A OD2 1 
ATOM   956  N N   . GLU A 1 129 ? 5.770   1.107   16.433  1.00 7.58  ? 1628 GLU A N   1 
ATOM   957  C CA  . GLU A 1 129 ? 4.993   1.303   17.648  1.00 12.47 ? 1628 GLU A CA  1 
ATOM   958  C C   . GLU A 1 129 ? 3.789   2.231   17.386  1.00 17.88 ? 1628 GLU A C   1 
ATOM   959  O O   . GLU A 1 129 ? 2.700   2.045   17.946  1.00 10.61 ? 1628 GLU A O   1 
ATOM   960  C CB  . GLU A 1 129 ? 5.858   1.842   18.804  1.00 13.14 ? 1628 GLU A CB  1 
ATOM   961  C CG  . GLU A 1 129 ? 5.002   2.472   19.951  1.00 38.32 ? 1628 GLU A CG  1 
ATOM   962  C CD  . GLU A 1 129 ? 5.765   2.780   21.241  1.00 55.03 ? 1628 GLU A CD  1 
ATOM   963  O OE1 . GLU A 1 129 ? 7.007   2.630   21.279  1.00 52.96 ? 1628 GLU A OE1 1 
ATOM   964  O OE2 . GLU A 1 129 ? 5.102   3.173   22.227  1.00 48.45 ? 1628 GLU A OE2 1 
ATOM   965  N N   . HIS A 1 130 ? 4.001   3.256   16.567  1.00 16.07 ? 1629 HIS A N   1 
ATOM   966  C CA  . HIS A 1 130 ? 2.918   4.222   16.263  1.00 13.17 ? 1629 HIS A CA  1 
ATOM   967  C C   . HIS A 1 130 ? 1.940   3.691   15.277  1.00 16.21 ? 1629 HIS A C   1 
ATOM   968  O O   . HIS A 1 130 ? 0.767   3.991   15.407  1.00 18.84 ? 1629 HIS A O   1 
ATOM   969  C CB  . HIS A 1 130 ? 3.484   5.525   15.734  1.00 9.56  ? 1629 HIS A CB  1 
ATOM   970  C CG  . HIS A 1 130 ? 4.214   6.287   16.771  1.00 2.00  ? 1629 HIS A CG  1 
ATOM   971  N ND1 . HIS A 1 130 ? 3.682   6.520   18.020  1.00 10.25 ? 1629 HIS A ND1 1 
ATOM   972  C CD2 . HIS A 1 130 ? 5.439   6.849   16.766  1.00 12.98 ? 1629 HIS A CD2 1 
ATOM   973  C CE1 . HIS A 1 130 ? 4.552   7.199   18.740  1.00 13.03 ? 1629 HIS A CE1 1 
ATOM   974  N NE2 . HIS A 1 130 ? 5.628   7.401   18.001  1.00 9.54  ? 1629 HIS A NE2 1 
ATOM   975  N N   . LEU A 1 131 ? 2.395   2.930   14.277  1.00 10.11 ? 1630 LEU A N   1 
ATOM   976  C CA  . LEU A 1 131 ? 1.453   2.313   13.377  1.00 17.79 ? 1630 LEU A CA  1 
ATOM   977  C C   . LEU A 1 131 ? 0.548   1.330   14.138  1.00 14.79 ? 1630 LEU A C   1 
ATOM   978  O O   . LEU A 1 131 ? -0.643  1.266   13.860  1.00 20.65 ? 1630 LEU A O   1 
ATOM   979  C CB  . LEU A 1 131 ? 2.153   1.593   12.237  1.00 19.39 ? 1630 LEU A CB  1 
ATOM   980  C CG  . LEU A 1 131 ? 2.743   2.471   11.163  1.00 32.03 ? 1630 LEU A CG  1 
ATOM   981  C CD1 . LEU A 1 131 ? 3.544   1.555   10.292  1.00 8.65  ? 1630 LEU A CD1 1 
ATOM   982  C CD2 . LEU A 1 131 ? 1.634   3.218   10.385  1.00 13.71 ? 1630 LEU A CD2 1 
ATOM   983  N N   . THR A 1 132 ? 1.109   0.569   15.083  1.00 13.32 ? 1631 THR A N   1 
ATOM   984  C CA  . THR A 1 132 ? 0.290   -0.267  16.012  1.00 14.37 ? 1631 THR A CA  1 
ATOM   985  C C   . THR A 1 132 ? -0.757  0.549   16.820  1.00 18.78 ? 1631 THR A C   1 
ATOM   986  O O   . THR A 1 132 ? -1.935  0.184   16.932  1.00 17.27 ? 1631 THR A O   1 
ATOM   987  C CB  . THR A 1 132 ? 1.239   -1.039  16.975  1.00 16.21 ? 1631 THR A CB  1 
ATOM   988  O OG1 . THR A 1 132 ? 1.882   -2.077  16.230  1.00 18.67 ? 1631 THR A OG1 1 
ATOM   989  C CG2 . THR A 1 132 ? 0.498   -1.622  18.144  1.00 12.41 ? 1631 THR A CG2 1 
ATOM   990  N N   . GLN A 1 133 ? -0.296  1.641   17.424  1.00 17.82 ? 1632 GLN A N   1 
ATOM   991  C CA  . GLN A 1 133 ? -1.158  2.596   18.152  1.00 17.65 ? 1632 GLN A CA  1 
ATOM   992  C C   . GLN A 1 133 ? -2.329  3.059   17.249  1.00 18.04 ? 1632 GLN A C   1 
ATOM   993  O O   . GLN A 1 133 ? -3.470  2.978   17.623  1.00 14.11 ? 1632 GLN A O   1 
ATOM   994  C CB  . GLN A 1 133 ? -0.279  3.790   18.553  1.00 27.02 ? 1632 GLN A CB  1 
ATOM   995  C CG  . GLN A 1 133 ? -0.517  4.489   19.842  1.00 36.87 ? 1632 GLN A CG  1 
ATOM   996  C CD  . GLN A 1 133 ? 0.752   5.264   20.247  1.00 59.56 ? 1632 GLN A CD  1 
ATOM   997  O OE1 . GLN A 1 133 ? 1.477   5.796   19.384  1.00 32.79 ? 1632 GLN A OE1 1 
ATOM   998  N NE2 . GLN A 1 133 ? 1.038   5.302   21.549  1.00 61.38 ? 1632 GLN A NE2 1 
ATOM   999  N N   . LEU A 1 134 ? -2.010  3.516   16.039  1.00 13.07 ? 1633 LEU A N   1 
ATOM   1000 C CA  . LEU A 1 134 ? -3.000  4.061   15.083  1.00 16.50 ? 1633 LEU A CA  1 
ATOM   1001 C C   . LEU A 1 134 ? -3.955  3.014   14.521  1.00 16.38 ? 1633 LEU A C   1 
ATOM   1002 O O   . LEU A 1 134 ? -5.140  3.256   14.377  1.00 15.30 ? 1633 LEU A O   1 
ATOM   1003 C CB  . LEU A 1 134 ? -2.229  4.758   13.953  1.00 13.25 ? 1633 LEU A CB  1 
ATOM   1004 C CG  . LEU A 1 134 ? -2.843  5.893   13.170  1.00 25.85 ? 1633 LEU A CG  1 
ATOM   1005 C CD1 . LEU A 1 134 ? -3.608  6.845   14.065  1.00 11.74 ? 1633 LEU A CD1 1 
ATOM   1006 C CD2 . LEU A 1 134 ? -1.732  6.597   12.441  1.00 24.34 ? 1633 LEU A CD2 1 
ATOM   1007 N N   . GLU A 1 135 ? -3.421  1.845   14.194  1.00 13.62 ? 1634 GLU A N   1 
ATOM   1008 C CA  . GLU A 1 135 ? -4.243  0.696   13.843  1.00 19.70 ? 1634 GLU A CA  1 
ATOM   1009 C C   . GLU A 1 135 ? -5.246  0.340   14.917  1.00 15.64 ? 1634 GLU A C   1 
ATOM   1010 O O   . GLU A 1 135 ? -6.425  0.060   14.597  1.00 16.64 ? 1634 GLU A O   1 
ATOM   1011 C CB  . GLU A 1 135 ? -3.377  -0.535  13.622  1.00 20.60 ? 1634 GLU A CB  1 
ATOM   1012 C CG  . GLU A 1 135 ? -2.686  -0.535  12.335  1.00 22.45 ? 1634 GLU A CG  1 
ATOM   1013 C CD  . GLU A 1 135 ? -1.724  -1.686  12.226  1.00 36.82 ? 1634 GLU A CD  1 
ATOM   1014 O OE1 . GLU A 1 135 ? -1.672  -2.493  13.180  1.00 29.94 ? 1634 GLU A OE1 1 
ATOM   1015 O OE2 . GLU A 1 135 ? -1.011  -1.761  11.199  1.00 20.85 ? 1634 GLU A OE2 1 
ATOM   1016 N N   . LYS A 1 136 ? -4.786  0.319   16.180  1.00 16.80 ? 1635 LYS A N   1 
ATOM   1017 C CA  . LYS A 1 136 ? -5.693  0.124   17.334  1.00 20.30 ? 1635 LYS A CA  1 
ATOM   1018 C C   . LYS A 1 136 ? -6.731  1.250   17.435  1.00 18.69 ? 1635 LYS A C   1 
ATOM   1019 O O   . LYS A 1 136 ? -7.900  0.982   17.640  1.00 14.90 ? 1635 LYS A O   1 
ATOM   1020 C CB  . LYS A 1 136 ? -4.924  0.014   18.666  1.00 25.61 ? 1635 LYS A CB  1 
ATOM   1021 C CG  . LYS A 1 136 ? -5.815  0.178   19.928  1.00 32.71 ? 1635 LYS A CG  1 
ATOM   1022 N N   . ASP A 1 137 ? -6.300  2.507   17.274  1.00 20.38 ? 1636 ASP A N   1 
ATOM   1023 C CA  . ASP A 1 137 ? -7.218  3.660   17.322  1.00 23.72 ? 1636 ASP A CA  1 
ATOM   1024 C C   . ASP A 1 137 ? -8.250  3.608   16.195  1.00 19.01 ? 1636 ASP A C   1 
ATOM   1025 O O   . ASP A 1 137 ? -9.404  3.988   16.384  1.00 18.19 ? 1636 ASP A O   1 
ATOM   1026 C CB  . ASP A 1 137 ? -6.450  4.992   17.221  1.00 26.65 ? 1636 ASP A CB  1 
ATOM   1027 C CG  . ASP A 1 137 ? -5.612  5.290   18.465  1.00 29.19 ? 1636 ASP A CG  1 
ATOM   1028 O OD1 . ASP A 1 137 ? -5.803  4.624   19.503  1.00 19.57 ? 1636 ASP A OD1 1 
ATOM   1029 O OD2 . ASP A 1 137 ? -4.753  6.186   18.389  1.00 22.96 ? 1636 ASP A OD2 1 
ATOM   1030 N N   . ILE A 1 138 ? -7.827  3.156   15.019  1.00 18.25 ? 1637 ILE A N   1 
ATOM   1031 C CA  . ILE A 1 138 ? -8.756  2.926   13.901  1.00 16.96 ? 1637 ILE A CA  1 
ATOM   1032 C C   . ILE A 1 138 ? -9.765  1.773   14.184  1.00 14.34 ? 1637 ILE A C   1 
ATOM   1033 O O   . ILE A 1 138 ? -10.945 1.922   13.939  1.00 13.72 ? 1637 ILE A O   1 
ATOM   1034 C CB  . ILE A 1 138 ? -7.987  2.606   12.578  1.00 14.74 ? 1637 ILE A CB  1 
ATOM   1035 C CG1 . ILE A 1 138 ? -7.159  3.808   12.107  1.00 16.60 ? 1637 ILE A CG1 1 
ATOM   1036 C CG2 . ILE A 1 138 ? -8.961  2.192   11.486  1.00 19.32 ? 1637 ILE A CG2 1 
ATOM   1037 C CD1 . ILE A 1 138 ? -6.110  3.442   11.008  1.00 13.14 ? 1637 ILE A CD1 1 
ATOM   1038 N N   . CYS A 1 139 ? -9.273  0.611   14.604  1.00 8.97  ? 1638 CYS A N   1 
ATOM   1039 C CA  . CYS A 1 139 ? -10.143 -0.508  15.010  1.00 18.56 ? 1638 CYS A CA  1 
ATOM   1040 C C   . CYS A 1 139 ? -11.184 -0.042  16.065  1.00 20.88 ? 1638 CYS A C   1 
ATOM   1041 O O   . CYS A 1 139 ? -12.369 -0.382  15.992  1.00 19.21 ? 1638 CYS A O   1 
ATOM   1042 C CB  A CYS A 1 139 ? -9.363  -1.700  15.601  0.80 25.37 ? 1638 CYS A CB  1 
ATOM   1043 C CB  B CYS A 1 139 ? -9.237  -1.610  15.544  0.20 19.64 ? 1638 CYS A CB  1 
ATOM   1044 S SG  A CYS A 1 139 ? -8.425  -2.767  14.440  0.80 26.14 ? 1638 CYS A SG  1 
ATOM   1045 S SG  B CYS A 1 139 ? -10.032 -2.880  16.426  0.20 2.00  ? 1638 CYS A SG  1 
ATOM   1046 N N   . THR A 1 140 ? -10.741 0.771   17.019  1.00 17.92 ? 1639 THR A N   1 
ATOM   1047 C CA  . THR A 1 140 ? -11.620 1.248   18.086  1.00 16.07 ? 1639 THR A CA  1 
ATOM   1048 C C   . THR A 1 140 ? -12.664 2.244   17.582  1.00 15.83 ? 1639 THR A C   1 
ATOM   1049 O O   . THR A 1 140 ? -13.832 2.162   17.935  1.00 13.16 ? 1639 THR A O   1 
ATOM   1050 C CB  . THR A 1 140 ? -10.815 1.857   19.247  1.00 16.40 ? 1639 THR A CB  1 
ATOM   1051 O OG1 . THR A 1 140 ? -10.064 0.812   19.891  1.00 17.38 ? 1639 THR A OG1 1 
ATOM   1052 C CG2 . THR A 1 140 ? -11.754 2.513   20.273  1.00 17.03 ? 1639 THR A CG2 1 
ATOM   1053 N N   . ALA A 1 141 ? -12.213 3.181   16.765  1.00 10.30 ? 1640 ALA A N   1 
ATOM   1054 C CA  . ALA A 1 141 ? -13.062 4.218   16.183  1.00 13.38 ? 1640 ALA A CA  1 
ATOM   1055 C C   . ALA A 1 141 ? -14.033 3.589   15.189  1.00 14.20 ? 1640 ALA A C   1 
ATOM   1056 O O   . ALA A 1 141 ? -15.170 3.999   15.100  1.00 11.97 ? 1640 ALA A O   1 
ATOM   1057 C CB  . ALA A 1 141 ? -12.174 5.266   15.452  1.00 12.66 ? 1640 ALA A CB  1 
ATOM   1058 N N   . LYS A 1 142 ? -13.556 2.612   14.413  1.00 13.47 ? 1641 LYS A N   1 
ATOM   1059 C CA  . LYS A 1 142 ? -14.438 1.784   13.536  1.00 18.33 ? 1641 LYS A CA  1 
ATOM   1060 C C   . LYS A 1 142 ? -15.578 1.156   14.317  1.00 12.28 ? 1641 LYS A C   1 
ATOM   1061 O O   . LYS A 1 142 ? -16.730 1.185   13.892  1.00 14.51 ? 1641 LYS A O   1 
ATOM   1062 C CB  . LYS A 1 142 ? -13.633 0.672   12.857  1.00 10.21 ? 1641 LYS A CB  1 
ATOM   1063 C CG  . LYS A 1 142 ? -14.433 -0.302  11.956  1.00 23.71 ? 1641 LYS A CG  1 
ATOM   1064 C CD  . LYS A 1 142 ? -13.420 -1.194  11.190  1.00 24.78 ? 1641 LYS A CD  1 
ATOM   1065 C CE  . LYS A 1 142 ? -14.042 -2.057  10.131  1.00 40.74 ? 1641 LYS A CE  1 
ATOM   1066 N NZ  . LYS A 1 142 ? -12.940 -2.794  9.454   1.00 37.26 ? 1641 LYS A NZ  1 
ATOM   1067 N N   . GLU A 1 143 ? -15.272 0.570   15.462  1.00 11.15 ? 1642 GLU A N   1 
ATOM   1068 C CA  . GLU A 1 143 ? -16.353 0.014   16.292  1.00 11.13 ? 1642 GLU A CA  1 
ATOM   1069 C C   . GLU A 1 143 ? -17.339 1.108   16.784  1.00 13.53 ? 1642 GLU A C   1 
ATOM   1070 O O   . GLU A 1 143 ? -18.561 0.930   16.766  1.00 5.94  ? 1642 GLU A O   1 
ATOM   1071 C CB  . GLU A 1 143 ? -15.773 -0.789  17.470  1.00 10.80 ? 1642 GLU A CB  1 
ATOM   1072 C CG  . GLU A 1 143 ? -16.773 -1.236  18.512  1.00 9.92  ? 1642 GLU A CG  1 
ATOM   1073 C CD  . GLU A 1 143 ? -17.903 -2.045  17.917  1.00 26.15 ? 1642 GLU A CD  1 
ATOM   1074 O OE1 . GLU A 1 143 ? -17.739 -2.533  16.768  1.00 15.21 ? 1642 GLU A OE1 1 
ATOM   1075 O OE2 . GLU A 1 143 ? -18.958 -2.172  18.587  1.00 16.96 ? 1642 GLU A OE2 1 
ATOM   1076 N N   . ALA A 1 144 ? -16.792 2.232   17.227  1.00 14.66 ? 1643 ALA A N   1 
ATOM   1077 C CA  . ALA A 1 144 ? -17.599 3.298   17.830  1.00 12.21 ? 1643 ALA A CA  1 
ATOM   1078 C C   . ALA A 1 144 ? -18.488 3.935   16.764  1.00 6.54  ? 1643 ALA A C   1 
ATOM   1079 O O   . ALA A 1 144 ? -19.633 4.250   17.034  1.00 14.19 ? 1643 ALA A O   1 
ATOM   1080 C CB  . ALA A 1 144 ? -16.679 4.341   18.511  1.00 11.33 ? 1643 ALA A CB  1 
ATOM   1081 N N   . ALA A 1 145 ? -17.945 4.080   15.543  1.00 12.18 ? 1644 ALA A N   1 
ATOM   1082 C CA  . ALA A 1 145 ? -18.676 4.605   14.366  1.00 15.14 ? 1644 ALA A CA  1 
ATOM   1083 C C   . ALA A 1 145 ? -19.794 3.658   13.947  1.00 13.81 ? 1644 ALA A C   1 
ATOM   1084 O O   . ALA A 1 145 ? -20.911 4.109   13.610  1.00 9.29  ? 1644 ALA A O   1 
ATOM   1085 C CB  . ALA A 1 145 ? -17.690 4.899   13.166  1.00 9.20  ? 1644 ALA A CB  1 
ATOM   1086 N N   . LEU A 1 146 ? -19.505 2.355   13.961  1.00 12.76 ? 1645 LEU A N   1 
ATOM   1087 C CA  . LEU A 1 146 ? -20.518 1.342   13.633  1.00 18.15 ? 1645 LEU A CA  1 
ATOM   1088 C C   . LEU A 1 146 ? -21.674 1.355   14.644  1.00 18.36 ? 1645 LEU A C   1 
ATOM   1089 O O   . LEU A 1 146 ? -22.830 1.279   14.247  1.00 14.18 ? 1645 LEU A O   1 
ATOM   1090 C CB  . LEU A 1 146 ? -19.901 -0.082  13.561  1.00 17.44 ? 1645 LEU A CB  1 
ATOM   1091 C CG  . LEU A 1 146 ? -20.842 -1.260  13.213  1.00 29.74 ? 1645 LEU A CG  1 
ATOM   1092 C CD1 . LEU A 1 146 ? -21.486 -0.994  11.857  1.00 19.85 ? 1645 LEU A CD1 1 
ATOM   1093 C CD2 . LEU A 1 146 ? -20.106 -2.669  13.213  1.00 15.59 ? 1645 LEU A CD2 1 
ATOM   1094 N N   . GLU A 1 147 ? -21.361 1.431   15.941  1.00 10.15 ? 1646 GLU A N   1 
ATOM   1095 C CA  . GLU A 1 147 ? -22.412 1.591   16.959  1.00 14.24 ? 1646 GLU A CA  1 
ATOM   1096 C C   . GLU A 1 147 ? -23.263 2.831   16.748  1.00 4.49  ? 1646 GLU A C   1 
ATOM   1097 O O   . GLU A 1 147 ? -24.459 2.769   16.910  1.00 8.65  ? 1646 GLU A O   1 
ATOM   1098 C CB  . GLU A 1 147 ? -21.872 1.585   18.397  1.00 16.95 ? 1646 GLU A CB  1 
ATOM   1099 C CG  . GLU A 1 147 ? -21.305 0.224   18.828  1.00 18.70 ? 1646 GLU A CG  1 
ATOM   1100 C CD  . GLU A 1 147 ? -20.491 0.301   20.097  1.00 16.46 ? 1646 GLU A CD  1 
ATOM   1101 O OE1 . GLU A 1 147 ? -20.848 1.116   20.943  1.00 18.00 ? 1646 GLU A OE1 1 
ATOM   1102 O OE2 . GLU A 1 147 ? -19.507 -0.464  20.255  1.00 26.36 ? 1646 GLU A OE2 1 
ATOM   1103 N N   . GLU A 1 148 ? -22.642 3.946   16.390  1.00 12.34 ? 1647 GLU A N   1 
ATOM   1104 C CA  . GLU A 1 148 ? -23.348 5.240   16.239  1.00 12.55 ? 1647 GLU A CA  1 
ATOM   1105 C C   . GLU A 1 148 ? -24.277 5.146   15.013  1.00 12.38 ? 1647 GLU A C   1 
ATOM   1106 O O   . GLU A 1 148 ? -25.438 5.568   15.044  1.00 12.05 ? 1647 GLU A O   1 
ATOM   1107 C CB  . GLU A 1 148 ? -22.304 6.379   16.116  1.00 17.77 ? 1647 GLU A CB  1 
ATOM   1108 C CG  . GLU A 1 148 ? -22.794 7.751   15.636  1.00 10.35 ? 1647 GLU A CG  1 
ATOM   1109 C CD  . GLU A 1 148 ? -21.626 8.718   15.359  1.00 7.99  ? 1647 GLU A CD  1 
ATOM   1110 O OE1 . GLU A 1 148 ? -21.080 8.691   14.234  1.00 11.75 ? 1647 GLU A OE1 1 
ATOM   1111 O OE2 . GLU A 1 148 ? -21.241 9.502   16.273  1.00 23.15 ? 1647 GLU A OE2 1 
ATOM   1112 N N   . ALA A 1 149 ? -23.753 4.542   13.946  1.00 10.73 ? 1648 ALA A N   1 
ATOM   1113 C CA  . ALA A 1 149 ? -24.487 4.359   12.697  1.00 14.01 ? 1648 ALA A CA  1 
ATOM   1114 C C   . ALA A 1 149 ? -25.695 3.429   12.856  1.00 20.98 ? 1648 ALA A C   1 
ATOM   1115 O O   . ALA A 1 149 ? -26.783 3.734   12.359  1.00 18.89 ? 1648 ALA A O   1 
ATOM   1116 C CB  . ALA A 1 149 ? -23.526 3.843   11.583  1.00 10.97 ? 1648 ALA A CB  1 
ATOM   1117 N N   . GLU A 1 150 ? -25.501 2.308   13.554  1.00 15.21 ? 1649 GLU A N   1 
ATOM   1118 C CA  . GLU A 1 150 ? -26.557 1.309   13.688  1.00 23.76 ? 1649 GLU A CA  1 
ATOM   1119 C C   . GLU A 1 150 ? -27.558 1.710   14.765  1.00 14.72 ? 1649 GLU A C   1 
ATOM   1120 O O   . GLU A 1 150 ? -28.615 1.126   14.848  1.00 22.86 ? 1649 GLU A O   1 
ATOM   1121 C CB  . GLU A 1 150 ? -25.979 -0.087  13.999  1.00 23.19 ? 1649 GLU A CB  1 
ATOM   1122 C CG  . GLU A 1 150 ? -25.486 -0.256  15.441  1.00 27.81 ? 1649 GLU A CG  1 
ATOM   1123 C CD  . GLU A 1 150 ? -24.732 -1.585  15.712  1.00 44.32 ? 1649 GLU A CD  1 
ATOM   1124 O OE1 . GLU A 1 150 ? -24.500 -1.862  16.912  1.00 19.16 ? 1649 GLU A OE1 1 
ATOM   1125 O OE2 . GLU A 1 150 ? -24.401 -2.353  14.765  1.00 20.95 ? 1649 GLU A OE2 1 
ATOM   1126 N N   . LEU A 1 151 ? -27.200 2.682   15.604  1.00 17.07 ? 1650 LEU A N   1 
ATOM   1127 C CA  . LEU A 1 151 ? -28.110 3.198   16.633  1.00 20.89 ? 1650 LEU A CA  1 
ATOM   1128 C C   . LEU A 1 151 ? -28.917 4.453   16.245  1.00 26.04 ? 1650 LEU A C   1 
ATOM   1129 O O   . LEU A 1 151 ? -29.717 4.932   17.070  1.00 22.08 ? 1650 LEU A O   1 
ATOM   1130 C CB  . LEU A 1 151 ? -27.351 3.483   17.947  1.00 25.19 ? 1650 LEU A CB  1 
ATOM   1131 C CG  . LEU A 1 151 ? -26.978 2.278   18.817  1.00 17.81 ? 1650 LEU A CG  1 
ATOM   1132 C CD1 . LEU A 1 151 ? -26.090 2.758   19.968  1.00 19.95 ? 1650 LEU A CD1 1 
ATOM   1133 C CD2 . LEU A 1 151 ? -28.264 1.520   19.316  1.00 6.87  ? 1650 LEU A CD2 1 
ATOM   1134 N N   . GLU A 1 152 ? -28.714 5.003   15.039  1.00 26.24 ? 1651 GLU A N   1 
ATOM   1135 C CA  . GLU A 1 152 ? -29.535 6.151   14.590  1.00 28.48 ? 1651 GLU A CA  1 
ATOM   1136 C C   . GLU A 1 152 ? -31.023 5.833   14.641  1.00 25.91 ? 1651 GLU A C   1 
ATOM   1137 O O   . GLU A 1 152 ? -31.670 5.681   13.603  1.00 39.81 ? 1651 GLU A O   1 
ATOM   1138 C CB  . GLU A 1 152 ? -29.183 6.577   13.171  1.00 26.57 ? 1651 GLU A CB  1 
ATOM   1139 C CG  . GLU A 1 152 ? -27.996 7.507   13.067  1.00 33.01 ? 1651 GLU A CG  1 
ATOM   1140 C CD  . GLU A 1 152 ? -27.768 7.933   11.627  1.00 41.10 ? 1651 GLU A CD  1 
ATOM   1141 O OE1 . GLU A 1 152 ? -28.759 7.939   10.848  1.00 28.97 ? 1651 GLU A OE1 1 
ATOM   1142 O OE2 . GLU A 1 152 ? -26.604 8.231   11.273  1.00 33.43 ? 1651 GLU A OE2 1 
HETATM 1143 O O   . HOH B 2 .   ? -1.077  -11.122 -9.365  1.00 7.50  ? 1    HOH A O   1 
HETATM 1144 O O   . HOH B 2 .   ? -2.072  8.846   -1.438  1.00 12.93 ? 2    HOH A O   1 
HETATM 1145 O O   . HOH B 2 .   ? 4.960   -5.580  -10.429 1.00 13.65 ? 3    HOH A O   1 
HETATM 1146 O O   A HOH B 2 .   ? 6.983   -5.337  -14.815 0.50 4.96  ? 4    HOH A O   1 
HETATM 1147 O O   B HOH B 2 .   ? 6.558   -3.646  -14.724 0.50 13.44 ? 4    HOH A O   1 
HETATM 1148 O O   . HOH B 2 .   ? 5.627   -6.971  -12.870 1.00 14.30 ? 5    HOH A O   1 
HETATM 1149 O O   . HOH B 2 .   ? 14.381  -1.510  -12.476 1.00 17.71 ? 6    HOH A O   1 
HETATM 1150 O O   . HOH B 2 .   ? -14.893 6.904   16.669  1.00 17.76 ? 7    HOH A O   1 
HETATM 1151 O O   . HOH B 2 .   ? 4.382   -3.054  -10.718 1.00 16.21 ? 8    HOH A O   1 
HETATM 1152 O O   . HOH B 2 .   ? -16.263 13.175  20.694  1.00 11.60 ? 9    HOH A O   1 
HETATM 1153 O O   . HOH B 2 .   ? -5.027  3.655   3.547   1.00 14.98 ? 11   HOH A O   1 
HETATM 1154 O O   . HOH B 2 .   ? 2.204   -5.758  -10.865 1.00 18.21 ? 12   HOH A O   1 
HETATM 1155 O O   . HOH B 2 .   ? 2.810   -10.581 1.439   1.00 26.92 ? 13   HOH A O   1 
HETATM 1156 O O   . HOH B 2 .   ? -20.957 6.511   12.490  1.00 12.14 ? 14   HOH A O   1 
HETATM 1157 O O   . HOH B 2 .   ? -0.940  -2.017  -11.796 1.00 17.93 ? 15   HOH A O   1 
HETATM 1158 O O   . HOH B 2 .   ? 3.693   11.645  0.617   1.00 15.62 ? 16   HOH A O   1 
HETATM 1159 O O   . HOH B 2 .   ? -4.146  11.440  4.641   1.00 19.49 ? 17   HOH A O   1 
HETATM 1160 O O   . HOH B 2 .   ? 18.383  -1.075  -12.801 1.00 10.55 ? 19   HOH A O   1 
HETATM 1161 O O   . HOH B 2 .   ? 4.705   12.794  4.231   1.00 22.19 ? 20   HOH A O   1 
HETATM 1162 O O   . HOH B 2 .   ? 3.287   -0.595  -19.929 1.00 12.72 ? 21   HOH A O   1 
HETATM 1163 O O   . HOH B 2 .   ? -0.915  -4.967  12.367  0.50 18.94 ? 22   HOH A O   1 
HETATM 1164 O O   . HOH B 2 .   ? 0.514   -3.098  -13.657 1.00 21.21 ? 23   HOH A O   1 
HETATM 1165 O O   . HOH B 2 .   ? 13.420  5.970   -11.170 1.00 26.86 ? 24   HOH A O   1 
HETATM 1166 O O   . HOH B 2 .   ? -4.287  -5.676  0.230   1.00 19.99 ? 25   HOH A O   1 
HETATM 1167 O O   . HOH B 2 .   ? 8.525   7.347   -12.678 1.00 30.94 ? 26   HOH A O   1 
HETATM 1168 O O   . HOH B 2 .   ? 16.188  -0.921  -0.808  1.00 27.32 ? 27   HOH A O   1 
HETATM 1169 O O   . HOH B 2 .   ? -6.928  -6.282  -2.907  1.00 29.16 ? 28   HOH A O   1 
HETATM 1170 O O   . HOH B 2 .   ? -7.150  -0.962  12.040  1.00 16.42 ? 29   HOH A O   1 
HETATM 1171 O O   . HOH B 2 .   ? -2.119  10.878  2.715   1.00 22.92 ? 30   HOH A O   1 
HETATM 1172 O O   . HOH B 2 .   ? 5.942   2.780   -14.526 1.00 26.60 ? 31   HOH A O   1 
HETATM 1173 O O   . HOH B 2 .   ? -4.488  -5.121  -4.996  1.00 21.93 ? 32   HOH A O   1 
HETATM 1174 O O   . HOH B 2 .   ? -6.499  11.307  3.622   1.00 38.73 ? 33   HOH A O   1 
HETATM 1175 O O   . HOH B 2 .   ? -0.216  12.722  2.139   1.00 22.30 ? 34   HOH A O   1 
HETATM 1176 O O   . HOH B 2 .   ? 4.210   -1.295  -13.020 1.00 20.98 ? 35   HOH A O   1 
HETATM 1177 O O   . HOH B 2 .   ? -10.294 9.487   -2.406  1.00 26.88 ? 36   HOH A O   1 
HETATM 1178 O O   . HOH B 2 .   ? 6.572   -7.369  -21.839 1.00 23.95 ? 37   HOH A O   1 
HETATM 1179 O O   . HOH B 2 .   ? -3.103  9.943   0.656   1.00 21.34 ? 38   HOH A O   1 
HETATM 1180 O O   . HOH B 2 .   ? -7.930  -2.563  -4.571  1.00 29.48 ? 39   HOH A O   1 
HETATM 1181 O O   . HOH B 2 .   ? 14.674  4.973   -1.407  1.00 23.71 ? 41   HOH A O   1 
HETATM 1182 O O   . HOH B 2 .   ? -7.762  11.411  0.491   1.00 31.17 ? 42   HOH A O   1 
HETATM 1183 O O   . HOH B 2 .   ? -7.029  -3.034  5.602   1.00 18.88 ? 43   HOH A O   1 
HETATM 1184 O O   . HOH B 2 .   ? 17.611  -8.362  -16.448 1.00 19.02 ? 45   HOH A O   1 
HETATM 1185 O O   . HOH B 2 .   ? -2.456  -12.427 -7.480  1.00 11.22 ? 46   HOH A O   1 
HETATM 1186 O O   . HOH B 2 .   ? 13.241  -9.903  -18.040 1.00 20.56 ? 47   HOH A O   1 
HETATM 1187 O O   . HOH B 2 .   ? -1.341  -13.561 -11.043 1.00 18.38 ? 48   HOH A O   1 
HETATM 1188 O O   . HOH B 2 .   ? 2.427   11.978  3.646   1.00 21.70 ? 49   HOH A O   1 
HETATM 1189 O O   . HOH B 2 .   ? -14.814 1.296   20.232  1.00 19.18 ? 50   HOH A O   1 
HETATM 1190 O O   . HOH B 2 .   ? 15.102  -14.488 -13.868 1.00 14.60 ? 51   HOH A O   1 
HETATM 1191 O O   . HOH B 2 .   ? 0.613   -16.481 -13.989 1.00 17.31 ? 52   HOH A O   1 
HETATM 1192 O O   . HOH B 2 .   ? -34.055 6.313   14.720  1.00 22.33 ? 54   HOH A O   1 
HETATM 1193 O O   . HOH B 2 .   ? -9.604  -1.751  11.598  1.00 12.74 ? 55   HOH A O   1 
HETATM 1194 O O   . HOH B 2 .   ? -4.041  -0.236  -19.430 1.00 23.87 ? 56   HOH A O   1 
HETATM 1195 O O   . HOH B 2 .   ? -16.900 10.746  21.701  1.00 20.19 ? 57   HOH A O   1 
HETATM 1196 O O   . HOH B 2 .   ? -5.055  -2.565  -5.829  1.00 23.08 ? 58   HOH A O   1 
HETATM 1197 O O   . HOH B 2 .   ? 7.171   -5.178  -17.290 1.00 23.46 ? 59   HOH A O   1 
HETATM 1198 O O   . HOH B 2 .   ? 13.844  -13.054 -6.541  1.00 27.49 ? 61   HOH A O   1 
HETATM 1199 O O   . HOH B 2 .   ? -7.240  4.095   6.733   1.00 26.20 ? 62   HOH A O   1 
HETATM 1200 O O   . HOH B 2 .   ? 0.988   -3.523  -28.477 1.00 20.81 ? 63   HOH A O   1 
HETATM 1201 O O   . HOH B 2 .   ? -4.492  -8.745  -21.571 1.00 12.38 ? 64   HOH A O   1 
HETATM 1202 O O   . HOH B 2 .   ? -5.353  -8.857  -15.090 1.00 18.99 ? 65   HOH A O   1 
HETATM 1203 O O   . HOH B 2 .   ? 16.853  -8.772  0.463   1.00 30.78 ? 66   HOH A O   1 
HETATM 1204 O O   . HOH B 2 .   ? -4.676  -5.827  -7.507  1.00 35.33 ? 67   HOH A O   1 
HETATM 1205 O O   . HOH B 2 .   ? -6.937  -6.278  -8.802  1.00 30.95 ? 68   HOH A O   1 
HETATM 1206 O O   . HOH B 2 .   ? 1.117   14.011  -5.039  1.00 34.07 ? 69   HOH A O   1 
HETATM 1207 O O   . HOH B 2 .   ? -13.710 -0.046  7.334   1.00 25.44 ? 70   HOH A O   1 
HETATM 1208 O O   . HOH B 2 .   ? -13.974 -0.910  20.779  1.00 19.97 ? 71   HOH A O   1 
HETATM 1209 O O   . HOH B 2 .   ? -20.613 4.904   19.699  1.00 17.01 ? 72   HOH A O   1 
HETATM 1210 O O   . HOH B 2 .   ? 2.139   -11.508 -0.981  1.00 35.91 ? 73   HOH A O   1 
HETATM 1211 O O   . HOH B 2 .   ? -9.783  5.423   18.378  1.00 34.56 ? 74   HOH A O   1 
# 
loop_
_pdbx_poly_seq_scheme.asym_id 
_pdbx_poly_seq_scheme.entity_id 
_pdbx_poly_seq_scheme.seq_id 
_pdbx_poly_seq_scheme.mon_id 
_pdbx_poly_seq_scheme.ndb_seq_num 
_pdbx_poly_seq_scheme.pdb_seq_num 
_pdbx_poly_seq_scheme.auth_seq_num 
_pdbx_poly_seq_scheme.pdb_mon_id 
_pdbx_poly_seq_scheme.auth_mon_id 
_pdbx_poly_seq_scheme.pdb_strand_id 
_pdbx_poly_seq_scheme.pdb_ins_code 
_pdbx_poly_seq_scheme.hetero 
A 1 1   MET 1   1500 ?    ?   ?   A . n 
A 1 2   HIS 2   1501 ?    ?   ?   A . n 
A 1 3   HIS 3   1502 ?    ?   ?   A . n 
A 1 4   HIS 4   1503 ?    ?   ?   A . n 
A 1 5   HIS 5   1504 ?    ?   ?   A . n 
A 1 6   HIS 6   1505 ?    ?   ?   A . n 
A 1 7   HIS 7   1506 ?    ?   ?   A . n 
A 1 8   SER 8   1507 ?    ?   ?   A . n 
A 1 9   SER 9   1508 ?    ?   ?   A . n 
A 1 10  GLY 10  1509 ?    ?   ?   A . n 
A 1 11  VAL 11  1510 ?    ?   ?   A . n 
A 1 12  ASP 12  1511 ?    ?   ?   A . n 
A 1 13  LEU 13  1512 ?    ?   ?   A . n 
A 1 14  GLY 14  1513 1513 GLY GLY A . n 
A 1 15  THR 15  1514 1514 THR THR A . n 
A 1 16  GLU 16  1515 1515 GLU GLU A . n 
A 1 17  ASN 17  1516 1516 ASN ASN A . n 
A 1 18  LEU 18  1517 1517 LEU LEU A . n 
A 1 19  TYR 19  1518 1518 TYR TYR A . n 
A 1 20  PHE 20  1519 1519 PHE PHE A . n 
A 1 21  GLN 21  1520 1520 GLN GLN A . n 
A 1 22  SER 22  1521 1521 SER SER A . n 
A 1 23  MET 23  1522 1522 MET MET A . n 
A 1 24  GLN 24  1523 1523 GLN GLN A . n 
A 1 25  VAL 25  1524 1524 VAL VAL A . n 
A 1 26  ALA 26  1525 1525 ALA ALA A . n 
A 1 27  PHE 27  1526 1526 PHE PHE A . n 
A 1 28  SER 28  1527 1527 SER SER A . n 
A 1 29  PHE 29  1528 1528 PHE PHE A . n 
A 1 30  ILE 30  1529 1529 ILE ILE A . n 
A 1 31  LEU 31  1530 1530 LEU LEU A . n 
A 1 32  ASP 32  1531 1531 ASP ASP A . n 
A 1 33  ASN 33  1532 1532 ASN ASN A . n 
A 1 34  ILE 34  1533 1533 ILE ILE A . n 
A 1 35  VAL 35  1534 1534 VAL VAL A . n 
A 1 36  THR 36  1535 1535 THR THR A . n 
A 1 37  GLN 37  1536 1536 GLN GLN A . n 
A 1 38  LYS 38  1537 1537 LYS LYS A . n 
A 1 39  MET 39  1538 1538 MET MET A . n 
A 1 40  MET 40  1539 1539 MET MET A . n 
A 1 41  ALA 41  1540 1540 ALA ALA A . n 
A 1 42  VAL 42  1541 1541 VAL VAL A . n 
A 1 43  PRO 43  1542 1542 PRO PRO A . n 
A 1 44  ASP 44  1543 1543 ASP ASP A . n 
A 1 45  SER 45  1544 1544 SER SER A . n 
A 1 46  TRP 46  1545 1545 TRP TRP A . n 
A 1 47  PRO 47  1546 1546 PRO PRO A . n 
A 1 48  PHE 48  1547 1547 PHE PHE A . n 
A 1 49  HIS 49  1548 1548 HIS HIS A . n 
A 1 50  HIS 50  1549 1549 HIS HIS A . n 
A 1 51  PRO 51  1550 1550 PRO PRO A . n 
A 1 52  VAL 52  1551 1551 VAL VAL A . n 
A 1 53  ASN 53  1552 1552 ASN ASN A . n 
A 1 54  LYS 54  1553 1553 LYS LYS A . n 
A 1 55  LYS 55  1554 1554 LYS LYS A . n 
A 1 56  PHE 56  1555 1555 PHE PHE A . n 
A 1 57  VAL 57  1556 1556 VAL VAL A . n 
A 1 58  PRO 58  1557 1557 PRO PRO A . n 
A 1 59  ASP 59  1558 1558 ASP ASP A . n 
A 1 60  TYR 60  1559 1559 TYR TYR A . n 
A 1 61  TYR 61  1560 1560 TYR TYR A . n 
A 1 62  LYS 62  1561 1561 LYS LYS A . n 
A 1 63  MET 63  1562 1562 MET MET A . n 
A 1 64  ILE 64  1563 1563 ILE ILE A . n 
A 1 65  VAL 65  1564 1564 VAL VAL A . n 
A 1 66  ASN 66  1565 1565 ASN ASN A . n 
A 1 67  PRO 67  1566 1566 PRO PRO A . n 
A 1 68  VAL 68  1567 1567 VAL VAL A . n 
A 1 69  ASP 69  1568 1568 ASP ASP A . n 
A 1 70  LEU 70  1569 1569 LEU LEU A . n 
A 1 71  GLU 71  1570 1570 GLU GLU A . n 
A 1 72  THR 72  1571 1571 THR THR A . n 
A 1 73  ILE 73  1572 1572 ILE ILE A . n 
A 1 74  ARG 74  1573 1573 ARG ARG A . n 
A 1 75  LYS 75  1574 1574 LYS LYS A . n 
A 1 76  ASN 76  1575 1575 ASN ASN A . n 
A 1 77  ILE 77  1576 1576 ILE ILE A . n 
A 1 78  SER 78  1577 1577 SER SER A . n 
A 1 79  LYS 79  1578 1578 LYS LYS A . n 
A 1 80  HIS 80  1579 1579 HIS HIS A . n 
A 1 81  LYS 81  1580 1580 LYS LYS A . n 
A 1 82  TYR 82  1581 1581 TYR TYR A . n 
A 1 83  GLN 83  1582 1582 GLN GLN A . n 
A 1 84  SER 84  1583 1583 SER SER A . n 
A 1 85  ARG 85  1584 1584 ARG ARG A . n 
A 1 86  GLU 86  1585 1585 GLU GLU A . n 
A 1 87  SER 87  1586 1586 SER SER A . n 
A 1 88  PHE 88  1587 1587 PHE PHE A . n 
A 1 89  LEU 89  1588 1588 LEU LEU A . n 
A 1 90  ASP 90  1589 1589 ASP ASP A . n 
A 1 91  ASP 91  1590 1590 ASP ASP A . n 
A 1 92  VAL 92  1591 1591 VAL VAL A . n 
A 1 93  ASN 93  1592 1592 ASN ASN A . n 
A 1 94  LEU 94  1593 1593 LEU LEU A . n 
A 1 95  ILE 95  1594 1594 ILE ILE A . n 
A 1 96  LEU 96  1595 1595 LEU LEU A . n 
A 1 97  ALA 97  1596 1596 ALA ALA A . n 
A 1 98  ASN 98  1597 1597 ASN ASN A . n 
A 1 99  SER 99  1598 1598 SER SER A . n 
A 1 100 VAL 100 1599 1599 VAL VAL A . n 
A 1 101 LYS 101 1600 1600 LYS LYS A . n 
A 1 102 TYR 102 1601 1601 TYR TYR A . n 
A 1 103 ASN 103 1602 1602 ASN ASN A . n 
A 1 104 GLY 104 1603 1603 GLY GLY A . n 
A 1 105 PRO 105 1604 1604 PRO PRO A . n 
A 1 106 GLU 106 1605 1605 GLU GLU A . n 
A 1 107 SER 107 1606 1606 SER SER A . n 
A 1 108 GLN 108 1607 1607 GLN GLN A . n 
A 1 109 TYR 109 1608 1608 TYR TYR A . n 
A 1 110 THR 110 1609 1609 THR THR A . n 
A 1 111 LYS 111 1610 1610 LYS LYS A . n 
A 1 112 THR 112 1611 1611 THR THR A . n 
A 1 113 ALA 113 1612 1612 ALA ALA A . n 
A 1 114 GLN 114 1613 1613 GLN GLN A . n 
A 1 115 GLU 115 1614 1614 GLU GLU A . n 
A 1 116 ILE 116 1615 1615 ILE ILE A . n 
A 1 117 VAL 117 1616 1616 VAL VAL A . n 
A 1 118 ASN 118 1617 1617 ASN ASN A . n 
A 1 119 ILE 119 1618 1618 ILE ILE A . n 
A 1 120 CYS 120 1619 1619 CYS CYS A . n 
A 1 121 TYR 121 1620 1620 TYR TYR A . n 
A 1 122 GLN 122 1621 1621 GLN GLN A . n 
A 1 123 THR 123 1622 1622 THR THR A . n 
A 1 124 ILE 124 1623 1623 ILE ILE A . n 
A 1 125 THR 125 1624 1624 THR THR A . n 
A 1 126 GLU 126 1625 1625 GLU GLU A . n 
A 1 127 TYR 127 1626 1626 TYR TYR A . n 
A 1 128 ASP 128 1627 1627 ASP ASP A . n 
A 1 129 GLU 129 1628 1628 GLU GLU A . n 
A 1 130 HIS 130 1629 1629 HIS HIS A . n 
A 1 131 LEU 131 1630 1630 LEU LEU A . n 
A 1 132 THR 132 1631 1631 THR THR A . n 
A 1 133 GLN 133 1632 1632 GLN GLN A . n 
A 1 134 LEU 134 1633 1633 LEU LEU A . n 
A 1 135 GLU 135 1634 1634 GLU GLU A . n 
A 1 136 LYS 136 1635 1635 LYS LYS A . n 
A 1 137 ASP 137 1636 1636 ASP ASP A . n 
A 1 138 ILE 138 1637 1637 ILE ILE A . n 
A 1 139 CYS 139 1638 1638 CYS CYS A . n 
A 1 140 THR 140 1639 1639 THR THR A . n 
A 1 141 ALA 141 1640 1640 ALA ALA A . n 
A 1 142 LYS 142 1641 1641 LYS LYS A . n 
A 1 143 GLU 143 1642 1642 GLU GLU A . n 
A 1 144 ALA 144 1643 1643 ALA ALA A . n 
A 1 145 ALA 145 1644 1644 ALA ALA A . n 
A 1 146 LEU 146 1645 1645 LEU LEU A . n 
A 1 147 GLU 147 1646 1646 GLU GLU A . n 
A 1 148 GLU 148 1647 1647 GLU GLU A . n 
A 1 149 ALA 149 1648 1648 ALA ALA A . n 
A 1 150 GLU 150 1649 1649 GLU GLU A . n 
A 1 151 LEU 151 1650 1650 LEU LEU A . n 
A 1 152 GLU 152 1651 1651 GLU GLU A . n 
A 1 153 SER 153 1652 ?    ?   ?   A . n 
A 1 154 LEU 154 1653 ?    ?   ?   A . n 
A 1 155 ASP 155 1654 ?    ?   ?   A . n 
# 
_pdbx_SG_project.id                    1 
_pdbx_SG_project.project_name          ? 
_pdbx_SG_project.full_name_of_center   'Structural Genomics Consortium' 
_pdbx_SG_project.initial_of_center     SGC 
# 
loop_
_pdbx_nonpoly_scheme.asym_id 
_pdbx_nonpoly_scheme.entity_id 
_pdbx_nonpoly_scheme.mon_id 
_pdbx_nonpoly_scheme.ndb_seq_num 
_pdbx_nonpoly_scheme.pdb_seq_num 
_pdbx_nonpoly_scheme.auth_seq_num 
_pdbx_nonpoly_scheme.pdb_mon_id 
_pdbx_nonpoly_scheme.auth_mon_id 
_pdbx_nonpoly_scheme.pdb_strand_id 
_pdbx_nonpoly_scheme.pdb_ins_code 
B 2 HOH 1  1  1  HOH HOH A . 
B 2 HOH 2  2  2  HOH HOH A . 
B 2 HOH 3  3  3  HOH HOH A . 
B 2 HOH 4  4  4  HOH HOH A . 
B 2 HOH 5  5  5  HOH HOH A . 
B 2 HOH 6  6  6  HOH HOH A . 
B 2 HOH 7  7  7  HOH HOH A . 
B 2 HOH 8  8  8  HOH HOH A . 
B 2 HOH 9  9  9  HOH HOH A . 
B 2 HOH 10 11 11 HOH HOH A . 
B 2 HOH 11 12 12 HOH HOH A . 
B 2 HOH 12 13 13 HOH HOH A . 
B 2 HOH 13 14 14 HOH HOH A . 
B 2 HOH 14 15 15 HOH HOH A . 
B 2 HOH 15 16 16 HOH HOH A . 
B 2 HOH 16 17 17 HOH HOH A . 
B 2 HOH 17 19 19 HOH HOH A . 
B 2 HOH 18 20 20 HOH HOH A . 
B 2 HOH 19 21 21 HOH HOH A . 
B 2 HOH 20 22 22 HOH HOH A . 
B 2 HOH 21 23 23 HOH HOH A . 
B 2 HOH 22 24 24 HOH HOH A . 
B 2 HOH 23 25 25 HOH HOH A . 
B 2 HOH 24 26 26 HOH HOH A . 
B 2 HOH 25 27 27 HOH HOH A . 
B 2 HOH 26 28 28 HOH HOH A . 
B 2 HOH 27 29 29 HOH HOH A . 
B 2 HOH 28 30 30 HOH HOH A . 
B 2 HOH 29 31 31 HOH HOH A . 
B 2 HOH 30 32 32 HOH HOH A . 
B 2 HOH 31 33 33 HOH HOH A . 
B 2 HOH 32 34 34 HOH HOH A . 
B 2 HOH 33 35 35 HOH HOH A . 
B 2 HOH 34 36 36 HOH HOH A . 
B 2 HOH 35 37 37 HOH HOH A . 
B 2 HOH 36 38 38 HOH HOH A . 
B 2 HOH 37 39 39 HOH HOH A . 
B 2 HOH 38 41 41 HOH HOH A . 
B 2 HOH 39 42 42 HOH HOH A . 
B 2 HOH 40 43 43 HOH HOH A . 
B 2 HOH 41 45 45 HOH HOH A . 
B 2 HOH 42 46 46 HOH HOH A . 
B 2 HOH 43 47 47 HOH HOH A . 
B 2 HOH 44 48 48 HOH HOH A . 
B 2 HOH 45 49 49 HOH HOH A . 
B 2 HOH 46 50 50 HOH HOH A . 
B 2 HOH 47 51 51 HOH HOH A . 
B 2 HOH 48 52 52 HOH HOH A . 
B 2 HOH 49 54 54 HOH HOH A . 
B 2 HOH 50 55 55 HOH HOH A . 
B 2 HOH 51 56 56 HOH HOH A . 
B 2 HOH 52 57 57 HOH HOH A . 
B 2 HOH 53 58 58 HOH HOH A . 
B 2 HOH 54 59 59 HOH HOH A . 
B 2 HOH 55 61 61 HOH HOH A . 
B 2 HOH 56 62 62 HOH HOH A . 
B 2 HOH 57 63 63 HOH HOH A . 
B 2 HOH 58 64 64 HOH HOH A . 
B 2 HOH 59 65 65 HOH HOH A . 
B 2 HOH 60 66 66 HOH HOH A . 
B 2 HOH 61 67 67 HOH HOH A . 
B 2 HOH 62 68 68 HOH HOH A . 
B 2 HOH 63 69 69 HOH HOH A . 
B 2 HOH 64 70 70 HOH HOH A . 
B 2 HOH 65 71 71 HOH HOH A . 
B 2 HOH 66 72 72 HOH HOH A . 
B 2 HOH 67 73 73 HOH HOH A . 
B 2 HOH 68 74 74 HOH HOH A . 
# 
loop_
_pdbx_struct_assembly.id 
_pdbx_struct_assembly.details 
_pdbx_struct_assembly.method_details 
_pdbx_struct_assembly.oligomeric_details 
_pdbx_struct_assembly.oligomeric_count 
1 author_defined_assembly   ?    monomeric 1 
2 software_defined_assembly PISA dimeric   2 
# 
loop_
_pdbx_struct_assembly_gen.assembly_id 
_pdbx_struct_assembly_gen.oper_expression 
_pdbx_struct_assembly_gen.asym_id_list 
1 1   A,B 
2 1,2 A,B 
# 
loop_
_pdbx_struct_assembly_prop.biol_id 
_pdbx_struct_assembly_prop.type 
_pdbx_struct_assembly_prop.value 
_pdbx_struct_assembly_prop.details 
2 'ABSA (A^2)' 2320  ? 
2 MORE         -14   ? 
2 'SSA (A^2)'  14600 ? 
# 
loop_
_pdbx_struct_oper_list.id 
_pdbx_struct_oper_list.type 
_pdbx_struct_oper_list.name 
_pdbx_struct_oper_list.symmetry_operation 
_pdbx_struct_oper_list.matrix[1][1] 
_pdbx_struct_oper_list.matrix[1][2] 
_pdbx_struct_oper_list.matrix[1][3] 
_pdbx_struct_oper_list.vector[1] 
_pdbx_struct_oper_list.matrix[2][1] 
_pdbx_struct_oper_list.matrix[2][2] 
_pdbx_struct_oper_list.matrix[2][3] 
_pdbx_struct_oper_list.vector[2] 
_pdbx_struct_oper_list.matrix[3][1] 
_pdbx_struct_oper_list.matrix[3][2] 
_pdbx_struct_oper_list.matrix[3][3] 
_pdbx_struct_oper_list.vector[3] 
1 'identity operation'         1_555 x,y,z         1.0000000000  0.0000000000 0.0000000000 0.0000000000   0.0000000000 1.0000000000  0.0000000000 0.0000000000   0.0000000000 0.0000000000 1.0000000000  0.0000000000  
2 'crystal symmetry operation' 5_555 x-y,-y,-z+1/3 -0.0603111585 0.3766678728 0.9243829714 -10.5300560083 0.3766678728 -0.8490152483 0.3705326190 -13.4192374768 0.9243829714 0.3705326190 -0.0906735932 16.1724871931 
# 
_pdbx_struct_special_symmetry.id              1 
_pdbx_struct_special_symmetry.PDB_model_num   1 
_pdbx_struct_special_symmetry.auth_asym_id    A 
_pdbx_struct_special_symmetry.auth_comp_id    HOH 
_pdbx_struct_special_symmetry.auth_seq_id     22 
_pdbx_struct_special_symmetry.PDB_ins_code    ? 
_pdbx_struct_special_symmetry.label_asym_id   B 
_pdbx_struct_special_symmetry.label_comp_id   HOH 
_pdbx_struct_special_symmetry.label_seq_id    . 
# 
loop_
_pdbx_audit_revision_history.ordinal 
_pdbx_audit_revision_history.data_content_type 
_pdbx_audit_revision_history.major_revision 
_pdbx_audit_revision_history.minor_revision 
_pdbx_audit_revision_history.revision_date 
1 'Structure model' 1 0 2009-06-23 
2 'Structure model' 1 1 2011-07-13 
3 'Structure model' 1 2 2012-04-11 
4 'Structure model' 1 3 2023-11-01 
# 
_pdbx_audit_revision_details.ordinal             1 
_pdbx_audit_revision_details.revision_ordinal    1 
_pdbx_audit_revision_details.data_content_type   'Structure model' 
_pdbx_audit_revision_details.provider            repository 
_pdbx_audit_revision_details.type                'Initial release' 
_pdbx_audit_revision_details.description         ? 
_pdbx_audit_revision_details.details             ? 
# 
loop_
_pdbx_audit_revision_group.ordinal 
_pdbx_audit_revision_group.revision_ordinal 
_pdbx_audit_revision_group.data_content_type 
_pdbx_audit_revision_group.group 
1 2 'Structure model' Advisory                    
2 2 'Structure model' 'Version format compliance' 
3 3 'Structure model' 'Database references'       
4 4 'Structure model' 'Data collection'           
5 4 'Structure model' 'Database references'       
6 4 'Structure model' 'Refinement description'    
# 
loop_
_pdbx_audit_revision_category.ordinal 
_pdbx_audit_revision_category.revision_ordinal 
_pdbx_audit_revision_category.data_content_type 
_pdbx_audit_revision_category.category 
1 4 'Structure model' chem_comp_atom                
2 4 'Structure model' chem_comp_bond                
3 4 'Structure model' database_2                    
4 4 'Structure model' pdbx_initial_refinement_model 
5 4 'Structure model' struct_ref_seq_dif            
# 
loop_
_pdbx_audit_revision_item.ordinal 
_pdbx_audit_revision_item.revision_ordinal 
_pdbx_audit_revision_item.data_content_type 
_pdbx_audit_revision_item.item 
1 4 'Structure model' '_database_2.pdbx_DOI'                
2 4 'Structure model' '_database_2.pdbx_database_accession' 
3 4 'Structure model' '_struct_ref_seq_dif.details'         
# 
loop_
_pdbx_refine_tls.pdbx_refine_id 
_pdbx_refine_tls.id 
_pdbx_refine_tls.details 
_pdbx_refine_tls.method 
_pdbx_refine_tls.origin_x 
_pdbx_refine_tls.origin_y 
_pdbx_refine_tls.origin_z 
_pdbx_refine_tls.T[1][1] 
_pdbx_refine_tls.T[2][2] 
_pdbx_refine_tls.T[3][3] 
_pdbx_refine_tls.T[1][2] 
_pdbx_refine_tls.T[1][3] 
_pdbx_refine_tls.T[2][3] 
_pdbx_refine_tls.L[1][1] 
_pdbx_refine_tls.L[2][2] 
_pdbx_refine_tls.L[3][3] 
_pdbx_refine_tls.L[1][2] 
_pdbx_refine_tls.L[1][3] 
_pdbx_refine_tls.L[2][3] 
_pdbx_refine_tls.S[1][1] 
_pdbx_refine_tls.S[2][2] 
_pdbx_refine_tls.S[3][3] 
_pdbx_refine_tls.S[1][2] 
_pdbx_refine_tls.S[1][3] 
_pdbx_refine_tls.S[2][3] 
_pdbx_refine_tls.S[2][1] 
_pdbx_refine_tls.S[3][1] 
_pdbx_refine_tls.S[3][2] 
'X-RAY DIFFRACTION' 1 ? refined -0.8689 2.0284  -3.2476 0.1210 0.0692 0.1307 -0.0406 0.0002  0.0201 1.2407 2.1475 5.9975 -1.5668 -2.0193 2.4764 -0.0194 -0.0707 0.0901  0.1047  -0.0297 0.0349  -0.0092 0.2517 -0.1899 
'X-RAY DIFFRACTION' 2 ? refined 1.6457  -2.6797 3.5821  0.2245 0.0726 0.1423 0.0058  -0.0111 0.0429 2.2455 1.4442 3.0222 -0.7010 -1.5137 0.6318 -0.1310 0.1642  -0.0332 -0.1994 -0.0330 -0.0632 0.1810  0.3054 0.3386  
# 
loop_
_pdbx_refine_tls_group.pdbx_refine_id 
_pdbx_refine_tls_group.beg_auth_seq_id 
_pdbx_refine_tls_group.selection_details 
_pdbx_refine_tls_group.id 
_pdbx_refine_tls_group.refine_tls_id 
_pdbx_refine_tls_group.beg_auth_asym_id 
_pdbx_refine_tls_group.end_auth_asym_id 
_pdbx_refine_tls_group.end_auth_seq_id 
_pdbx_refine_tls_group.beg_label_asym_id 
_pdbx_refine_tls_group.beg_label_seq_id 
_pdbx_refine_tls_group.end_label_asym_id 
_pdbx_refine_tls_group.end_label_seq_id 
_pdbx_refine_tls_group.selection 
'X-RAY DIFFRACTION' 1513 ? 1 1 A A 1588 . . . . ? 
'X-RAY DIFFRACTION' 1589 ? 2 2 A A 1651 . . . . ? 
# 
_pdbx_phasing_MR.entry_id                     3HMH 
_pdbx_phasing_MR.method_rotation              ? 
_pdbx_phasing_MR.method_translation           ? 
_pdbx_phasing_MR.model_details                'Phaser MODE: MR_AUTO' 
_pdbx_phasing_MR.R_factor                     56.990 
_pdbx_phasing_MR.R_rigid_body                 ? 
_pdbx_phasing_MR.correlation_coeff_Fo_to_Fc   ? 
_pdbx_phasing_MR.correlation_coeff_Io_to_Ic   ? 
_pdbx_phasing_MR.d_res_high_rotation          2.500 
_pdbx_phasing_MR.d_res_low_rotation           28.150 
_pdbx_phasing_MR.d_res_high_translation       2.500 
_pdbx_phasing_MR.d_res_low_translation        28.150 
_pdbx_phasing_MR.packing                      ? 
_pdbx_phasing_MR.reflns_percent_rotation      ? 
_pdbx_phasing_MR.reflns_percent_translation   ? 
_pdbx_phasing_MR.sigma_F_rotation             ? 
_pdbx_phasing_MR.sigma_F_translation          ? 
_pdbx_phasing_MR.sigma_I_rotation             ? 
_pdbx_phasing_MR.sigma_I_translation          ? 
# 
_phasing.method   MR 
# 
loop_
_software.pdbx_ordinal 
_software.name 
_software.version 
_software.date 
_software.type 
_software.contact_author 
_software.contact_author_email 
_software.classification 
_software.location 
_software.language 
_software.citation_id 
1 SCALA        3.3.9 2008/10/21                 other   'Phil R. Evans'      pre@mrc-lmb.cam.ac.uk       'data scaling'    
http://www.ccp4.ac.uk/dist/html/scala.html   Fortran_77 ? 
2 PHASER       2.1.4 'Thu Nov 13 10:53:32 2008' program 'Randy J. Read'      cimr-phaser@lists.cam.ac.uk phasing           
http://www-structmed.cimr.cam.ac.uk/phaser/  ?          ? 
3 REFMAC       .     ?                          program 'Garib N. Murshudov' garib@ysbl.york.ac.uk       refinement        
http://www.ccp4.ac.uk/dist/html/refmac5.html Fortran_77 ? 
4 PDB_EXTRACT  3.005 'June 11, 2008'            package PDB                  help@deposit.rcsb.org       'data extraction' 
http://sw-tools.pdb.org/apps/PDB_EXTRACT/    C++        ? 
5 CrystalClear .     ?                          ?       ?                    ?                           'data collection' ? ? ? 
6 MOSFLM       .     ?                          ?       ?                    ?                           'data reduction'  ? ? ? 
# 
loop_
_pdbx_unobs_or_zero_occ_atoms.id 
_pdbx_unobs_or_zero_occ_atoms.PDB_model_num 
_pdbx_unobs_or_zero_occ_atoms.polymer_flag 
_pdbx_unobs_or_zero_occ_atoms.occupancy_flag 
_pdbx_unobs_or_zero_occ_atoms.auth_asym_id 
_pdbx_unobs_or_zero_occ_atoms.auth_comp_id 
_pdbx_unobs_or_zero_occ_atoms.auth_seq_id 
_pdbx_unobs_or_zero_occ_atoms.PDB_ins_code 
_pdbx_unobs_or_zero_occ_atoms.auth_atom_id 
_pdbx_unobs_or_zero_occ_atoms.label_alt_id 
_pdbx_unobs_or_zero_occ_atoms.label_asym_id 
_pdbx_unobs_or_zero_occ_atoms.label_comp_id 
_pdbx_unobs_or_zero_occ_atoms.label_seq_id 
_pdbx_unobs_or_zero_occ_atoms.label_atom_id 
1 1 Y 1 A LYS 1554 ? CE ? A LYS 55  CE 
2 1 Y 1 A LYS 1554 ? NZ ? A LYS 55  NZ 
3 1 Y 1 A LYS 1635 ? CD ? A LYS 136 CD 
4 1 Y 1 A LYS 1635 ? CE ? A LYS 136 CE 
5 1 Y 1 A LYS 1635 ? NZ ? A LYS 136 NZ 
# 
loop_
_pdbx_unobs_or_zero_occ_residues.id 
_pdbx_unobs_or_zero_occ_residues.PDB_model_num 
_pdbx_unobs_or_zero_occ_residues.polymer_flag 
_pdbx_unobs_or_zero_occ_residues.occupancy_flag 
_pdbx_unobs_or_zero_occ_residues.auth_asym_id 
_pdbx_unobs_or_zero_occ_residues.auth_comp_id 
_pdbx_unobs_or_zero_occ_residues.auth_seq_id 
_pdbx_unobs_or_zero_occ_residues.PDB_ins_code 
_pdbx_unobs_or_zero_occ_residues.label_asym_id 
_pdbx_unobs_or_zero_occ_residues.label_comp_id 
_pdbx_unobs_or_zero_occ_residues.label_seq_id 
1  1 Y 1 A MET 1500 ? A MET 1   
2  1 Y 1 A HIS 1501 ? A HIS 2   
3  1 Y 1 A HIS 1502 ? A HIS 3   
4  1 Y 1 A HIS 1503 ? A HIS 4   
5  1 Y 1 A HIS 1504 ? A HIS 5   
6  1 Y 1 A HIS 1505 ? A HIS 6   
7  1 Y 1 A HIS 1506 ? A HIS 7   
8  1 Y 1 A SER 1507 ? A SER 8   
9  1 Y 1 A SER 1508 ? A SER 9   
10 1 Y 1 A GLY 1509 ? A GLY 10  
11 1 Y 1 A VAL 1510 ? A VAL 11  
12 1 Y 1 A ASP 1511 ? A ASP 12  
13 1 Y 1 A LEU 1512 ? A LEU 13  
14 1 Y 1 A SER 1652 ? A SER 153 
15 1 Y 1 A LEU 1653 ? A LEU 154 
16 1 Y 1 A ASP 1654 ? A ASP 155 
# 
loop_
_chem_comp_atom.comp_id 
_chem_comp_atom.atom_id 
_chem_comp_atom.type_symbol 
_chem_comp_atom.pdbx_aromatic_flag 
_chem_comp_atom.pdbx_stereo_config 
_chem_comp_atom.pdbx_ordinal 
ALA N    N N N 1   
ALA CA   C N S 2   
ALA C    C N N 3   
ALA O    O N N 4   
ALA CB   C N N 5   
ALA OXT  O N N 6   
ALA H    H N N 7   
ALA H2   H N N 8   
ALA HA   H N N 9   
ALA HB1  H N N 10  
ALA HB2  H N N 11  
ALA HB3  H N N 12  
ALA HXT  H N N 13  
ARG N    N N N 14  
ARG CA   C N S 15  
ARG C    C N N 16  
ARG O    O N N 17  
ARG CB   C N N 18  
ARG CG   C N N 19  
ARG CD   C N N 20  
ARG NE   N N N 21  
ARG CZ   C N N 22  
ARG NH1  N N N 23  
ARG NH2  N N N 24  
ARG OXT  O N N 25  
ARG H    H N N 26  
ARG H2   H N N 27  
ARG HA   H N N 28  
ARG HB2  H N N 29  
ARG HB3  H N N 30  
ARG HG2  H N N 31  
ARG HG3  H N N 32  
ARG HD2  H N N 33  
ARG HD3  H N N 34  
ARG HE   H N N 35  
ARG HH11 H N N 36  
ARG HH12 H N N 37  
ARG HH21 H N N 38  
ARG HH22 H N N 39  
ARG HXT  H N N 40  
ASN N    N N N 41  
ASN CA   C N S 42  
ASN C    C N N 43  
ASN O    O N N 44  
ASN CB   C N N 45  
ASN CG   C N N 46  
ASN OD1  O N N 47  
ASN ND2  N N N 48  
ASN OXT  O N N 49  
ASN H    H N N 50  
ASN H2   H N N 51  
ASN HA   H N N 52  
ASN HB2  H N N 53  
ASN HB3  H N N 54  
ASN HD21 H N N 55  
ASN HD22 H N N 56  
ASN HXT  H N N 57  
ASP N    N N N 58  
ASP CA   C N S 59  
ASP C    C N N 60  
ASP O    O N N 61  
ASP CB   C N N 62  
ASP CG   C N N 63  
ASP OD1  O N N 64  
ASP OD2  O N N 65  
ASP OXT  O N N 66  
ASP H    H N N 67  
ASP H2   H N N 68  
ASP HA   H N N 69  
ASP HB2  H N N 70  
ASP HB3  H N N 71  
ASP HD2  H N N 72  
ASP HXT  H N N 73  
CYS N    N N N 74  
CYS CA   C N R 75  
CYS C    C N N 76  
CYS O    O N N 77  
CYS CB   C N N 78  
CYS SG   S N N 79  
CYS OXT  O N N 80  
CYS H    H N N 81  
CYS H2   H N N 82  
CYS HA   H N N 83  
CYS HB2  H N N 84  
CYS HB3  H N N 85  
CYS HG   H N N 86  
CYS HXT  H N N 87  
GLN N    N N N 88  
GLN CA   C N S 89  
GLN C    C N N 90  
GLN O    O N N 91  
GLN CB   C N N 92  
GLN CG   C N N 93  
GLN CD   C N N 94  
GLN OE1  O N N 95  
GLN NE2  N N N 96  
GLN OXT  O N N 97  
GLN H    H N N 98  
GLN H2   H N N 99  
GLN HA   H N N 100 
GLN HB2  H N N 101 
GLN HB3  H N N 102 
GLN HG2  H N N 103 
GLN HG3  H N N 104 
GLN HE21 H N N 105 
GLN HE22 H N N 106 
GLN HXT  H N N 107 
GLU N    N N N 108 
GLU CA   C N S 109 
GLU C    C N N 110 
GLU O    O N N 111 
GLU CB   C N N 112 
GLU CG   C N N 113 
GLU CD   C N N 114 
GLU OE1  O N N 115 
GLU OE2  O N N 116 
GLU OXT  O N N 117 
GLU H    H N N 118 
GLU H2   H N N 119 
GLU HA   H N N 120 
GLU HB2  H N N 121 
GLU HB3  H N N 122 
GLU HG2  H N N 123 
GLU HG3  H N N 124 
GLU HE2  H N N 125 
GLU HXT  H N N 126 
GLY N    N N N 127 
GLY CA   C N N 128 
GLY C    C N N 129 
GLY O    O N N 130 
GLY OXT  O N N 131 
GLY H    H N N 132 
GLY H2   H N N 133 
GLY HA2  H N N 134 
GLY HA3  H N N 135 
GLY HXT  H N N 136 
HIS N    N N N 137 
HIS CA   C N S 138 
HIS C    C N N 139 
HIS O    O N N 140 
HIS CB   C N N 141 
HIS CG   C Y N 142 
HIS ND1  N Y N 143 
HIS CD2  C Y N 144 
HIS CE1  C Y N 145 
HIS NE2  N Y N 146 
HIS OXT  O N N 147 
HIS H    H N N 148 
HIS H2   H N N 149 
HIS HA   H N N 150 
HIS HB2  H N N 151 
HIS HB3  H N N 152 
HIS HD1  H N N 153 
HIS HD2  H N N 154 
HIS HE1  H N N 155 
HIS HE2  H N N 156 
HIS HXT  H N N 157 
HOH O    O N N 158 
HOH H1   H N N 159 
HOH H2   H N N 160 
ILE N    N N N 161 
ILE CA   C N S 162 
ILE C    C N N 163 
ILE O    O N N 164 
ILE CB   C N S 165 
ILE CG1  C N N 166 
ILE CG2  C N N 167 
ILE CD1  C N N 168 
ILE OXT  O N N 169 
ILE H    H N N 170 
ILE H2   H N N 171 
ILE HA   H N N 172 
ILE HB   H N N 173 
ILE HG12 H N N 174 
ILE HG13 H N N 175 
ILE HG21 H N N 176 
ILE HG22 H N N 177 
ILE HG23 H N N 178 
ILE HD11 H N N 179 
ILE HD12 H N N 180 
ILE HD13 H N N 181 
ILE HXT  H N N 182 
LEU N    N N N 183 
LEU CA   C N S 184 
LEU C    C N N 185 
LEU O    O N N 186 
LEU CB   C N N 187 
LEU CG   C N N 188 
LEU CD1  C N N 189 
LEU CD2  C N N 190 
LEU OXT  O N N 191 
LEU H    H N N 192 
LEU H2   H N N 193 
LEU HA   H N N 194 
LEU HB2  H N N 195 
LEU HB3  H N N 196 
LEU HG   H N N 197 
LEU HD11 H N N 198 
LEU HD12 H N N 199 
LEU HD13 H N N 200 
LEU HD21 H N N 201 
LEU HD22 H N N 202 
LEU HD23 H N N 203 
LEU HXT  H N N 204 
LYS N    N N N 205 
LYS CA   C N S 206 
LYS C    C N N 207 
LYS O    O N N 208 
LYS CB   C N N 209 
LYS CG   C N N 210 
LYS CD   C N N 211 
LYS CE   C N N 212 
LYS NZ   N N N 213 
LYS OXT  O N N 214 
LYS H    H N N 215 
LYS H2   H N N 216 
LYS HA   H N N 217 
LYS HB2  H N N 218 
LYS HB3  H N N 219 
LYS HG2  H N N 220 
LYS HG3  H N N 221 
LYS HD2  H N N 222 
LYS HD3  H N N 223 
LYS HE2  H N N 224 
LYS HE3  H N N 225 
LYS HZ1  H N N 226 
LYS HZ2  H N N 227 
LYS HZ3  H N N 228 
LYS HXT  H N N 229 
MET N    N N N 230 
MET CA   C N S 231 
MET C    C N N 232 
MET O    O N N 233 
MET CB   C N N 234 
MET CG   C N N 235 
MET SD   S N N 236 
MET CE   C N N 237 
MET OXT  O N N 238 
MET H    H N N 239 
MET H2   H N N 240 
MET HA   H N N 241 
MET HB2  H N N 242 
MET HB3  H N N 243 
MET HG2  H N N 244 
MET HG3  H N N 245 
MET HE1  H N N 246 
MET HE2  H N N 247 
MET HE3  H N N 248 
MET HXT  H N N 249 
PHE N    N N N 250 
PHE CA   C N S 251 
PHE C    C N N 252 
PHE O    O N N 253 
PHE CB   C N N 254 
PHE CG   C Y N 255 
PHE CD1  C Y N 256 
PHE CD2  C Y N 257 
PHE CE1  C Y N 258 
PHE CE2  C Y N 259 
PHE CZ   C Y N 260 
PHE OXT  O N N 261 
PHE H    H N N 262 
PHE H2   H N N 263 
PHE HA   H N N 264 
PHE HB2  H N N 265 
PHE HB3  H N N 266 
PHE HD1  H N N 267 
PHE HD2  H N N 268 
PHE HE1  H N N 269 
PHE HE2  H N N 270 
PHE HZ   H N N 271 
PHE HXT  H N N 272 
PRO N    N N N 273 
PRO CA   C N S 274 
PRO C    C N N 275 
PRO O    O N N 276 
PRO CB   C N N 277 
PRO CG   C N N 278 
PRO CD   C N N 279 
PRO OXT  O N N 280 
PRO H    H N N 281 
PRO HA   H N N 282 
PRO HB2  H N N 283 
PRO HB3  H N N 284 
PRO HG2  H N N 285 
PRO HG3  H N N 286 
PRO HD2  H N N 287 
PRO HD3  H N N 288 
PRO HXT  H N N 289 
SER N    N N N 290 
SER CA   C N S 291 
SER C    C N N 292 
SER O    O N N 293 
SER CB   C N N 294 
SER OG   O N N 295 
SER OXT  O N N 296 
SER H    H N N 297 
SER H2   H N N 298 
SER HA   H N N 299 
SER HB2  H N N 300 
SER HB3  H N N 301 
SER HG   H N N 302 
SER HXT  H N N 303 
THR N    N N N 304 
THR CA   C N S 305 
THR C    C N N 306 
THR O    O N N 307 
THR CB   C N R 308 
THR OG1  O N N 309 
THR CG2  C N N 310 
THR OXT  O N N 311 
THR H    H N N 312 
THR H2   H N N 313 
THR HA   H N N 314 
THR HB   H N N 315 
THR HG1  H N N 316 
THR HG21 H N N 317 
THR HG22 H N N 318 
THR HG23 H N N 319 
THR HXT  H N N 320 
TRP N    N N N 321 
TRP CA   C N S 322 
TRP C    C N N 323 
TRP O    O N N 324 
TRP CB   C N N 325 
TRP CG   C Y N 326 
TRP CD1  C Y N 327 
TRP CD2  C Y N 328 
TRP NE1  N Y N 329 
TRP CE2  C Y N 330 
TRP CE3  C Y N 331 
TRP CZ2  C Y N 332 
TRP CZ3  C Y N 333 
TRP CH2  C Y N 334 
TRP OXT  O N N 335 
TRP H    H N N 336 
TRP H2   H N N 337 
TRP HA   H N N 338 
TRP HB2  H N N 339 
TRP HB3  H N N 340 
TRP HD1  H N N 341 
TRP HE1  H N N 342 
TRP HE3  H N N 343 
TRP HZ2  H N N 344 
TRP HZ3  H N N 345 
TRP HH2  H N N 346 
TRP HXT  H N N 347 
TYR N    N N N 348 
TYR CA   C N S 349 
TYR C    C N N 350 
TYR O    O N N 351 
TYR CB   C N N 352 
TYR CG   C Y N 353 
TYR CD1  C Y N 354 
TYR CD2  C Y N 355 
TYR CE1  C Y N 356 
TYR CE2  C Y N 357 
TYR CZ   C Y N 358 
TYR OH   O N N 359 
TYR OXT  O N N 360 
TYR H    H N N 361 
TYR H2   H N N 362 
TYR HA   H N N 363 
TYR HB2  H N N 364 
TYR HB3  H N N 365 
TYR HD1  H N N 366 
TYR HD2  H N N 367 
TYR HE1  H N N 368 
TYR HE2  H N N 369 
TYR HH   H N N 370 
TYR HXT  H N N 371 
VAL N    N N N 372 
VAL CA   C N S 373 
VAL C    C N N 374 
VAL O    O N N 375 
VAL CB   C N N 376 
VAL CG1  C N N 377 
VAL CG2  C N N 378 
VAL OXT  O N N 379 
VAL H    H N N 380 
VAL H2   H N N 381 
VAL HA   H N N 382 
VAL HB   H N N 383 
VAL HG11 H N N 384 
VAL HG12 H N N 385 
VAL HG13 H N N 386 
VAL HG21 H N N 387 
VAL HG22 H N N 388 
VAL HG23 H N N 389 
VAL HXT  H N N 390 
# 
loop_
_chem_comp_bond.comp_id 
_chem_comp_bond.atom_id_1 
_chem_comp_bond.atom_id_2 
_chem_comp_bond.value_order 
_chem_comp_bond.pdbx_aromatic_flag 
_chem_comp_bond.pdbx_stereo_config 
_chem_comp_bond.pdbx_ordinal 
ALA N   CA   sing N N 1   
ALA N   H    sing N N 2   
ALA N   H2   sing N N 3   
ALA CA  C    sing N N 4   
ALA CA  CB   sing N N 5   
ALA CA  HA   sing N N 6   
ALA C   O    doub N N 7   
ALA C   OXT  sing N N 8   
ALA CB  HB1  sing N N 9   
ALA CB  HB2  sing N N 10  
ALA CB  HB3  sing N N 11  
ALA OXT HXT  sing N N 12  
ARG N   CA   sing N N 13  
ARG N   H    sing N N 14  
ARG N   H2   sing N N 15  
ARG CA  C    sing N N 16  
ARG CA  CB   sing N N 17  
ARG CA  HA   sing N N 18  
ARG C   O    doub N N 19  
ARG C   OXT  sing N N 20  
ARG CB  CG   sing N N 21  
ARG CB  HB2  sing N N 22  
ARG CB  HB3  sing N N 23  
ARG CG  CD   sing N N 24  
ARG CG  HG2  sing N N 25  
ARG CG  HG3  sing N N 26  
ARG CD  NE   sing N N 27  
ARG CD  HD2  sing N N 28  
ARG CD  HD3  sing N N 29  
ARG NE  CZ   sing N N 30  
ARG NE  HE   sing N N 31  
ARG CZ  NH1  sing N N 32  
ARG CZ  NH2  doub N N 33  
ARG NH1 HH11 sing N N 34  
ARG NH1 HH12 sing N N 35  
ARG NH2 HH21 sing N N 36  
ARG NH2 HH22 sing N N 37  
ARG OXT HXT  sing N N 38  
ASN N   CA   sing N N 39  
ASN N   H    sing N N 40  
ASN N   H2   sing N N 41  
ASN CA  C    sing N N 42  
ASN CA  CB   sing N N 43  
ASN CA  HA   sing N N 44  
ASN C   O    doub N N 45  
ASN C   OXT  sing N N 46  
ASN CB  CG   sing N N 47  
ASN CB  HB2  sing N N 48  
ASN CB  HB3  sing N N 49  
ASN CG  OD1  doub N N 50  
ASN CG  ND2  sing N N 51  
ASN ND2 HD21 sing N N 52  
ASN ND2 HD22 sing N N 53  
ASN OXT HXT  sing N N 54  
ASP N   CA   sing N N 55  
ASP N   H    sing N N 56  
ASP N   H2   sing N N 57  
ASP CA  C    sing N N 58  
ASP CA  CB   sing N N 59  
ASP CA  HA   sing N N 60  
ASP C   O    doub N N 61  
ASP C   OXT  sing N N 62  
ASP CB  CG   sing N N 63  
ASP CB  HB2  sing N N 64  
ASP CB  HB3  sing N N 65  
ASP CG  OD1  doub N N 66  
ASP CG  OD2  sing N N 67  
ASP OD2 HD2  sing N N 68  
ASP OXT HXT  sing N N 69  
CYS N   CA   sing N N 70  
CYS N   H    sing N N 71  
CYS N   H2   sing N N 72  
CYS CA  C    sing N N 73  
CYS CA  CB   sing N N 74  
CYS CA  HA   sing N N 75  
CYS C   O    doub N N 76  
CYS C   OXT  sing N N 77  
CYS CB  SG   sing N N 78  
CYS CB  HB2  sing N N 79  
CYS CB  HB3  sing N N 80  
CYS SG  HG   sing N N 81  
CYS OXT HXT  sing N N 82  
GLN N   CA   sing N N 83  
GLN N   H    sing N N 84  
GLN N   H2   sing N N 85  
GLN CA  C    sing N N 86  
GLN CA  CB   sing N N 87  
GLN CA  HA   sing N N 88  
GLN C   O    doub N N 89  
GLN C   OXT  sing N N 90  
GLN CB  CG   sing N N 91  
GLN CB  HB2  sing N N 92  
GLN CB  HB3  sing N N 93  
GLN CG  CD   sing N N 94  
GLN CG  HG2  sing N N 95  
GLN CG  HG3  sing N N 96  
GLN CD  OE1  doub N N 97  
GLN CD  NE2  sing N N 98  
GLN NE2 HE21 sing N N 99  
GLN NE2 HE22 sing N N 100 
GLN OXT HXT  sing N N 101 
GLU N   CA   sing N N 102 
GLU N   H    sing N N 103 
GLU N   H2   sing N N 104 
GLU CA  C    sing N N 105 
GLU CA  CB   sing N N 106 
GLU CA  HA   sing N N 107 
GLU C   O    doub N N 108 
GLU C   OXT  sing N N 109 
GLU CB  CG   sing N N 110 
GLU CB  HB2  sing N N 111 
GLU CB  HB3  sing N N 112 
GLU CG  CD   sing N N 113 
GLU CG  HG2  sing N N 114 
GLU CG  HG3  sing N N 115 
GLU CD  OE1  doub N N 116 
GLU CD  OE2  sing N N 117 
GLU OE2 HE2  sing N N 118 
GLU OXT HXT  sing N N 119 
GLY N   CA   sing N N 120 
GLY N   H    sing N N 121 
GLY N   H2   sing N N 122 
GLY CA  C    sing N N 123 
GLY CA  HA2  sing N N 124 
GLY CA  HA3  sing N N 125 
GLY C   O    doub N N 126 
GLY C   OXT  sing N N 127 
GLY OXT HXT  sing N N 128 
HIS N   CA   sing N N 129 
HIS N   H    sing N N 130 
HIS N   H2   sing N N 131 
HIS CA  C    sing N N 132 
HIS CA  CB   sing N N 133 
HIS CA  HA   sing N N 134 
HIS C   O    doub N N 135 
HIS C   OXT  sing N N 136 
HIS CB  CG   sing N N 137 
HIS CB  HB2  sing N N 138 
HIS CB  HB3  sing N N 139 
HIS CG  ND1  sing Y N 140 
HIS CG  CD2  doub Y N 141 
HIS ND1 CE1  doub Y N 142 
HIS ND1 HD1  sing N N 143 
HIS CD2 NE2  sing Y N 144 
HIS CD2 HD2  sing N N 145 
HIS CE1 NE2  sing Y N 146 
HIS CE1 HE1  sing N N 147 
HIS NE2 HE2  sing N N 148 
HIS OXT HXT  sing N N 149 
HOH O   H1   sing N N 150 
HOH O   H2   sing N N 151 
ILE N   CA   sing N N 152 
ILE N   H    sing N N 153 
ILE N   H2   sing N N 154 
ILE CA  C    sing N N 155 
ILE CA  CB   sing N N 156 
ILE CA  HA   sing N N 157 
ILE C   O    doub N N 158 
ILE C   OXT  sing N N 159 
ILE CB  CG1  sing N N 160 
ILE CB  CG2  sing N N 161 
ILE CB  HB   sing N N 162 
ILE CG1 CD1  sing N N 163 
ILE CG1 HG12 sing N N 164 
ILE CG1 HG13 sing N N 165 
ILE CG2 HG21 sing N N 166 
ILE CG2 HG22 sing N N 167 
ILE CG2 HG23 sing N N 168 
ILE CD1 HD11 sing N N 169 
ILE CD1 HD12 sing N N 170 
ILE CD1 HD13 sing N N 171 
ILE OXT HXT  sing N N 172 
LEU N   CA   sing N N 173 
LEU N   H    sing N N 174 
LEU N   H2   sing N N 175 
LEU CA  C    sing N N 176 
LEU CA  CB   sing N N 177 
LEU CA  HA   sing N N 178 
LEU C   O    doub N N 179 
LEU C   OXT  sing N N 180 
LEU CB  CG   sing N N 181 
LEU CB  HB2  sing N N 182 
LEU CB  HB3  sing N N 183 
LEU CG  CD1  sing N N 184 
LEU CG  CD2  sing N N 185 
LEU CG  HG   sing N N 186 
LEU CD1 HD11 sing N N 187 
LEU CD1 HD12 sing N N 188 
LEU CD1 HD13 sing N N 189 
LEU CD2 HD21 sing N N 190 
LEU CD2 HD22 sing N N 191 
LEU CD2 HD23 sing N N 192 
LEU OXT HXT  sing N N 193 
LYS N   CA   sing N N 194 
LYS N   H    sing N N 195 
LYS N   H2   sing N N 196 
LYS CA  C    sing N N 197 
LYS CA  CB   sing N N 198 
LYS CA  HA   sing N N 199 
LYS C   O    doub N N 200 
LYS C   OXT  sing N N 201 
LYS CB  CG   sing N N 202 
LYS CB  HB2  sing N N 203 
LYS CB  HB3  sing N N 204 
LYS CG  CD   sing N N 205 
LYS CG  HG2  sing N N 206 
LYS CG  HG3  sing N N 207 
LYS CD  CE   sing N N 208 
LYS CD  HD2  sing N N 209 
LYS CD  HD3  sing N N 210 
LYS CE  NZ   sing N N 211 
LYS CE  HE2  sing N N 212 
LYS CE  HE3  sing N N 213 
LYS NZ  HZ1  sing N N 214 
LYS NZ  HZ2  sing N N 215 
LYS NZ  HZ3  sing N N 216 
LYS OXT HXT  sing N N 217 
MET N   CA   sing N N 218 
MET N   H    sing N N 219 
MET N   H2   sing N N 220 
MET CA  C    sing N N 221 
MET CA  CB   sing N N 222 
MET CA  HA   sing N N 223 
MET C   O    doub N N 224 
MET C   OXT  sing N N 225 
MET CB  CG   sing N N 226 
MET CB  HB2  sing N N 227 
MET CB  HB3  sing N N 228 
MET CG  SD   sing N N 229 
MET CG  HG2  sing N N 230 
MET CG  HG3  sing N N 231 
MET SD  CE   sing N N 232 
MET CE  HE1  sing N N 233 
MET CE  HE2  sing N N 234 
MET CE  HE3  sing N N 235 
MET OXT HXT  sing N N 236 
PHE N   CA   sing N N 237 
PHE N   H    sing N N 238 
PHE N   H2   sing N N 239 
PHE CA  C    sing N N 240 
PHE CA  CB   sing N N 241 
PHE CA  HA   sing N N 242 
PHE C   O    doub N N 243 
PHE C   OXT  sing N N 244 
PHE CB  CG   sing N N 245 
PHE CB  HB2  sing N N 246 
PHE CB  HB3  sing N N 247 
PHE CG  CD1  doub Y N 248 
PHE CG  CD2  sing Y N 249 
PHE CD1 CE1  sing Y N 250 
PHE CD1 HD1  sing N N 251 
PHE CD2 CE2  doub Y N 252 
PHE CD2 HD2  sing N N 253 
PHE CE1 CZ   doub Y N 254 
PHE CE1 HE1  sing N N 255 
PHE CE2 CZ   sing Y N 256 
PHE CE2 HE2  sing N N 257 
PHE CZ  HZ   sing N N 258 
PHE OXT HXT  sing N N 259 
PRO N   CA   sing N N 260 
PRO N   CD   sing N N 261 
PRO N   H    sing N N 262 
PRO CA  C    sing N N 263 
PRO CA  CB   sing N N 264 
PRO CA  HA   sing N N 265 
PRO C   O    doub N N 266 
PRO C   OXT  sing N N 267 
PRO CB  CG   sing N N 268 
PRO CB  HB2  sing N N 269 
PRO CB  HB3  sing N N 270 
PRO CG  CD   sing N N 271 
PRO CG  HG2  sing N N 272 
PRO CG  HG3  sing N N 273 
PRO CD  HD2  sing N N 274 
PRO CD  HD3  sing N N 275 
PRO OXT HXT  sing N N 276 
SER N   CA   sing N N 277 
SER N   H    sing N N 278 
SER N   H2   sing N N 279 
SER CA  C    sing N N 280 
SER CA  CB   sing N N 281 
SER CA  HA   sing N N 282 
SER C   O    doub N N 283 
SER C   OXT  sing N N 284 
SER CB  OG   sing N N 285 
SER CB  HB2  sing N N 286 
SER CB  HB3  sing N N 287 
SER OG  HG   sing N N 288 
SER OXT HXT  sing N N 289 
THR N   CA   sing N N 290 
THR N   H    sing N N 291 
THR N   H2   sing N N 292 
THR CA  C    sing N N 293 
THR CA  CB   sing N N 294 
THR CA  HA   sing N N 295 
THR C   O    doub N N 296 
THR C   OXT  sing N N 297 
THR CB  OG1  sing N N 298 
THR CB  CG2  sing N N 299 
THR CB  HB   sing N N 300 
THR OG1 HG1  sing N N 301 
THR CG2 HG21 sing N N 302 
THR CG2 HG22 sing N N 303 
THR CG2 HG23 sing N N 304 
THR OXT HXT  sing N N 305 
TRP N   CA   sing N N 306 
TRP N   H    sing N N 307 
TRP N   H2   sing N N 308 
TRP CA  C    sing N N 309 
TRP CA  CB   sing N N 310 
TRP CA  HA   sing N N 311 
TRP C   O    doub N N 312 
TRP C   OXT  sing N N 313 
TRP CB  CG   sing N N 314 
TRP CB  HB2  sing N N 315 
TRP CB  HB3  sing N N 316 
TRP CG  CD1  doub Y N 317 
TRP CG  CD2  sing Y N 318 
TRP CD1 NE1  sing Y N 319 
TRP CD1 HD1  sing N N 320 
TRP CD2 CE2  doub Y N 321 
TRP CD2 CE3  sing Y N 322 
TRP NE1 CE2  sing Y N 323 
TRP NE1 HE1  sing N N 324 
TRP CE2 CZ2  sing Y N 325 
TRP CE3 CZ3  doub Y N 326 
TRP CE3 HE3  sing N N 327 
TRP CZ2 CH2  doub Y N 328 
TRP CZ2 HZ2  sing N N 329 
TRP CZ3 CH2  sing Y N 330 
TRP CZ3 HZ3  sing N N 331 
TRP CH2 HH2  sing N N 332 
TRP OXT HXT  sing N N 333 
TYR N   CA   sing N N 334 
TYR N   H    sing N N 335 
TYR N   H2   sing N N 336 
TYR CA  C    sing N N 337 
TYR CA  CB   sing N N 338 
TYR CA  HA   sing N N 339 
TYR C   O    doub N N 340 
TYR C   OXT  sing N N 341 
TYR CB  CG   sing N N 342 
TYR CB  HB2  sing N N 343 
TYR CB  HB3  sing N N 344 
TYR CG  CD1  doub Y N 345 
TYR CG  CD2  sing Y N 346 
TYR CD1 CE1  sing Y N 347 
TYR CD1 HD1  sing N N 348 
TYR CD2 CE2  doub Y N 349 
TYR CD2 HD2  sing N N 350 
TYR CE1 CZ   doub Y N 351 
TYR CE1 HE1  sing N N 352 
TYR CE2 CZ   sing Y N 353 
TYR CE2 HE2  sing N N 354 
TYR CZ  OH   sing N N 355 
TYR OH  HH   sing N N 356 
TYR OXT HXT  sing N N 357 
VAL N   CA   sing N N 358 
VAL N   H    sing N N 359 
VAL N   H2   sing N N 360 
VAL CA  C    sing N N 361 
VAL CA  CB   sing N N 362 
VAL CA  HA   sing N N 363 
VAL C   O    doub N N 364 
VAL C   OXT  sing N N 365 
VAL CB  CG1  sing N N 366 
VAL CB  CG2  sing N N 367 
VAL CB  HB   sing N N 368 
VAL CG1 HG11 sing N N 369 
VAL CG1 HG12 sing N N 370 
VAL CG1 HG13 sing N N 371 
VAL CG2 HG21 sing N N 372 
VAL CG2 HG22 sing N N 373 
VAL CG2 HG23 sing N N 374 
VAL OXT HXT  sing N N 375 
# 
_pdbx_entity_nonpoly.entity_id   2 
_pdbx_entity_nonpoly.name        water 
_pdbx_entity_nonpoly.comp_id     HOH 
# 
loop_
_pdbx_initial_refinement_model.id 
_pdbx_initial_refinement_model.entity_id_list 
_pdbx_initial_refinement_model.type 
_pdbx_initial_refinement_model.source_name 
_pdbx_initial_refinement_model.accession_code 
_pdbx_initial_refinement_model.details 
1 ? 'experimental model' PDB 2NXB '2NXB, 2OO1, 2OSS, 2OUO, 2RFJ, 3DAI, 3D7C, 3DWY' 
2 ? 'experimental model' PDB 2OO1 '2NXB, 2OO1, 2OSS, 2OUO, 2RFJ, 3DAI, 3D7C, 3DWY' 
3 ? 'experimental model' PDB 2OSS '2NXB, 2OO1, 2OSS, 2OUO, 2RFJ, 3DAI, 3D7C, 3DWY' 
4 ? 'experimental model' PDB 2OUO '2NXB, 2OO1, 2OSS, 2OUO, 2RFJ, 3DAI, 3D7C, 3DWY' 
5 ? 'experimental model' PDB 2RFJ '2NXB, 2OO1, 2OSS, 2OUO, 2RFJ, 3DAI, 3D7C, 3DWY' 
6 ? 'experimental model' PDB 3DAI '2NXB, 2OO1, 2OSS, 2OUO, 2RFJ, 3DAI, 3D7C, 3DWY' 
7 ? 'experimental model' PDB 3D7C '2NXB, 2OO1, 2OSS, 2OUO, 2RFJ, 3DAI, 3D7C, 3DWY' 
8 ? 'experimental model' PDB 3DWY '2NXB, 2OO1, 2OSS, 2OUO, 2RFJ, 3DAI, 3D7C, 3DWY' 
# 
